data_1VEJ
#
_entry.id   1VEJ
#
_entity_poly.entity_id   1
_entity_poly.type   'polypeptide(L)'
_entity_poly.pdbx_seq_one_letter_code
;GSSGSSGARACSQSSQTALPTSLFTEGRYQQELEELKALGFANRDANLQALVATDGDIHAAIEMLLGASGPSSG
;
_entity_poly.pdbx_strand_id   A
#
# COMPACT_ATOMS: atom_id res chain seq x y z
N GLY A 1 -6.31 -8.74 38.03
CA GLY A 1 -4.99 -8.73 37.41
C GLY A 1 -4.34 -10.11 37.46
N SER A 2 -3.92 -10.58 36.30
CA SER A 2 -3.29 -11.88 36.20
C SER A 2 -2.58 -12.02 34.85
N SER A 3 -3.30 -11.63 33.80
CA SER A 3 -2.76 -11.70 32.45
C SER A 3 -2.77 -10.32 31.82
N GLY A 4 -2.08 -10.21 30.68
CA GLY A 4 -2.00 -8.95 29.96
C GLY A 4 -2.28 -9.16 28.47
N SER A 5 -3.34 -8.51 28.01
CA SER A 5 -3.73 -8.61 26.61
C SER A 5 -4.97 -7.77 26.34
N SER A 6 -4.98 -7.14 25.18
CA SER A 6 -6.10 -6.30 24.80
C SER A 6 -6.77 -6.85 23.53
N GLY A 7 -8.05 -6.59 23.42
CA GLY A 7 -8.81 -7.06 22.27
C GLY A 7 -9.56 -5.90 21.61
N ALA A 8 -10.65 -5.50 22.26
CA ALA A 8 -11.47 -4.41 21.75
C ALA A 8 -11.95 -4.76 20.34
N ARG A 9 -13.14 -5.33 20.28
CA ARG A 9 -13.73 -5.72 19.01
C ARG A 9 -12.82 -6.72 18.28
N ALA A 10 -13.35 -7.29 17.22
CA ALA A 10 -12.60 -8.27 16.44
C ALA A 10 -13.10 -8.24 14.99
N CYS A 11 -12.20 -7.85 14.10
CA CYS A 11 -12.54 -7.77 12.68
C CYS A 11 -13.56 -6.66 12.49
N SER A 12 -13.24 -5.76 11.57
CA SER A 12 -14.12 -4.64 11.29
C SER A 12 -13.69 -3.95 9.98
N GLN A 13 -14.23 -4.45 8.88
CA GLN A 13 -13.91 -3.89 7.58
C GLN A 13 -14.62 -2.56 7.37
N SER A 14 -13.93 -1.65 6.69
CA SER A 14 -14.49 -0.34 6.43
C SER A 14 -14.38 -0.02 4.93
N SER A 15 -15.44 -0.36 4.21
CA SER A 15 -15.47 -0.13 2.78
C SER A 15 -16.90 -0.29 2.26
N GLN A 16 -17.25 0.56 1.30
CA GLN A 16 -18.58 0.52 0.71
C GLN A 16 -18.60 1.32 -0.59
N THR A 17 -18.42 2.63 -0.45
CA THR A 17 -18.41 3.51 -1.61
C THR A 17 -17.04 3.53 -2.26
N ALA A 18 -16.03 3.16 -1.46
CA ALA A 18 -14.67 3.15 -1.96
C ALA A 18 -14.54 2.09 -3.06
N LEU A 19 -13.58 2.33 -3.95
CA LEU A 19 -13.35 1.42 -5.05
C LEU A 19 -11.85 1.09 -5.13
N PRO A 20 -11.56 -0.11 -5.69
CA PRO A 20 -10.18 -0.56 -5.83
C PRO A 20 -9.48 0.19 -6.96
N THR A 21 -8.87 1.32 -6.61
CA THR A 21 -8.16 2.12 -7.58
C THR A 21 -6.65 1.91 -7.45
N SER A 22 -6.06 1.47 -8.55
CA SER A 22 -4.63 1.23 -8.57
C SER A 22 -3.87 2.55 -8.52
N LEU A 23 -4.47 3.57 -9.12
CA LEU A 23 -3.86 4.89 -9.14
C LEU A 23 -4.33 5.69 -7.92
N PHE A 24 -4.63 4.96 -6.86
CA PHE A 24 -5.09 5.58 -5.63
C PHE A 24 -4.06 5.43 -4.52
N THR A 25 -3.04 4.65 -4.81
CA THR A 25 -1.97 4.41 -3.84
C THR A 25 -0.66 5.00 -4.34
N GLU A 26 -0.59 5.20 -5.65
CA GLU A 26 0.60 5.75 -6.26
C GLU A 26 0.61 7.27 -6.12
N GLY A 27 -0.45 7.79 -5.52
CA GLY A 27 -0.57 9.22 -5.31
C GLY A 27 -0.66 9.56 -3.82
N ARG A 28 -0.78 8.52 -3.01
CA ARG A 28 -0.87 8.68 -1.58
C ARG A 28 0.53 8.62 -0.94
N TYR A 29 1.17 7.48 -1.16
CA TYR A 29 2.51 7.27 -0.62
C TYR A 29 3.56 7.28 -1.73
N GLN A 30 3.39 8.23 -2.64
CA GLN A 30 4.31 8.36 -3.76
C GLN A 30 5.73 8.61 -3.24
N GLN A 31 5.84 9.55 -2.32
CA GLN A 31 7.13 9.90 -1.74
C GLN A 31 7.70 8.69 -0.99
N GLU A 32 6.81 7.97 -0.32
CA GLU A 32 7.23 6.80 0.44
C GLU A 32 8.04 5.85 -0.44
N LEU A 33 7.41 5.41 -1.52
CA LEU A 33 8.07 4.50 -2.44
C LEU A 33 9.48 5.02 -2.74
N GLU A 34 9.57 6.32 -2.91
CA GLU A 34 10.85 6.94 -3.20
C GLU A 34 11.78 6.82 -1.99
N GLU A 35 11.20 6.93 -0.81
CA GLU A 35 11.95 6.83 0.42
C GLU A 35 12.63 5.45 0.53
N LEU A 36 11.79 4.43 0.51
CA LEU A 36 12.29 3.06 0.61
C LEU A 36 13.41 2.86 -0.42
N LYS A 37 13.26 3.54 -1.55
CA LYS A 37 14.25 3.44 -2.61
C LYS A 37 15.60 3.92 -2.09
N ALA A 38 15.56 4.58 -0.94
CA ALA A 38 16.77 5.09 -0.33
C ALA A 38 17.02 4.35 0.99
N LEU A 39 15.94 4.06 1.68
CA LEU A 39 16.01 3.36 2.95
C LEU A 39 16.75 2.03 2.74
N GLY A 40 16.41 1.37 1.66
CA GLY A 40 17.03 0.09 1.33
C GLY A 40 16.09 -0.78 0.49
N PHE A 41 15.41 -0.13 -0.45
CA PHE A 41 14.48 -0.82 -1.31
C PHE A 41 14.48 -0.21 -2.72
N ALA A 42 13.42 -0.51 -3.46
CA ALA A 42 13.29 0.01 -4.81
C ALA A 42 11.98 -0.50 -5.42
N ASN A 43 11.67 -1.76 -5.11
CA ASN A 43 10.47 -2.38 -5.62
C ASN A 43 9.25 -1.59 -5.14
N ARG A 44 8.94 -0.54 -5.88
CA ARG A 44 7.81 0.31 -5.56
C ARG A 44 6.56 -0.54 -5.31
N ASP A 45 6.17 -1.27 -6.34
CA ASP A 45 4.99 -2.13 -6.26
C ASP A 45 4.99 -2.85 -4.92
N ALA A 46 6.10 -3.51 -4.63
CA ALA A 46 6.24 -4.24 -3.37
C ALA A 46 6.18 -3.26 -2.21
N ASN A 47 6.89 -2.15 -2.37
CA ASN A 47 6.91 -1.12 -1.34
C ASN A 47 5.48 -0.66 -1.04
N LEU A 48 4.69 -0.59 -2.10
CA LEU A 48 3.31 -0.17 -1.97
C LEU A 48 2.49 -1.28 -1.31
N GLN A 49 2.44 -2.41 -1.99
CA GLN A 49 1.70 -3.55 -1.48
C GLN A 49 1.91 -3.70 0.04
N ALA A 50 3.13 -3.37 0.45
CA ALA A 50 3.47 -3.46 1.87
C ALA A 50 2.94 -2.22 2.59
N LEU A 51 3.24 -1.06 2.01
CA LEU A 51 2.80 0.20 2.58
C LEU A 51 1.28 0.15 2.83
N VAL A 52 0.56 -0.05 1.74
CA VAL A 52 -0.90 -0.12 1.82
C VAL A 52 -1.29 -1.13 2.89
N ALA A 53 -0.46 -2.14 3.04
CA ALA A 53 -0.71 -3.18 4.04
C ALA A 53 -0.61 -2.58 5.44
N THR A 54 0.25 -1.57 5.56
CA THR A 54 0.45 -0.91 6.83
C THR A 54 -0.30 0.43 6.86
N ASP A 55 -1.28 0.54 5.99
CA ASP A 55 -2.08 1.74 5.89
C ASP A 55 -1.23 2.87 5.32
N GLY A 56 -0.16 2.47 4.62
CA GLY A 56 0.74 3.44 4.02
C GLY A 56 1.81 3.88 5.02
N ASP A 57 2.04 3.04 6.02
CA ASP A 57 3.02 3.32 7.04
C ASP A 57 4.38 2.76 6.61
N ILE A 58 5.13 3.59 5.91
CA ILE A 58 6.44 3.19 5.43
C ILE A 58 7.19 2.45 6.54
N HIS A 59 7.11 3.03 7.73
CA HIS A 59 7.77 2.44 8.89
C HIS A 59 7.45 0.95 8.96
N ALA A 60 6.17 0.66 9.06
CA ALA A 60 5.71 -0.73 9.14
C ALA A 60 6.01 -1.42 7.81
N ALA A 61 6.06 -0.63 6.76
CA ALA A 61 6.34 -1.15 5.43
C ALA A 61 7.77 -1.68 5.38
N ILE A 62 8.68 -0.90 5.93
CA ILE A 62 10.08 -1.27 5.95
C ILE A 62 10.21 -2.69 6.51
N GLU A 63 9.87 -2.82 7.79
CA GLU A 63 9.95 -4.11 8.46
C GLU A 63 9.39 -5.20 7.55
N MET A 64 8.23 -4.92 6.97
CA MET A 64 7.58 -5.87 6.08
C MET A 64 8.42 -6.10 4.82
N LEU A 65 9.11 -5.05 4.41
CA LEU A 65 9.94 -5.12 3.22
C LEU A 65 11.32 -5.66 3.60
N LEU A 66 11.57 -5.68 4.90
CA LEU A 66 12.84 -6.17 5.42
C LEU A 66 12.83 -7.70 5.42
N GLY A 67 11.63 -8.26 5.30
CA GLY A 67 11.47 -9.70 5.29
C GLY A 67 10.80 -10.19 6.57
N ALA A 68 9.91 -9.35 7.10
CA ALA A 68 9.20 -9.69 8.31
C ALA A 68 7.71 -9.91 7.98
N SER A 69 7.46 -10.93 7.18
CA SER A 69 6.10 -11.26 6.78
C SER A 69 5.27 -11.61 8.01
N GLY A 70 5.64 -12.72 8.64
CA GLY A 70 4.94 -13.17 9.83
C GLY A 70 4.34 -14.57 9.61
N PRO A 71 3.12 -14.58 9.03
CA PRO A 71 2.44 -15.84 8.76
C PRO A 71 3.06 -16.55 7.56
N SER A 72 2.92 -17.88 7.56
CA SER A 72 3.46 -18.68 6.48
C SER A 72 2.47 -19.80 6.12
N SER A 73 2.56 -20.24 4.88
CA SER A 73 1.70 -21.30 4.39
C SER A 73 2.12 -21.73 2.99
N GLY A 74 2.14 -20.77 2.08
CA GLY A 74 2.53 -21.04 0.71
C GLY A 74 1.87 -20.05 -0.25
N GLY A 1 -19.48 38.55 10.76
CA GLY A 1 -18.78 39.16 9.64
C GLY A 1 -19.77 39.71 8.60
N SER A 2 -19.33 40.73 7.89
CA SER A 2 -20.16 41.35 6.88
C SER A 2 -19.69 40.91 5.48
N SER A 3 -18.39 40.97 5.28
CA SER A 3 -17.80 40.58 4.01
C SER A 3 -18.08 39.11 3.73
N GLY A 4 -19.12 38.86 2.96
CA GLY A 4 -19.50 37.50 2.61
C GLY A 4 -20.63 37.49 1.58
N SER A 5 -20.53 36.55 0.65
CA SER A 5 -21.54 36.41 -0.39
C SER A 5 -22.23 35.05 -0.28
N SER A 6 -23.45 35.00 -0.78
CA SER A 6 -24.22 33.77 -0.76
C SER A 6 -23.85 32.89 -1.95
N GLY A 7 -24.11 31.60 -1.79
CA GLY A 7 -23.82 30.64 -2.84
C GLY A 7 -23.57 29.24 -2.26
N ALA A 8 -24.66 28.59 -1.93
CA ALA A 8 -24.58 27.25 -1.37
C ALA A 8 -25.89 26.50 -1.64
N ARG A 9 -25.79 25.19 -1.75
CA ARG A 9 -26.94 24.36 -2.00
C ARG A 9 -27.21 23.44 -0.81
N ALA A 10 -28.51 23.27 -0.53
CA ALA A 10 -28.91 22.43 0.59
C ALA A 10 -28.55 20.97 0.28
N CYS A 11 -27.67 20.43 1.11
CA CYS A 11 -27.22 19.06 0.95
C CYS A 11 -26.33 18.69 2.12
N SER A 12 -26.63 17.56 2.74
CA SER A 12 -25.86 17.10 3.88
C SER A 12 -25.51 15.61 3.71
N GLN A 13 -24.41 15.37 3.01
CA GLN A 13 -23.97 14.00 2.77
C GLN A 13 -22.44 13.93 2.75
N SER A 14 -21.94 12.72 2.79
CA SER A 14 -20.50 12.51 2.77
C SER A 14 -20.15 11.35 1.83
N SER A 15 -20.78 10.21 2.07
CA SER A 15 -20.56 9.04 1.26
C SER A 15 -19.09 8.63 1.34
N GLN A 16 -18.82 7.39 0.94
CA GLN A 16 -17.47 6.86 0.95
C GLN A 16 -17.16 6.14 -0.37
N THR A 17 -18.02 5.20 -0.70
CA THR A 17 -17.85 4.43 -1.91
C THR A 17 -16.46 3.81 -1.98
N ALA A 18 -15.60 4.43 -2.78
CA ALA A 18 -14.23 3.96 -2.92
C ALA A 18 -14.20 2.82 -3.94
N LEU A 19 -13.22 2.90 -4.84
CA LEU A 19 -13.08 1.88 -5.87
C LEU A 19 -11.62 1.40 -5.89
N PRO A 20 -11.44 0.15 -6.37
CA PRO A 20 -10.12 -0.44 -6.46
C PRO A 20 -9.32 0.16 -7.63
N THR A 21 -8.51 1.15 -7.30
CA THR A 21 -7.70 1.82 -8.31
C THR A 21 -6.22 1.58 -8.03
N SER A 22 -5.54 1.05 -9.04
CA SER A 22 -4.12 0.76 -8.92
C SER A 22 -3.33 2.08 -8.87
N LEU A 23 -3.88 3.09 -9.52
CA LEU A 23 -3.25 4.39 -9.55
C LEU A 23 -3.76 5.24 -8.38
N PHE A 24 -4.25 4.54 -7.37
CA PHE A 24 -4.77 5.21 -6.19
C PHE A 24 -3.86 5.00 -4.98
N THR A 25 -2.84 4.19 -5.19
CA THR A 25 -1.89 3.89 -4.13
C THR A 25 -0.51 4.48 -4.47
N GLU A 26 -0.32 4.73 -5.77
CA GLU A 26 0.94 5.30 -6.23
C GLU A 26 0.87 6.83 -6.23
N GLY A 27 -0.17 7.34 -5.58
CA GLY A 27 -0.36 8.77 -5.50
C GLY A 27 -0.30 9.25 -4.04
N ARG A 28 -0.77 8.39 -3.15
CA ARG A 28 -0.78 8.71 -1.73
C ARG A 28 0.64 8.64 -1.17
N TYR A 29 1.18 7.42 -1.12
CA TYR A 29 2.51 7.21 -0.61
C TYR A 29 3.54 7.20 -1.75
N GLN A 30 3.35 8.13 -2.67
CA GLN A 30 4.25 8.25 -3.81
C GLN A 30 5.68 8.50 -3.33
N GLN A 31 5.80 9.43 -2.39
CA GLN A 31 7.10 9.76 -1.85
C GLN A 31 7.68 8.58 -1.07
N GLU A 32 6.80 7.88 -0.37
CA GLU A 32 7.20 6.73 0.42
C GLU A 32 8.03 5.77 -0.44
N LEU A 33 7.41 5.32 -1.53
CA LEU A 33 8.08 4.40 -2.44
C LEU A 33 9.49 4.92 -2.75
N GLU A 34 9.57 6.23 -2.94
CA GLU A 34 10.84 6.87 -3.25
C GLU A 34 11.78 6.77 -2.05
N GLU A 35 11.21 6.94 -0.86
CA GLU A 35 11.99 6.87 0.36
C GLU A 35 12.66 5.49 0.48
N LEU A 36 11.83 4.46 0.51
CA LEU A 36 12.33 3.10 0.63
C LEU A 36 13.44 2.88 -0.41
N LYS A 37 13.24 3.47 -1.57
CA LYS A 37 14.21 3.36 -2.65
C LYS A 37 15.56 3.90 -2.18
N ALA A 38 15.51 4.62 -1.06
CA ALA A 38 16.72 5.20 -0.49
C ALA A 38 17.01 4.55 0.85
N LEU A 39 15.94 4.30 1.60
CA LEU A 39 16.06 3.69 2.91
C LEU A 39 16.85 2.37 2.77
N GLY A 40 16.50 1.63 1.74
CA GLY A 40 17.16 0.35 1.47
C GLY A 40 16.25 -0.58 0.67
N PHE A 41 15.56 0.01 -0.29
CA PHE A 41 14.66 -0.75 -1.13
C PHE A 41 14.61 -0.18 -2.55
N ALA A 42 13.51 -0.46 -3.24
CA ALA A 42 13.33 0.02 -4.59
C ALA A 42 11.97 -0.45 -5.12
N ASN A 43 11.74 -1.74 -5.00
CA ASN A 43 10.50 -2.33 -5.45
C ASN A 43 9.32 -1.46 -5.00
N ARG A 44 8.90 -0.58 -5.90
CA ARG A 44 7.79 0.32 -5.61
C ARG A 44 6.51 -0.49 -5.36
N ASP A 45 6.28 -1.46 -6.23
CA ASP A 45 5.10 -2.29 -6.11
C ASP A 45 5.11 -2.99 -4.76
N ALA A 46 6.24 -3.61 -4.45
CA ALA A 46 6.39 -4.32 -3.19
C ALA A 46 6.29 -3.32 -2.04
N ASN A 47 6.98 -2.20 -2.19
CA ASN A 47 6.96 -1.17 -1.18
C ASN A 47 5.52 -0.72 -0.91
N LEU A 48 4.76 -0.64 -1.99
CA LEU A 48 3.37 -0.23 -1.89
C LEU A 48 2.56 -1.35 -1.22
N GLN A 49 2.54 -2.50 -1.88
CA GLN A 49 1.82 -3.65 -1.37
C GLN A 49 1.96 -3.73 0.15
N ALA A 50 3.14 -3.37 0.63
CA ALA A 50 3.42 -3.39 2.05
C ALA A 50 2.81 -2.14 2.70
N LEU A 51 3.12 -1.00 2.12
CA LEU A 51 2.62 0.27 2.64
C LEU A 51 1.10 0.19 2.76
N VAL A 52 0.45 -0.07 1.64
CA VAL A 52 -1.00 -0.18 1.62
C VAL A 52 -1.45 -1.18 2.68
N ALA A 53 -0.55 -2.10 2.99
CA ALA A 53 -0.84 -3.13 3.98
C ALA A 53 -0.80 -2.50 5.38
N THR A 54 0.14 -1.59 5.56
CA THR A 54 0.29 -0.91 6.84
C THR A 54 -0.53 0.37 6.86
N ASP A 55 -1.35 0.54 5.83
CA ASP A 55 -2.19 1.71 5.72
C ASP A 55 -1.37 2.88 5.18
N GLY A 56 -0.14 2.56 4.79
CA GLY A 56 0.75 3.57 4.25
C GLY A 56 1.78 4.01 5.30
N ASP A 57 2.24 3.03 6.07
CA ASP A 57 3.22 3.31 7.11
C ASP A 57 4.59 2.81 6.66
N ILE A 58 5.27 3.65 5.90
CA ILE A 58 6.59 3.32 5.39
C ILE A 58 7.38 2.59 6.48
N HIS A 59 7.26 3.11 7.70
CA HIS A 59 7.95 2.53 8.83
C HIS A 59 7.61 1.03 8.93
N ALA A 60 6.34 0.77 9.16
CA ALA A 60 5.86 -0.60 9.27
C ALA A 60 6.07 -1.32 7.94
N ALA A 61 6.15 -0.53 6.88
CA ALA A 61 6.33 -1.06 5.55
C ALA A 61 7.75 -1.65 5.44
N ILE A 62 8.70 -0.92 5.99
CA ILE A 62 10.09 -1.35 5.96
C ILE A 62 10.18 -2.79 6.47
N GLU A 63 9.89 -2.95 7.75
CA GLU A 63 9.94 -4.26 8.37
C GLU A 63 9.31 -5.31 7.44
N MET A 64 8.15 -4.98 6.92
CA MET A 64 7.45 -5.87 6.02
C MET A 64 8.27 -6.12 4.75
N LEU A 65 8.96 -5.08 4.31
CA LEU A 65 9.78 -5.18 3.11
C LEU A 65 11.11 -5.86 3.47
N LEU A 66 11.49 -5.74 4.73
CA LEU A 66 12.72 -6.33 5.20
C LEU A 66 12.66 -7.84 5.00
N GLY A 67 11.44 -8.35 4.90
CA GLY A 67 11.24 -9.78 4.70
C GLY A 67 10.54 -10.40 5.91
N ALA A 68 9.92 -9.54 6.71
CA ALA A 68 9.22 -9.99 7.89
C ALA A 68 7.88 -10.61 7.48
N SER A 69 6.96 -9.75 7.07
CA SER A 69 5.65 -10.18 6.65
C SER A 69 4.80 -10.56 7.88
N GLY A 70 3.72 -9.83 8.05
CA GLY A 70 2.83 -10.06 9.18
C GLY A 70 1.48 -9.38 8.97
N PRO A 71 0.48 -10.18 8.53
CA PRO A 71 -0.86 -9.66 8.28
C PRO A 71 -1.59 -9.40 9.60
N SER A 72 -1.02 -8.51 10.39
CA SER A 72 -1.61 -8.16 11.67
C SER A 72 -3.12 -7.98 11.52
N SER A 73 -3.49 -7.05 10.65
CA SER A 73 -4.90 -6.78 10.40
C SER A 73 -5.41 -7.64 9.26
N GLY A 74 -6.16 -8.67 9.63
CA GLY A 74 -6.71 -9.59 8.65
C GLY A 74 -7.52 -10.69 9.32
N GLY A 1 -6.15 -21.77 -2.75
CA GLY A 1 -5.97 -20.83 -1.67
C GLY A 1 -6.15 -19.39 -2.15
N SER A 2 -7.15 -18.73 -1.59
CA SER A 2 -7.44 -17.35 -1.95
C SER A 2 -6.30 -16.44 -1.50
N SER A 3 -6.23 -15.27 -2.13
CA SER A 3 -5.19 -14.31 -1.79
C SER A 3 -5.83 -12.95 -1.51
N GLY A 4 -6.62 -12.49 -2.46
CA GLY A 4 -7.29 -11.20 -2.33
C GLY A 4 -6.33 -10.14 -1.80
N SER A 5 -6.74 -9.52 -0.70
CA SER A 5 -5.93 -8.48 -0.09
C SER A 5 -5.70 -7.34 -1.08
N SER A 6 -4.60 -7.44 -1.81
CA SER A 6 -4.25 -6.42 -2.79
C SER A 6 -4.89 -6.77 -4.14
N GLY A 7 -5.45 -5.75 -4.77
CA GLY A 7 -6.10 -5.93 -6.06
C GLY A 7 -5.10 -5.72 -7.20
N ALA A 8 -4.98 -4.47 -7.62
CA ALA A 8 -4.07 -4.13 -8.71
C ALA A 8 -4.30 -5.09 -9.88
N ARG A 9 -5.17 -4.66 -10.78
CA ARG A 9 -5.48 -5.47 -11.94
C ARG A 9 -6.45 -4.72 -12.86
N ALA A 10 -5.99 -4.45 -14.07
CA ALA A 10 -6.80 -3.75 -15.05
C ALA A 10 -7.09 -2.33 -14.53
N CYS A 11 -7.59 -1.51 -15.43
CA CYS A 11 -7.92 -0.13 -15.09
C CYS A 11 -9.38 0.13 -15.44
N SER A 12 -9.98 1.05 -14.71
CA SER A 12 -11.37 1.40 -14.93
C SER A 12 -11.70 2.73 -14.25
N GLN A 13 -12.59 3.48 -14.89
CA GLN A 13 -12.99 4.77 -14.35
C GLN A 13 -14.48 5.02 -14.65
N SER A 14 -15.12 5.74 -13.73
CA SER A 14 -16.52 6.06 -13.88
C SER A 14 -16.95 7.05 -12.79
N SER A 15 -18.01 7.79 -13.10
CA SER A 15 -18.53 8.77 -12.16
C SER A 15 -19.81 8.25 -11.52
N GLN A 16 -19.64 7.39 -10.53
CA GLN A 16 -20.78 6.81 -9.83
C GLN A 16 -20.30 5.76 -8.82
N THR A 17 -19.61 4.76 -9.35
CA THR A 17 -19.11 3.68 -8.51
C THR A 17 -17.57 3.74 -8.45
N ALA A 18 -17.04 3.35 -7.30
CA ALA A 18 -15.60 3.35 -7.10
C ALA A 18 -15.02 2.03 -7.62
N LEU A 19 -13.78 2.12 -8.08
CA LEU A 19 -13.10 0.95 -8.59
C LEU A 19 -11.64 0.97 -8.16
N PRO A 20 -11.03 -0.25 -8.10
CA PRO A 20 -9.63 -0.36 -7.70
C PRO A 20 -8.70 0.09 -8.83
N THR A 21 -8.19 1.30 -8.68
CA THR A 21 -7.29 1.85 -9.67
C THR A 21 -5.83 1.62 -9.27
N SER A 22 -5.07 1.05 -10.19
CA SER A 22 -3.67 0.77 -9.94
C SER A 22 -2.88 2.09 -9.82
N LEU A 23 -3.37 3.09 -10.53
CA LEU A 23 -2.73 4.39 -10.51
C LEU A 23 -3.35 5.25 -9.40
N PHE A 24 -3.95 4.57 -8.45
CA PHE A 24 -4.59 5.26 -7.33
C PHE A 24 -3.81 5.05 -6.04
N THR A 25 -2.81 4.17 -6.12
CA THR A 25 -1.98 3.87 -4.97
C THR A 25 -0.55 4.35 -5.21
N GLU A 26 -0.23 4.58 -6.47
CA GLU A 26 1.10 5.03 -6.85
C GLU A 26 1.18 6.56 -6.75
N GLY A 27 0.06 7.15 -6.35
CA GLY A 27 0.00 8.60 -6.21
C GLY A 27 -0.17 9.01 -4.76
N ARG A 28 -0.64 8.06 -3.96
CA ARG A 28 -0.84 8.30 -2.54
C ARG A 28 0.50 8.42 -1.82
N TYR A 29 1.19 7.29 -1.73
CA TYR A 29 2.49 7.25 -1.08
C TYR A 29 3.62 7.26 -2.11
N GLN A 30 3.52 8.19 -3.04
CA GLN A 30 4.52 8.33 -4.08
C GLN A 30 5.91 8.54 -3.46
N GLN A 31 5.97 9.53 -2.58
CA GLN A 31 7.22 9.86 -1.91
C GLN A 31 7.73 8.65 -1.13
N GLU A 32 6.80 7.94 -0.51
CA GLU A 32 7.14 6.77 0.26
C GLU A 32 7.97 5.79 -0.58
N LEU A 33 7.36 5.35 -1.67
CA LEU A 33 8.02 4.42 -2.57
C LEU A 33 9.43 4.92 -2.88
N GLU A 34 9.53 6.24 -3.04
CA GLU A 34 10.81 6.86 -3.33
C GLU A 34 11.73 6.78 -2.12
N GLU A 35 11.13 6.94 -0.94
CA GLU A 35 11.88 6.89 0.30
C GLU A 35 12.57 5.54 0.45
N LEU A 36 11.76 4.48 0.46
CA LEU A 36 12.28 3.13 0.59
C LEU A 36 13.43 2.94 -0.41
N LYS A 37 13.25 3.51 -1.59
CA LYS A 37 14.26 3.40 -2.63
C LYS A 37 15.57 3.99 -2.13
N ALA A 38 15.48 4.72 -1.02
CA ALA A 38 16.66 5.33 -0.43
C ALA A 38 16.93 4.68 0.93
N LEU A 39 15.85 4.40 1.64
CA LEU A 39 15.96 3.78 2.96
C LEU A 39 16.76 2.47 2.84
N GLY A 40 16.46 1.74 1.78
CA GLY A 40 17.14 0.48 1.54
C GLY A 40 16.25 -0.49 0.75
N PHE A 41 15.55 0.07 -0.22
CA PHE A 41 14.65 -0.74 -1.04
C PHE A 41 14.61 -0.21 -2.48
N ALA A 42 13.55 -0.55 -3.17
CA ALA A 42 13.37 -0.12 -4.55
C ALA A 42 12.01 -0.58 -5.06
N ASN A 43 11.76 -1.88 -4.92
CA ASN A 43 10.50 -2.45 -5.35
C ASN A 43 9.35 -1.52 -4.94
N ARG A 44 8.93 -0.70 -5.89
CA ARG A 44 7.85 0.23 -5.64
C ARG A 44 6.53 -0.52 -5.42
N ASP A 45 6.33 -1.54 -6.23
CA ASP A 45 5.12 -2.34 -6.14
C ASP A 45 5.07 -3.01 -4.76
N ALA A 46 6.18 -3.63 -4.39
CA ALA A 46 6.27 -4.30 -3.12
C ALA A 46 6.14 -3.27 -1.99
N ASN A 47 6.82 -2.16 -2.17
CA ASN A 47 6.78 -1.08 -1.18
C ASN A 47 5.33 -0.64 -0.97
N LEU A 48 4.61 -0.54 -2.09
CA LEU A 48 3.22 -0.13 -2.04
C LEU A 48 2.40 -1.20 -1.35
N GLN A 49 2.35 -2.38 -1.98
CA GLN A 49 1.60 -3.49 -1.43
C GLN A 49 1.79 -3.57 0.09
N ALA A 50 3.02 -3.28 0.51
CA ALA A 50 3.33 -3.31 1.93
C ALA A 50 2.77 -2.05 2.61
N LEU A 51 3.11 -0.91 2.04
CA LEU A 51 2.64 0.36 2.57
C LEU A 51 1.12 0.29 2.75
N VAL A 52 0.43 0.09 1.65
CA VAL A 52 -1.02 0.01 1.67
C VAL A 52 -1.46 -1.00 2.73
N ALA A 53 -0.61 -2.00 2.94
CA ALA A 53 -0.89 -3.03 3.91
C ALA A 53 -0.78 -2.44 5.32
N THR A 54 0.21 -1.59 5.49
CA THR A 54 0.44 -0.95 6.78
C THR A 54 -0.36 0.35 6.88
N ASP A 55 -1.22 0.56 5.89
CA ASP A 55 -2.05 1.74 5.85
C ASP A 55 -1.20 2.94 5.44
N GLY A 56 -0.08 2.64 4.79
CA GLY A 56 0.82 3.68 4.33
C GLY A 56 1.86 4.01 5.41
N ASP A 57 2.19 3.00 6.20
CA ASP A 57 3.17 3.16 7.26
C ASP A 57 4.53 2.66 6.77
N ILE A 58 5.17 3.49 5.96
CA ILE A 58 6.47 3.15 5.42
C ILE A 58 7.32 2.51 6.51
N HIS A 59 7.11 2.97 7.73
CA HIS A 59 7.85 2.46 8.88
C HIS A 59 7.58 0.95 9.02
N ALA A 60 6.30 0.63 9.16
CA ALA A 60 5.90 -0.76 9.31
C ALA A 60 6.12 -1.50 8.00
N ALA A 61 6.11 -0.73 6.92
CA ALA A 61 6.30 -1.28 5.59
C ALA A 61 7.74 -1.81 5.47
N ILE A 62 8.65 -1.06 6.05
CA ILE A 62 10.06 -1.44 6.02
C ILE A 62 10.21 -2.88 6.51
N GLU A 63 9.94 -3.07 7.79
CA GLU A 63 10.04 -4.38 8.40
C GLU A 63 9.41 -5.43 7.49
N MET A 64 8.22 -5.10 7.00
CA MET A 64 7.49 -6.00 6.12
C MET A 64 8.26 -6.24 4.83
N LEU A 65 9.04 -5.24 4.44
CA LEU A 65 9.83 -5.33 3.23
C LEU A 65 11.18 -5.97 3.55
N LEU A 66 11.63 -5.75 4.78
CA LEU A 66 12.89 -6.31 5.22
C LEU A 66 12.89 -7.82 5.02
N GLY A 67 11.69 -8.36 4.89
CA GLY A 67 11.53 -9.80 4.70
C GLY A 67 10.87 -10.45 5.91
N ALA A 68 10.30 -9.61 6.75
CA ALA A 68 9.64 -10.09 7.96
C ALA A 68 8.32 -10.78 7.57
N SER A 69 7.37 -9.96 7.15
CA SER A 69 6.07 -10.47 6.76
C SER A 69 5.94 -10.45 5.23
N GLY A 70 5.71 -11.63 4.68
CA GLY A 70 5.57 -11.77 3.23
C GLY A 70 6.47 -12.88 2.70
N PRO A 71 6.06 -13.42 1.52
CA PRO A 71 6.81 -14.49 0.88
C PRO A 71 8.09 -13.95 0.23
N SER A 72 9.02 -13.56 1.08
CA SER A 72 10.29 -13.03 0.60
C SER A 72 11.26 -12.86 1.76
N SER A 73 12.41 -13.49 1.63
CA SER A 73 13.44 -13.42 2.66
C SER A 73 12.88 -13.95 3.98
N GLY A 74 13.45 -15.06 4.42
CA GLY A 74 13.02 -15.68 5.67
C GLY A 74 14.15 -16.50 6.29
N GLY A 1 -17.78 16.90 -47.84
CA GLY A 1 -18.64 17.36 -46.76
C GLY A 1 -20.11 17.26 -47.15
N SER A 2 -20.83 16.41 -46.43
CA SER A 2 -22.25 16.23 -46.69
C SER A 2 -23.02 16.18 -45.37
N SER A 3 -22.68 15.21 -44.54
CA SER A 3 -23.33 15.06 -43.26
C SER A 3 -22.69 13.91 -42.48
N GLY A 4 -21.60 14.22 -41.80
CA GLY A 4 -20.89 13.22 -41.02
C GLY A 4 -20.01 13.88 -39.95
N SER A 5 -19.21 13.06 -39.29
CA SER A 5 -18.33 13.55 -38.25
C SER A 5 -17.55 12.39 -37.63
N SER A 6 -18.30 11.43 -37.10
CA SER A 6 -17.69 10.26 -36.49
C SER A 6 -16.82 10.69 -35.31
N GLY A 7 -17.34 10.48 -34.11
CA GLY A 7 -16.63 10.83 -32.89
C GLY A 7 -17.56 11.50 -31.89
N ALA A 8 -17.44 11.04 -30.65
CA ALA A 8 -18.27 11.59 -29.57
C ALA A 8 -17.60 11.31 -28.23
N ARG A 9 -16.66 12.18 -27.88
CA ARG A 9 -15.95 12.04 -26.62
C ARG A 9 -15.65 13.41 -26.02
N ALA A 10 -16.48 13.80 -25.07
CA ALA A 10 -16.32 15.09 -24.40
C ALA A 10 -16.37 14.88 -22.89
N CYS A 11 -15.31 14.28 -22.36
CA CYS A 11 -15.22 14.03 -20.93
C CYS A 11 -16.36 13.09 -20.55
N SER A 12 -16.11 12.30 -19.52
CA SER A 12 -17.10 11.34 -19.04
C SER A 12 -16.63 10.72 -17.71
N GLN A 13 -17.51 10.80 -16.73
CA GLN A 13 -17.20 10.25 -15.42
C GLN A 13 -16.89 8.76 -15.53
N SER A 14 -15.76 8.38 -14.93
CA SER A 14 -15.35 6.99 -14.96
C SER A 14 -14.29 6.74 -13.87
N SER A 15 -14.20 5.49 -13.45
CA SER A 15 -13.24 5.11 -12.42
C SER A 15 -13.62 5.77 -11.10
N GLN A 16 -14.47 5.08 -10.35
CA GLN A 16 -14.92 5.57 -9.06
C GLN A 16 -15.68 4.49 -8.31
N THR A 17 -14.93 3.55 -7.76
CA THR A 17 -15.52 2.45 -7.01
C THR A 17 -14.95 2.40 -5.60
N ALA A 18 -15.55 1.56 -4.78
CA ALA A 18 -15.11 1.39 -3.41
C ALA A 18 -14.03 0.33 -3.34
N LEU A 19 -13.04 0.48 -4.21
CA LEU A 19 -11.93 -0.47 -4.26
C LEU A 19 -10.62 0.30 -4.37
N PRO A 20 -9.53 -0.34 -3.87
CA PRO A 20 -8.21 0.27 -3.93
C PRO A 20 -7.64 0.22 -5.34
N THR A 21 -7.68 1.38 -6.00
CA THR A 21 -7.16 1.48 -7.35
C THR A 21 -5.65 1.70 -7.34
N SER A 22 -4.95 0.91 -8.13
CA SER A 22 -3.51 1.00 -8.22
C SER A 22 -3.10 2.44 -8.54
N LEU A 23 -4.01 3.14 -9.19
CA LEU A 23 -3.76 4.53 -9.56
C LEU A 23 -4.15 5.45 -8.40
N PHE A 24 -4.41 4.82 -7.27
CA PHE A 24 -4.79 5.57 -6.08
C PHE A 24 -3.83 5.30 -4.92
N THR A 25 -2.82 4.48 -5.21
CA THR A 25 -1.83 4.13 -4.21
C THR A 25 -0.47 4.71 -4.58
N GLU A 26 -0.31 4.98 -5.87
CA GLU A 26 0.94 5.54 -6.35
C GLU A 26 0.90 7.07 -6.29
N GLY A 27 -0.15 7.58 -5.65
CA GLY A 27 -0.31 9.01 -5.50
C GLY A 27 -0.24 9.43 -4.03
N ARG A 28 -0.73 8.54 -3.17
CA ARG A 28 -0.73 8.80 -1.75
C ARG A 28 0.70 8.70 -1.19
N TYR A 29 1.20 7.48 -1.17
CA TYR A 29 2.55 7.24 -0.67
C TYR A 29 3.57 7.22 -1.82
N GLN A 30 3.39 8.16 -2.74
CA GLN A 30 4.28 8.28 -3.87
C GLN A 30 5.72 8.49 -3.40
N GLN A 31 5.86 9.43 -2.47
CA GLN A 31 7.18 9.74 -1.94
C GLN A 31 7.73 8.55 -1.16
N GLU A 32 6.84 7.88 -0.44
CA GLU A 32 7.22 6.73 0.35
C GLU A 32 8.05 5.75 -0.49
N LEU A 33 7.46 5.34 -1.61
CA LEU A 33 8.13 4.42 -2.51
C LEU A 33 9.54 4.95 -2.83
N GLU A 34 9.61 6.26 -3.00
CA GLU A 34 10.87 6.91 -3.32
C GLU A 34 11.81 6.82 -2.11
N GLU A 35 11.24 6.99 -0.93
CA GLU A 35 12.01 6.93 0.29
C GLU A 35 12.70 5.57 0.44
N LEU A 36 11.87 4.53 0.45
CA LEU A 36 12.38 3.18 0.58
C LEU A 36 13.51 2.96 -0.43
N LYS A 37 13.33 3.56 -1.60
CA LYS A 37 14.31 3.44 -2.66
C LYS A 37 15.65 4.01 -2.18
N ALA A 38 15.58 4.72 -1.06
CA ALA A 38 16.77 5.32 -0.48
C ALA A 38 17.05 4.67 0.87
N LEU A 39 15.98 4.40 1.60
CA LEU A 39 16.10 3.78 2.91
C LEU A 39 16.87 2.47 2.79
N GLY A 40 16.55 1.72 1.74
CA GLY A 40 17.20 0.45 1.50
C GLY A 40 16.28 -0.50 0.72
N PHE A 41 15.58 0.07 -0.25
CA PHE A 41 14.66 -0.71 -1.06
C PHE A 41 14.62 -0.18 -2.49
N ALA A 42 13.53 -0.51 -3.18
CA ALA A 42 13.37 -0.08 -4.57
C ALA A 42 12.00 -0.54 -5.07
N ASN A 43 11.76 -1.84 -4.94
CA ASN A 43 10.50 -2.42 -5.38
C ASN A 43 9.35 -1.51 -4.95
N ARG A 44 8.92 -0.67 -5.88
CA ARG A 44 7.83 0.26 -5.61
C ARG A 44 6.53 -0.51 -5.38
N ASP A 45 6.29 -1.50 -6.24
CA ASP A 45 5.09 -2.31 -6.13
C ASP A 45 5.08 -3.00 -4.77
N ALA A 46 6.21 -3.60 -4.43
CA ALA A 46 6.33 -4.29 -3.15
C ALA A 46 6.24 -3.28 -2.01
N ASN A 47 6.94 -2.17 -2.18
CA ASN A 47 6.94 -1.13 -1.17
C ASN A 47 5.51 -0.66 -0.92
N LEU A 48 4.74 -0.64 -2.01
CA LEU A 48 3.34 -0.21 -1.93
C LEU A 48 2.52 -1.32 -1.26
N GLN A 49 2.50 -2.47 -1.91
CA GLN A 49 1.75 -3.60 -1.39
C GLN A 49 1.88 -3.67 0.14
N ALA A 50 3.07 -3.32 0.62
CA ALA A 50 3.33 -3.34 2.04
C ALA A 50 2.72 -2.09 2.68
N LEU A 51 3.04 -0.95 2.11
CA LEU A 51 2.53 0.31 2.62
C LEU A 51 1.01 0.20 2.83
N VAL A 52 0.31 -0.08 1.73
CA VAL A 52 -1.13 -0.22 1.79
C VAL A 52 -1.50 -1.28 2.83
N ALA A 53 -0.55 -2.16 3.10
CA ALA A 53 -0.76 -3.22 4.06
C ALA A 53 -0.69 -2.64 5.47
N THR A 54 0.08 -1.56 5.60
CA THR A 54 0.23 -0.91 6.89
C THR A 54 -0.58 0.39 6.92
N ASP A 55 -1.37 0.59 5.88
CA ASP A 55 -2.20 1.77 5.77
C ASP A 55 -1.34 2.96 5.30
N GLY A 56 -0.21 2.61 4.70
CA GLY A 56 0.71 3.63 4.20
C GLY A 56 1.73 4.01 5.27
N ASP A 57 2.20 3.01 5.98
CA ASP A 57 3.18 3.22 7.04
C ASP A 57 4.54 2.68 6.57
N ILE A 58 5.30 3.56 5.93
CA ILE A 58 6.61 3.20 5.44
C ILE A 58 7.41 2.53 6.57
N HIS A 59 7.23 3.05 7.76
CA HIS A 59 7.91 2.52 8.93
C HIS A 59 7.60 1.03 9.07
N ALA A 60 6.31 0.74 9.17
CA ALA A 60 5.87 -0.64 9.31
C ALA A 60 6.06 -1.37 7.98
N ALA A 61 6.14 -0.59 6.92
CA ALA A 61 6.32 -1.14 5.59
C ALA A 61 7.73 -1.71 5.46
N ILE A 62 8.68 -0.98 6.03
CA ILE A 62 10.07 -1.40 5.98
C ILE A 62 10.18 -2.84 6.47
N GLU A 63 9.90 -3.03 7.76
CA GLU A 63 9.96 -4.36 8.35
C GLU A 63 9.32 -5.38 7.42
N MET A 64 8.15 -5.05 6.93
CA MET A 64 7.42 -5.93 6.03
C MET A 64 8.21 -6.17 4.74
N LEU A 65 8.94 -5.13 4.34
CA LEU A 65 9.75 -5.22 3.13
C LEU A 65 11.08 -5.90 3.45
N LEU A 66 11.49 -5.75 4.70
CA LEU A 66 12.74 -6.34 5.15
C LEU A 66 12.68 -7.85 4.94
N GLY A 67 11.47 -8.36 4.82
CA GLY A 67 11.26 -9.78 4.62
C GLY A 67 10.50 -10.40 5.79
N ALA A 68 9.87 -9.54 6.56
CA ALA A 68 9.11 -9.98 7.72
C ALA A 68 7.65 -10.25 7.30
N SER A 69 7.51 -11.09 6.29
CA SER A 69 6.19 -11.43 5.79
C SER A 69 6.19 -12.87 5.26
N GLY A 70 5.01 -13.46 5.26
CA GLY A 70 4.86 -14.82 4.78
C GLY A 70 5.21 -14.93 3.30
N PRO A 71 4.21 -14.61 2.44
CA PRO A 71 4.40 -14.67 1.00
C PRO A 71 5.24 -13.49 0.51
N SER A 72 6.52 -13.75 0.29
CA SER A 72 7.43 -12.72 -0.17
C SER A 72 8.77 -13.35 -0.57
N SER A 73 8.91 -13.61 -1.86
CA SER A 73 10.13 -14.20 -2.37
C SER A 73 10.27 -13.91 -3.86
N GLY A 74 9.30 -14.38 -4.62
CA GLY A 74 9.30 -14.17 -6.07
C GLY A 74 9.51 -15.49 -6.81
N GLY A 1 3.51 14.84 -49.37
CA GLY A 1 3.52 14.01 -48.19
C GLY A 1 2.11 13.73 -47.69
N SER A 2 1.96 12.57 -47.04
CA SER A 2 0.67 12.17 -46.52
C SER A 2 0.74 12.03 -45.00
N SER A 3 -0.37 12.36 -44.35
CA SER A 3 -0.44 12.26 -42.91
C SER A 3 -1.90 12.14 -42.45
N GLY A 4 -2.15 11.10 -41.67
CA GLY A 4 -3.49 10.85 -41.17
C GLY A 4 -3.47 9.85 -40.01
N SER A 5 -4.64 9.65 -39.42
CA SER A 5 -4.77 8.73 -38.31
C SER A 5 -3.81 9.12 -37.19
N SER A 6 -4.36 9.79 -36.18
CA SER A 6 -3.57 10.23 -35.04
C SER A 6 -4.49 10.82 -33.96
N GLY A 7 -4.35 10.27 -32.77
CA GLY A 7 -5.16 10.73 -31.64
C GLY A 7 -5.36 9.61 -30.63
N ALA A 8 -4.70 9.76 -29.48
CA ALA A 8 -4.81 8.78 -28.42
C ALA A 8 -5.23 9.47 -27.12
N ARG A 9 -6.53 9.76 -27.04
CA ARG A 9 -7.07 10.42 -25.87
C ARG A 9 -7.76 9.40 -24.96
N ALA A 10 -7.72 9.69 -23.67
CA ALA A 10 -8.34 8.81 -22.69
C ALA A 10 -9.00 9.66 -21.60
N CYS A 11 -10.14 9.16 -21.12
CA CYS A 11 -10.88 9.86 -20.08
C CYS A 11 -11.86 8.87 -19.45
N SER A 12 -12.78 8.39 -20.27
CA SER A 12 -13.78 7.45 -19.80
C SER A 12 -14.65 8.09 -18.73
N GLN A 13 -15.96 7.91 -18.88
CA GLN A 13 -16.90 8.46 -17.92
C GLN A 13 -18.03 7.48 -17.67
N SER A 14 -17.98 6.86 -16.49
CA SER A 14 -18.99 5.89 -16.11
C SER A 14 -18.85 5.54 -14.62
N SER A 15 -19.99 5.43 -13.96
CA SER A 15 -19.99 5.10 -12.54
C SER A 15 -20.28 3.61 -12.35
N GLN A 16 -19.26 2.81 -12.64
CA GLN A 16 -19.38 1.37 -12.50
C GLN A 16 -18.40 0.85 -11.46
N THR A 17 -18.57 -0.42 -11.09
CA THR A 17 -17.71 -1.05 -10.11
C THR A 17 -16.26 -0.62 -10.33
N ALA A 18 -15.65 -0.12 -9.27
CA ALA A 18 -14.27 0.33 -9.33
C ALA A 18 -13.36 -0.88 -9.55
N LEU A 19 -12.15 -0.60 -10.01
CA LEU A 19 -11.18 -1.65 -10.27
C LEU A 19 -9.86 -1.29 -9.57
N PRO A 20 -9.11 -2.35 -9.20
CA PRO A 20 -7.83 -2.17 -8.53
C PRO A 20 -6.76 -1.71 -9.53
N THR A 21 -6.58 -0.41 -9.61
CA THR A 21 -5.60 0.17 -10.51
C THR A 21 -4.27 0.37 -9.78
N SER A 22 -3.22 -0.16 -10.38
CA SER A 22 -1.88 -0.05 -9.82
C SER A 22 -1.44 1.41 -9.83
N LEU A 23 -1.98 2.15 -10.78
CA LEU A 23 -1.65 3.56 -10.91
C LEU A 23 -2.62 4.40 -10.09
N PHE A 24 -3.29 3.72 -9.16
CA PHE A 24 -4.26 4.39 -8.30
C PHE A 24 -3.80 4.38 -6.85
N THR A 25 -2.65 3.75 -6.62
CA THR A 25 -2.09 3.66 -5.29
C THR A 25 -0.68 4.25 -5.26
N GLU A 26 -0.24 4.71 -6.43
CA GLU A 26 1.08 5.30 -6.55
C GLU A 26 1.03 6.78 -6.20
N GLY A 27 -0.18 7.32 -6.17
CA GLY A 27 -0.38 8.73 -5.86
C GLY A 27 -0.61 8.92 -4.36
N ARG A 28 -0.88 7.81 -3.69
CA ARG A 28 -1.12 7.86 -2.25
C ARG A 28 0.20 8.01 -1.50
N TYR A 29 1.10 7.08 -1.75
CA TYR A 29 2.41 7.10 -1.10
C TYR A 29 3.53 7.08 -2.13
N GLN A 30 3.43 8.01 -3.09
CA GLN A 30 4.43 8.12 -4.13
C GLN A 30 5.80 8.40 -3.52
N GLN A 31 5.83 9.39 -2.64
CA GLN A 31 7.07 9.78 -1.99
C GLN A 31 7.65 8.59 -1.21
N GLU A 32 6.76 7.89 -0.52
CA GLU A 32 7.17 6.74 0.27
C GLU A 32 7.99 5.78 -0.59
N LEU A 33 7.36 5.30 -1.66
CA LEU A 33 8.02 4.37 -2.55
C LEU A 33 9.43 4.87 -2.86
N GLU A 34 9.54 6.18 -3.06
CA GLU A 34 10.81 6.80 -3.36
C GLU A 34 11.73 6.74 -2.13
N GLU A 35 11.11 6.91 -0.97
CA GLU A 35 11.86 6.88 0.28
C GLU A 35 12.56 5.54 0.45
N LEU A 36 11.76 4.48 0.46
CA LEU A 36 12.29 3.14 0.61
C LEU A 36 13.43 2.93 -0.39
N LYS A 37 13.27 3.53 -1.56
CA LYS A 37 14.27 3.42 -2.60
C LYS A 37 15.60 3.99 -2.08
N ALA A 38 15.51 4.72 -0.99
CA ALA A 38 16.69 5.32 -0.39
C ALA A 38 16.96 4.65 0.97
N LEU A 39 15.89 4.38 1.68
CA LEU A 39 15.99 3.75 2.99
C LEU A 39 16.79 2.45 2.85
N GLY A 40 16.50 1.72 1.80
CA GLY A 40 17.18 0.45 1.54
C GLY A 40 16.28 -0.50 0.77
N PHE A 41 15.56 0.05 -0.20
CA PHE A 41 14.66 -0.74 -1.02
C PHE A 41 14.63 -0.22 -2.45
N ALA A 42 13.58 -0.59 -3.17
CA ALA A 42 13.43 -0.17 -4.55
C ALA A 42 12.05 -0.61 -5.06
N ASN A 43 11.81 -1.91 -5.01
CA ASN A 43 10.55 -2.47 -5.45
C ASN A 43 9.41 -1.53 -5.02
N ARG A 44 8.98 -0.70 -5.95
CA ARG A 44 7.90 0.23 -5.68
C ARG A 44 6.59 -0.52 -5.46
N ASP A 45 6.34 -1.48 -6.33
CA ASP A 45 5.13 -2.28 -6.23
C ASP A 45 5.08 -2.97 -4.88
N ALA A 46 6.21 -3.53 -4.49
CA ALA A 46 6.31 -4.23 -3.22
C ALA A 46 6.16 -3.22 -2.08
N ASN A 47 6.91 -2.13 -2.20
CA ASN A 47 6.88 -1.08 -1.19
C ASN A 47 5.43 -0.64 -0.97
N LEU A 48 4.68 -0.57 -2.06
CA LEU A 48 3.29 -0.17 -2.00
C LEU A 48 2.48 -1.28 -1.31
N GLN A 49 2.45 -2.43 -1.95
CA GLN A 49 1.72 -3.57 -1.40
C GLN A 49 1.87 -3.63 0.11
N ALA A 50 3.08 -3.31 0.56
CA ALA A 50 3.38 -3.32 1.98
C ALA A 50 2.82 -2.05 2.63
N LEU A 51 3.16 -0.92 2.02
CA LEU A 51 2.70 0.36 2.52
C LEU A 51 1.19 0.32 2.73
N VAL A 52 0.49 0.00 1.65
CA VAL A 52 -0.96 -0.08 1.71
C VAL A 52 -1.37 -1.10 2.78
N ALA A 53 -0.46 -2.01 3.05
CA ALA A 53 -0.71 -3.05 4.04
C ALA A 53 -0.57 -2.45 5.44
N THR A 54 0.39 -1.53 5.57
CA THR A 54 0.63 -0.88 6.84
C THR A 54 -0.22 0.39 6.96
N ASP A 55 -1.11 0.56 6.00
CA ASP A 55 -1.98 1.73 5.99
C ASP A 55 -1.18 2.96 5.56
N GLY A 56 -0.08 2.70 4.87
CA GLY A 56 0.77 3.77 4.40
C GLY A 56 1.83 4.13 5.44
N ASP A 57 2.16 3.15 6.27
CA ASP A 57 3.15 3.35 7.32
C ASP A 57 4.49 2.78 6.86
N ILE A 58 5.17 3.55 6.02
CA ILE A 58 6.46 3.14 5.51
C ILE A 58 7.27 2.48 6.62
N HIS A 59 7.06 2.97 7.83
CA HIS A 59 7.76 2.44 8.98
C HIS A 59 7.45 0.95 9.13
N ALA A 60 6.16 0.65 9.25
CA ALA A 60 5.72 -0.73 9.39
C ALA A 60 5.87 -1.44 8.05
N ALA A 61 6.06 -0.66 7.00
CA ALA A 61 6.22 -1.20 5.67
C ALA A 61 7.65 -1.74 5.51
N ILE A 62 8.60 -1.01 6.09
CA ILE A 62 9.99 -1.40 6.02
C ILE A 62 10.13 -2.85 6.49
N GLU A 63 9.85 -3.06 7.77
CA GLU A 63 9.94 -4.38 8.35
C GLU A 63 9.33 -5.42 7.41
N MET A 64 8.14 -5.12 6.93
CA MET A 64 7.45 -6.01 6.02
C MET A 64 8.25 -6.21 4.73
N LEU A 65 8.94 -5.15 4.32
CA LEU A 65 9.74 -5.21 3.12
C LEU A 65 11.09 -5.86 3.43
N LEU A 66 11.51 -5.70 4.68
CA LEU A 66 12.76 -6.27 5.13
C LEU A 66 12.76 -7.79 4.86
N GLY A 67 11.56 -8.33 4.75
CA GLY A 67 11.40 -9.75 4.50
C GLY A 67 10.77 -10.45 5.70
N ALA A 68 10.05 -9.67 6.48
CA ALA A 68 9.39 -10.20 7.67
C ALA A 68 7.93 -10.51 7.32
N SER A 69 7.72 -10.96 6.10
CA SER A 69 6.38 -11.30 5.64
C SER A 69 6.42 -12.57 4.79
N GLY A 70 5.36 -13.35 4.89
CA GLY A 70 5.26 -14.58 4.14
C GLY A 70 6.55 -15.39 4.25
N PRO A 71 6.89 -16.09 3.13
CA PRO A 71 8.10 -16.91 3.09
C PRO A 71 9.35 -16.03 2.98
N SER A 72 10.41 -16.48 3.62
CA SER A 72 11.67 -15.76 3.60
C SER A 72 12.60 -16.36 2.55
N SER A 73 13.17 -15.49 1.72
CA SER A 73 14.08 -15.93 0.68
C SER A 73 15.36 -16.49 1.31
N GLY A 74 15.99 -15.65 2.12
CA GLY A 74 17.22 -16.05 2.79
C GLY A 74 16.94 -17.08 3.87
N GLY A 1 -11.19 21.64 -54.94
CA GLY A 1 -10.85 21.03 -53.68
C GLY A 1 -12.03 21.05 -52.71
N SER A 2 -11.93 20.21 -51.69
CA SER A 2 -12.97 20.12 -50.68
C SER A 2 -12.36 19.95 -49.29
N SER A 3 -13.20 20.09 -48.28
CA SER A 3 -12.76 19.96 -46.90
C SER A 3 -13.97 19.83 -45.98
N GLY A 4 -13.71 19.26 -44.81
CA GLY A 4 -14.76 19.08 -43.82
C GLY A 4 -14.28 19.47 -42.42
N SER A 5 -15.13 19.20 -41.44
CA SER A 5 -14.81 19.52 -40.06
C SER A 5 -15.93 19.06 -39.14
N SER A 6 -15.54 18.73 -37.91
CA SER A 6 -16.50 18.27 -36.92
C SER A 6 -16.01 18.61 -35.51
N GLY A 7 -16.97 18.64 -34.58
CA GLY A 7 -16.64 18.96 -33.21
C GLY A 7 -16.45 17.68 -32.38
N ALA A 8 -16.05 17.87 -31.14
CA ALA A 8 -15.82 16.75 -30.24
C ALA A 8 -16.33 17.11 -28.85
N ARG A 9 -16.86 16.09 -28.17
CA ARG A 9 -17.39 16.28 -26.83
C ARG A 9 -16.32 15.93 -25.79
N ALA A 10 -15.94 16.94 -25.01
CA ALA A 10 -14.95 16.74 -23.97
C ALA A 10 -15.21 15.43 -23.25
N CYS A 11 -16.40 15.34 -22.68
CA CYS A 11 -16.79 14.13 -21.96
C CYS A 11 -15.82 13.94 -20.79
N SER A 12 -16.30 13.24 -19.77
CA SER A 12 -15.49 12.97 -18.60
C SER A 12 -16.06 11.78 -17.82
N GLN A 13 -15.64 10.59 -18.22
CA GLN A 13 -16.10 9.37 -17.57
C GLN A 13 -15.51 9.27 -16.16
N SER A 14 -16.00 10.14 -15.29
CA SER A 14 -15.54 10.15 -13.92
C SER A 14 -15.34 8.71 -13.42
N SER A 15 -14.08 8.33 -13.32
CA SER A 15 -13.74 6.99 -12.86
C SER A 15 -14.67 6.58 -11.72
N GLN A 16 -15.31 5.43 -11.90
CA GLN A 16 -16.22 4.92 -10.90
C GLN A 16 -15.67 5.17 -9.50
N THR A 17 -16.58 5.29 -8.55
CA THR A 17 -16.21 5.52 -7.16
C THR A 17 -16.44 4.27 -6.32
N ALA A 18 -15.69 4.18 -5.24
CA ALA A 18 -15.80 3.04 -4.33
C ALA A 18 -15.21 1.80 -5.01
N LEU A 19 -13.96 1.93 -5.41
CA LEU A 19 -13.26 0.84 -6.06
C LEU A 19 -11.76 0.95 -5.76
N PRO A 20 -11.04 -0.19 -6.02
CA PRO A 20 -9.61 -0.23 -5.79
C PRO A 20 -8.85 0.54 -6.87
N THR A 21 -8.80 1.84 -6.70
CA THR A 21 -8.11 2.70 -7.65
C THR A 21 -6.60 2.45 -7.60
N SER A 22 -6.05 2.15 -8.77
CA SER A 22 -4.62 1.88 -8.88
C SER A 22 -3.83 3.17 -8.64
N LEU A 23 -4.44 4.28 -9.04
CA LEU A 23 -3.79 5.57 -8.87
C LEU A 23 -4.23 6.19 -7.53
N PHE A 24 -4.56 5.31 -6.59
CA PHE A 24 -4.99 5.74 -5.28
C PHE A 24 -3.95 5.38 -4.21
N THR A 25 -2.90 4.70 -4.66
CA THR A 25 -1.84 4.29 -3.76
C THR A 25 -0.53 4.97 -4.14
N GLU A 26 -0.41 5.29 -5.43
CA GLU A 26 0.78 5.94 -5.94
C GLU A 26 0.64 7.46 -5.84
N GLY A 27 -0.37 7.88 -5.09
CA GLY A 27 -0.62 9.29 -4.90
C GLY A 27 -0.47 9.69 -3.43
N ARG A 28 -0.84 8.77 -2.56
CA ARG A 28 -0.75 9.01 -1.13
C ARG A 28 0.68 8.79 -0.64
N TYR A 29 1.17 7.57 -0.86
CA TYR A 29 2.52 7.23 -0.46
C TYR A 29 3.48 7.25 -1.64
N GLN A 30 3.28 8.25 -2.50
CA GLN A 30 4.12 8.39 -3.68
C GLN A 30 5.58 8.59 -3.27
N GLN A 31 5.77 9.47 -2.30
CA GLN A 31 7.11 9.75 -1.81
C GLN A 31 7.68 8.55 -1.06
N GLU A 32 6.78 7.85 -0.37
CA GLU A 32 7.17 6.68 0.39
C GLU A 32 8.01 5.73 -0.48
N LEU A 33 7.42 5.35 -1.59
CA LEU A 33 8.09 4.44 -2.52
C LEU A 33 9.49 4.98 -2.82
N GLU A 34 9.57 6.30 -2.94
CA GLU A 34 10.84 6.95 -3.22
C GLU A 34 11.77 6.85 -2.02
N GLU A 35 11.17 6.90 -0.84
CA GLU A 35 11.93 6.81 0.40
C GLU A 35 12.62 5.45 0.51
N LEU A 36 11.79 4.41 0.49
CA LEU A 36 12.30 3.05 0.59
C LEU A 36 13.43 2.86 -0.43
N LYS A 37 13.28 3.54 -1.57
CA LYS A 37 14.27 3.44 -2.62
C LYS A 37 15.62 3.95 -2.09
N ALA A 38 15.56 4.59 -0.94
CA ALA A 38 16.77 5.12 -0.32
C ALA A 38 17.01 4.39 1.00
N LEU A 39 15.93 4.09 1.68
CA LEU A 39 16.01 3.40 2.96
C LEU A 39 16.75 2.07 2.77
N GLY A 40 16.42 1.41 1.67
CA GLY A 40 17.04 0.13 1.35
C GLY A 40 16.11 -0.75 0.53
N PHE A 41 15.43 -0.11 -0.43
CA PHE A 41 14.51 -0.82 -1.29
C PHE A 41 14.51 -0.21 -2.70
N ALA A 42 13.46 -0.53 -3.44
CA ALA A 42 13.32 -0.03 -4.80
C ALA A 42 12.00 -0.53 -5.39
N ASN A 43 11.73 -1.80 -5.15
CA ASN A 43 10.50 -2.41 -5.66
C ASN A 43 9.30 -1.59 -5.17
N ARG A 44 8.94 -0.59 -5.96
CA ARG A 44 7.81 0.25 -5.63
C ARG A 44 6.57 -0.59 -5.36
N ASP A 45 6.12 -1.28 -6.39
CA ASP A 45 4.94 -2.12 -6.27
C ASP A 45 4.98 -2.87 -4.93
N ALA A 46 6.13 -3.47 -4.67
CA ALA A 46 6.31 -4.21 -3.42
C ALA A 46 6.24 -3.24 -2.24
N ASN A 47 6.91 -2.11 -2.41
CA ASN A 47 6.93 -1.09 -1.37
C ASN A 47 5.50 -0.66 -1.05
N LEU A 48 4.71 -0.54 -2.11
CA LEU A 48 3.32 -0.13 -1.95
C LEU A 48 2.53 -1.26 -1.28
N GLN A 49 2.47 -2.38 -1.97
CA GLN A 49 1.76 -3.54 -1.45
C GLN A 49 1.97 -3.66 0.06
N ALA A 50 3.17 -3.31 0.49
CA ALA A 50 3.52 -3.36 1.90
C ALA A 50 2.96 -2.13 2.61
N LEU A 51 3.23 -0.97 2.02
CA LEU A 51 2.77 0.28 2.57
C LEU A 51 1.25 0.22 2.78
N VAL A 52 0.55 -0.05 1.69
CA VAL A 52 -0.90 -0.14 1.74
C VAL A 52 -1.30 -1.15 2.81
N ALA A 53 -0.43 -2.13 3.02
CA ALA A 53 -0.70 -3.16 4.01
C ALA A 53 -0.58 -2.56 5.41
N THR A 54 0.33 -1.61 5.55
CA THR A 54 0.54 -0.94 6.81
C THR A 54 -0.32 0.33 6.90
N ASP A 55 -1.16 0.51 5.90
CA ASP A 55 -2.04 1.66 5.85
C ASP A 55 -1.23 2.89 5.40
N GLY A 56 -0.16 2.62 4.66
CA GLY A 56 0.69 3.69 4.17
C GLY A 56 1.71 4.11 5.23
N ASP A 57 2.12 3.14 6.03
CA ASP A 57 3.09 3.40 7.08
C ASP A 57 4.45 2.82 6.68
N ILE A 58 5.18 3.59 5.89
CA ILE A 58 6.48 3.17 5.43
C ILE A 58 7.22 2.46 6.57
N HIS A 59 7.03 3.00 7.77
CA HIS A 59 7.67 2.44 8.95
C HIS A 59 7.36 0.96 9.05
N ALA A 60 6.06 0.67 9.12
CA ALA A 60 5.61 -0.72 9.22
C ALA A 60 5.85 -1.42 7.88
N ALA A 61 6.14 -0.63 6.87
CA ALA A 61 6.39 -1.16 5.53
C ALA A 61 7.82 -1.69 5.46
N ILE A 62 8.74 -0.91 6.03
CA ILE A 62 10.14 -1.29 6.03
C ILE A 62 10.26 -2.71 6.56
N GLU A 63 9.85 -2.90 7.80
CA GLU A 63 9.92 -4.21 8.43
C GLU A 63 9.36 -5.28 7.50
N MET A 64 8.19 -4.99 6.95
CA MET A 64 7.54 -5.92 6.03
C MET A 64 8.38 -6.11 4.77
N LEU A 65 9.10 -5.05 4.40
CA LEU A 65 9.94 -5.10 3.22
C LEU A 65 11.32 -5.64 3.60
N LEU A 66 11.56 -5.71 4.89
CA LEU A 66 12.82 -6.21 5.40
C LEU A 66 12.81 -7.74 5.39
N GLY A 67 11.60 -8.28 5.28
CA GLY A 67 11.44 -9.73 5.26
C GLY A 67 10.78 -10.22 6.54
N ALA A 68 9.89 -9.39 7.07
CA ALA A 68 9.18 -9.73 8.29
C ALA A 68 7.71 -9.97 7.98
N SER A 69 7.47 -10.99 7.17
CA SER A 69 6.11 -11.33 6.79
C SER A 69 5.89 -12.84 6.91
N GLY A 70 4.63 -13.23 6.96
CA GLY A 70 4.27 -14.62 7.09
C GLY A 70 4.75 -15.43 5.88
N PRO A 71 4.88 -16.76 6.08
CA PRO A 71 5.33 -17.64 5.01
C PRO A 71 4.21 -17.87 3.99
N SER A 72 4.63 -18.22 2.78
CA SER A 72 3.68 -18.48 1.71
C SER A 72 4.30 -19.41 0.67
N SER A 73 3.54 -20.44 0.32
CA SER A 73 4.00 -21.41 -0.66
C SER A 73 4.54 -20.69 -1.90
N GLY A 74 5.71 -21.14 -2.34
CA GLY A 74 6.35 -20.55 -3.50
C GLY A 74 6.20 -19.02 -3.50
N GLY A 1 -33.46 22.40 -15.24
CA GLY A 1 -32.88 21.32 -14.47
C GLY A 1 -33.98 20.44 -13.86
N SER A 2 -33.88 19.15 -14.14
CA SER A 2 -34.84 18.20 -13.63
C SER A 2 -34.39 16.76 -13.95
N SER A 3 -34.29 15.96 -12.90
CA SER A 3 -33.88 14.58 -13.05
C SER A 3 -34.23 13.78 -11.80
N GLY A 4 -33.70 14.23 -10.68
CA GLY A 4 -33.95 13.57 -9.40
C GLY A 4 -33.56 14.48 -8.22
N SER A 5 -33.50 13.87 -7.05
CA SER A 5 -33.14 14.59 -5.85
C SER A 5 -32.98 13.63 -4.68
N SER A 6 -31.74 13.20 -4.47
CA SER A 6 -31.44 12.28 -3.39
C SER A 6 -29.93 12.11 -3.24
N GLY A 7 -29.30 11.66 -4.33
CA GLY A 7 -27.87 11.46 -4.34
C GLY A 7 -27.41 10.71 -3.09
N ALA A 8 -27.41 9.39 -3.19
CA ALA A 8 -26.99 8.55 -2.09
C ALA A 8 -26.55 7.19 -2.63
N ARG A 9 -25.43 7.21 -3.33
CA ARG A 9 -24.88 5.98 -3.91
C ARG A 9 -25.87 5.38 -4.91
N ALA A 10 -25.34 4.55 -5.79
CA ALA A 10 -26.16 3.91 -6.80
C ALA A 10 -25.29 2.94 -7.61
N CYS A 11 -25.45 1.65 -7.31
CA CYS A 11 -24.70 0.63 -7.99
C CYS A 11 -25.14 -0.74 -7.46
N SER A 12 -25.54 -1.61 -8.39
CA SER A 12 -25.99 -2.93 -8.03
C SER A 12 -25.95 -3.86 -9.25
N GLN A 13 -25.03 -4.81 -9.21
CA GLN A 13 -24.88 -5.75 -10.30
C GLN A 13 -23.77 -6.76 -9.98
N SER A 14 -23.77 -7.85 -10.74
CA SER A 14 -22.78 -8.89 -10.55
C SER A 14 -21.76 -8.88 -11.69
N SER A 15 -20.75 -8.04 -11.53
CA SER A 15 -19.71 -7.92 -12.54
C SER A 15 -18.73 -6.81 -12.15
N GLN A 16 -17.45 -7.17 -12.17
CA GLN A 16 -16.41 -6.21 -11.83
C GLN A 16 -15.99 -5.42 -13.06
N THR A 17 -15.14 -6.03 -13.86
CA THR A 17 -14.65 -5.39 -15.07
C THR A 17 -13.99 -4.05 -14.74
N ALA A 18 -13.13 -4.08 -13.73
CA ALA A 18 -12.44 -2.89 -13.31
C ALA A 18 -11.33 -3.27 -12.32
N LEU A 19 -10.73 -2.26 -11.72
CA LEU A 19 -9.66 -2.48 -10.76
C LEU A 19 -9.83 -1.51 -9.58
N PRO A 20 -9.25 -1.92 -8.42
CA PRO A 20 -9.33 -1.10 -7.22
C PRO A 20 -8.38 0.10 -7.31
N THR A 21 -8.56 0.87 -8.38
CA THR A 21 -7.74 2.05 -8.58
C THR A 21 -6.29 1.77 -8.17
N SER A 22 -5.61 0.99 -8.99
CA SER A 22 -4.23 0.64 -8.72
C SER A 22 -3.32 1.83 -9.02
N LEU A 23 -3.90 2.82 -9.68
CA LEU A 23 -3.16 4.02 -10.04
C LEU A 23 -3.45 5.12 -9.01
N PHE A 24 -4.05 4.71 -7.91
CA PHE A 24 -4.37 5.64 -6.85
C PHE A 24 -3.51 5.42 -5.61
N THR A 25 -2.71 4.36 -5.69
CA THR A 25 -1.83 4.02 -4.58
C THR A 25 -0.40 4.52 -4.87
N GLU A 26 -0.14 4.76 -6.15
CA GLU A 26 1.17 5.25 -6.56
C GLU A 26 1.22 6.77 -6.49
N GLY A 27 0.12 7.34 -6.00
CA GLY A 27 0.04 8.79 -5.88
C GLY A 27 0.00 9.21 -4.41
N ARG A 28 -0.60 8.35 -3.59
CA ARG A 28 -0.72 8.63 -2.17
C ARG A 28 0.66 8.61 -1.51
N TYR A 29 1.22 7.41 -1.40
CA TYR A 29 2.52 7.24 -0.80
C TYR A 29 3.62 7.25 -1.86
N GLN A 30 3.42 8.09 -2.87
CA GLN A 30 4.39 8.20 -3.95
C GLN A 30 5.79 8.47 -3.39
N GLN A 31 5.84 9.40 -2.45
CA GLN A 31 7.11 9.75 -1.83
C GLN A 31 7.69 8.55 -1.08
N GLU A 32 6.81 7.87 -0.35
CA GLU A 32 7.21 6.71 0.41
C GLU A 32 8.04 5.76 -0.46
N LEU A 33 7.44 5.35 -1.56
CA LEU A 33 8.10 4.45 -2.50
C LEU A 33 9.50 4.98 -2.80
N GLU A 34 9.58 6.29 -2.96
CA GLU A 34 10.84 6.94 -3.26
C GLU A 34 11.79 6.84 -2.07
N GLU A 35 11.20 6.98 -0.88
CA GLU A 35 11.98 6.91 0.35
C GLU A 35 12.67 5.54 0.47
N LEU A 36 11.84 4.51 0.47
CA LEU A 36 12.35 3.14 0.58
C LEU A 36 13.48 2.94 -0.43
N LYS A 37 13.29 3.55 -1.61
CA LYS A 37 14.28 3.44 -2.67
C LYS A 37 15.62 4.00 -2.16
N ALA A 38 15.54 4.70 -1.04
CA ALA A 38 16.74 5.29 -0.45
C ALA A 38 17.01 4.62 0.90
N LEU A 39 15.93 4.34 1.62
CA LEU A 39 16.04 3.72 2.92
C LEU A 39 16.82 2.40 2.79
N GLY A 40 16.49 1.67 1.72
CA GLY A 40 17.15 0.40 1.46
C GLY A 40 16.24 -0.53 0.66
N PHE A 41 15.56 0.05 -0.30
CA PHE A 41 14.64 -0.71 -1.15
C PHE A 41 14.62 -0.14 -2.57
N ALA A 42 13.52 -0.43 -3.26
CA ALA A 42 13.36 0.04 -4.63
C ALA A 42 12.04 -0.49 -5.19
N ASN A 43 11.80 -1.77 -4.93
CA ASN A 43 10.59 -2.41 -5.40
C ASN A 43 9.37 -1.60 -4.94
N ARG A 44 8.97 -0.67 -5.80
CA ARG A 44 7.83 0.18 -5.49
C ARG A 44 6.58 -0.69 -5.25
N ASP A 45 6.19 -1.41 -6.29
CA ASP A 45 5.02 -2.27 -6.21
C ASP A 45 5.02 -2.99 -4.86
N ALA A 46 6.19 -3.50 -4.50
CA ALA A 46 6.33 -4.22 -3.24
C ALA A 46 6.23 -3.22 -2.08
N ASN A 47 6.92 -2.11 -2.23
CA ASN A 47 6.91 -1.07 -1.21
C ASN A 47 5.47 -0.63 -0.96
N LEU A 48 4.70 -0.59 -2.03
CA LEU A 48 3.30 -0.19 -1.94
C LEU A 48 2.50 -1.29 -1.26
N GLN A 49 2.46 -2.44 -1.93
CA GLN A 49 1.73 -3.58 -1.41
C GLN A 49 1.93 -3.70 0.10
N ALA A 50 3.13 -3.34 0.53
CA ALA A 50 3.47 -3.41 1.94
C ALA A 50 2.95 -2.16 2.64
N LEU A 51 3.24 -1.01 2.04
CA LEU A 51 2.81 0.26 2.59
C LEU A 51 1.30 0.21 2.84
N VAL A 52 0.56 -0.10 1.79
CA VAL A 52 -0.89 -0.19 1.88
C VAL A 52 -1.26 -1.23 2.94
N ALA A 53 -0.36 -2.18 3.13
CA ALA A 53 -0.60 -3.23 4.10
C ALA A 53 -0.54 -2.65 5.52
N THR A 54 0.20 -1.54 5.63
CA THR A 54 0.34 -0.88 6.91
C THR A 54 -0.48 0.42 6.93
N ASP A 55 -1.35 0.54 5.94
CA ASP A 55 -2.19 1.72 5.83
C ASP A 55 -1.36 2.91 5.34
N GLY A 56 -0.21 2.58 4.76
CA GLY A 56 0.69 3.59 4.24
C GLY A 56 1.72 4.00 5.30
N ASP A 57 2.15 3.02 6.07
CA ASP A 57 3.13 3.26 7.12
C ASP A 57 4.50 2.74 6.66
N ILE A 58 5.17 3.56 5.86
CA ILE A 58 6.47 3.20 5.35
C ILE A 58 7.27 2.50 6.46
N HIS A 59 7.22 3.09 7.64
CA HIS A 59 7.93 2.54 8.78
C HIS A 59 7.59 1.06 8.93
N ALA A 60 6.30 0.79 9.09
CA ALA A 60 5.83 -0.57 9.24
C ALA A 60 6.00 -1.32 7.92
N ALA A 61 6.09 -0.55 6.84
CA ALA A 61 6.26 -1.13 5.53
C ALA A 61 7.67 -1.71 5.41
N ILE A 62 8.64 -0.96 5.95
CA ILE A 62 10.02 -1.39 5.91
C ILE A 62 10.12 -2.82 6.45
N GLU A 63 9.85 -2.96 7.73
CA GLU A 63 9.91 -4.25 8.39
C GLU A 63 9.30 -5.32 7.48
N MET A 64 8.12 -5.02 6.96
CA MET A 64 7.42 -5.94 6.08
C MET A 64 8.24 -6.21 4.81
N LEU A 65 8.90 -5.16 4.34
CA LEU A 65 9.71 -5.27 3.15
C LEU A 65 11.04 -5.94 3.49
N LEU A 66 11.42 -5.80 4.75
CA LEU A 66 12.68 -6.37 5.23
C LEU A 66 12.61 -7.89 5.07
N GLY A 67 11.40 -8.39 4.90
CA GLY A 67 11.19 -9.83 4.74
C GLY A 67 10.33 -10.38 5.87
N ALA A 68 9.75 -9.47 6.64
CA ALA A 68 8.90 -9.86 7.75
C ALA A 68 7.46 -10.03 7.25
N SER A 69 7.28 -11.00 6.36
CA SER A 69 5.97 -11.29 5.81
C SER A 69 5.84 -12.78 5.50
N GLY A 70 4.62 -13.27 5.66
CA GLY A 70 4.35 -14.67 5.40
C GLY A 70 2.92 -14.87 4.90
N PRO A 71 2.71 -16.02 4.20
CA PRO A 71 1.40 -16.34 3.66
C PRO A 71 0.45 -16.80 4.77
N SER A 72 -0.43 -15.89 5.16
CA SER A 72 -1.39 -16.18 6.21
C SER A 72 -2.66 -15.34 6.01
N SER A 73 -3.77 -16.05 5.83
CA SER A 73 -5.05 -15.38 5.62
C SER A 73 -5.00 -14.54 4.34
N GLY A 74 -5.96 -14.79 3.47
CA GLY A 74 -6.04 -14.07 2.21
C GLY A 74 -5.95 -15.04 1.02
N GLY A 1 -24.68 -23.86 16.77
CA GLY A 1 -25.16 -22.50 16.60
C GLY A 1 -26.13 -22.41 15.43
N SER A 2 -27.23 -23.14 15.56
CA SER A 2 -28.25 -23.15 14.52
C SER A 2 -29.34 -22.13 14.85
N SER A 3 -29.09 -20.89 14.49
CA SER A 3 -30.04 -19.82 14.73
C SER A 3 -30.03 -18.83 13.57
N GLY A 4 -31.18 -18.19 13.38
CA GLY A 4 -31.32 -17.22 12.30
C GLY A 4 -30.41 -16.01 12.53
N SER A 5 -30.00 -15.40 11.42
CA SER A 5 -29.13 -14.24 11.49
C SER A 5 -27.77 -14.65 12.06
N SER A 6 -26.74 -14.45 11.24
CA SER A 6 -25.38 -14.78 11.65
C SER A 6 -24.38 -13.91 10.89
N GLY A 7 -23.90 -12.89 11.58
CA GLY A 7 -22.92 -11.98 10.99
C GLY A 7 -21.82 -12.74 10.27
N ALA A 8 -21.50 -12.26 9.07
CA ALA A 8 -20.47 -12.89 8.27
C ALA A 8 -19.51 -11.81 7.74
N ARG A 9 -18.25 -12.20 7.63
CA ARG A 9 -17.22 -11.28 7.15
C ARG A 9 -17.27 -11.20 5.63
N ALA A 10 -16.91 -10.03 5.11
CA ALA A 10 -16.90 -9.82 3.67
C ALA A 10 -18.30 -10.06 3.12
N CYS A 11 -18.96 -8.98 2.75
CA CYS A 11 -20.30 -9.07 2.20
C CYS A 11 -20.32 -8.36 0.84
N SER A 12 -20.42 -9.17 -0.20
CA SER A 12 -20.44 -8.65 -1.56
C SER A 12 -21.69 -7.79 -1.76
N GLN A 13 -21.52 -6.74 -2.55
CA GLN A 13 -22.61 -5.82 -2.83
C GLN A 13 -22.19 -4.79 -3.88
N SER A 14 -23.17 -4.04 -4.35
CA SER A 14 -22.91 -3.02 -5.35
C SER A 14 -22.48 -3.68 -6.67
N SER A 15 -23.08 -3.18 -7.75
CA SER A 15 -22.77 -3.70 -9.07
C SER A 15 -21.31 -3.39 -9.44
N GLN A 16 -21.01 -2.09 -9.44
CA GLN A 16 -19.66 -1.64 -9.77
C GLN A 16 -18.63 -2.57 -9.14
N THR A 17 -17.83 -3.19 -9.99
CA THR A 17 -16.80 -4.11 -9.53
C THR A 17 -15.43 -3.42 -9.56
N ALA A 18 -15.33 -2.40 -10.40
CA ALA A 18 -14.09 -1.66 -10.55
C ALA A 18 -12.93 -2.64 -10.71
N LEU A 19 -11.72 -2.09 -10.74
CA LEU A 19 -10.53 -2.89 -10.89
C LEU A 19 -9.38 -2.27 -10.09
N PRO A 20 -8.52 -3.16 -9.54
CA PRO A 20 -7.38 -2.72 -8.75
C PRO A 20 -6.29 -2.13 -9.64
N THR A 21 -6.39 -0.84 -9.90
CA THR A 21 -5.42 -0.16 -10.73
C THR A 21 -4.12 0.09 -9.96
N SER A 22 -3.04 -0.48 -10.46
CA SER A 22 -1.75 -0.33 -9.82
C SER A 22 -1.31 1.13 -9.87
N LEU A 23 -1.82 1.83 -10.87
CA LEU A 23 -1.49 3.24 -11.04
C LEU A 23 -2.49 4.09 -10.26
N PHE A 24 -3.14 3.46 -9.29
CA PHE A 24 -4.12 4.14 -8.47
C PHE A 24 -3.68 4.16 -7.00
N THR A 25 -2.53 3.56 -6.75
CA THR A 25 -1.99 3.49 -5.40
C THR A 25 -0.58 4.11 -5.36
N GLU A 26 -0.13 4.55 -6.52
CA GLU A 26 1.19 5.17 -6.63
C GLU A 26 1.11 6.65 -6.29
N GLY A 27 -0.11 7.17 -6.30
CA GLY A 27 -0.34 8.58 -5.99
C GLY A 27 -0.58 8.78 -4.50
N ARG A 28 -0.83 7.67 -3.82
CA ARG A 28 -1.08 7.71 -2.38
C ARG A 28 0.22 7.95 -1.62
N TYR A 29 1.13 6.99 -1.76
CA TYR A 29 2.43 7.07 -1.10
C TYR A 29 3.57 7.10 -2.11
N GLN A 30 3.45 8.01 -3.06
CA GLN A 30 4.47 8.13 -4.09
C GLN A 30 5.83 8.46 -3.47
N GLN A 31 5.79 9.36 -2.49
CA GLN A 31 7.01 9.77 -1.81
C GLN A 31 7.62 8.58 -1.06
N GLU A 32 6.76 7.86 -0.35
CA GLU A 32 7.20 6.71 0.41
C GLU A 32 8.02 5.77 -0.47
N LEU A 33 7.39 5.32 -1.55
CA LEU A 33 8.05 4.42 -2.48
C LEU A 33 9.45 4.96 -2.79
N GLU A 34 9.52 6.27 -2.97
CA GLU A 34 10.78 6.91 -3.28
C GLU A 34 11.72 6.83 -2.07
N GLU A 35 11.14 6.97 -0.89
CA GLU A 35 11.91 6.91 0.34
C GLU A 35 12.59 5.56 0.48
N LEU A 36 11.77 4.51 0.48
CA LEU A 36 12.29 3.16 0.60
C LEU A 36 13.41 2.95 -0.41
N LYS A 37 13.23 3.55 -1.58
CA LYS A 37 14.23 3.44 -2.63
C LYS A 37 15.57 3.99 -2.13
N ALA A 38 15.49 4.71 -1.03
CA ALA A 38 16.68 5.30 -0.43
C ALA A 38 16.97 4.63 0.91
N LEU A 39 15.90 4.35 1.64
CA LEU A 39 16.03 3.72 2.93
C LEU A 39 16.83 2.41 2.78
N GLY A 40 16.52 1.69 1.72
CA GLY A 40 17.19 0.43 1.45
C GLY A 40 16.30 -0.52 0.65
N PHE A 41 15.58 0.07 -0.30
CA PHE A 41 14.68 -0.72 -1.13
C PHE A 41 14.66 -0.16 -2.57
N ALA A 42 13.59 -0.51 -3.28
CA ALA A 42 13.44 -0.06 -4.65
C ALA A 42 12.10 -0.56 -5.20
N ASN A 43 11.81 -1.82 -4.90
CA ASN A 43 10.57 -2.43 -5.35
C ASN A 43 9.39 -1.56 -4.93
N ARG A 44 9.02 -0.65 -5.83
CA ARG A 44 7.92 0.25 -5.56
C ARG A 44 6.63 -0.54 -5.34
N ASP A 45 6.44 -1.55 -6.17
CA ASP A 45 5.26 -2.38 -6.07
C ASP A 45 5.19 -3.01 -4.68
N ALA A 46 6.28 -3.67 -4.30
CA ALA A 46 6.37 -4.31 -3.00
C ALA A 46 6.22 -3.25 -1.91
N ASN A 47 6.95 -2.16 -2.09
CA ASN A 47 6.92 -1.07 -1.12
C ASN A 47 5.47 -0.61 -0.93
N LEU A 48 4.71 -0.67 -2.02
CA LEU A 48 3.32 -0.27 -1.99
C LEU A 48 2.49 -1.35 -1.30
N GLN A 49 2.50 -2.53 -1.92
CA GLN A 49 1.76 -3.65 -1.38
C GLN A 49 1.91 -3.71 0.14
N ALA A 50 3.08 -3.31 0.60
CA ALA A 50 3.36 -3.32 2.03
C ALA A 50 2.78 -2.05 2.66
N LEU A 51 3.06 -0.93 2.02
CA LEU A 51 2.58 0.35 2.50
C LEU A 51 1.05 0.28 2.69
N VAL A 52 0.38 -0.12 1.62
CA VAL A 52 -1.06 -0.24 1.66
C VAL A 52 -1.47 -1.27 2.71
N ALA A 53 -0.51 -2.13 3.05
CA ALA A 53 -0.75 -3.17 4.04
C ALA A 53 -0.68 -2.55 5.44
N THR A 54 0.11 -1.50 5.54
CA THR A 54 0.28 -0.82 6.82
C THR A 54 -0.53 0.47 6.84
N ASP A 55 -1.43 0.59 5.87
CA ASP A 55 -2.28 1.77 5.77
C ASP A 55 -1.42 2.98 5.38
N GLY A 56 -0.23 2.69 4.88
CA GLY A 56 0.69 3.73 4.47
C GLY A 56 1.66 4.08 5.61
N ASP A 57 2.33 3.07 6.10
CA ASP A 57 3.29 3.26 7.18
C ASP A 57 4.66 2.75 6.73
N ILE A 58 5.33 3.57 5.93
CA ILE A 58 6.64 3.21 5.42
C ILE A 58 7.45 2.53 6.54
N HIS A 59 7.32 3.07 7.74
CA HIS A 59 8.02 2.52 8.88
C HIS A 59 7.68 1.05 9.03
N ALA A 60 6.39 0.78 9.15
CA ALA A 60 5.91 -0.59 9.30
C ALA A 60 6.09 -1.33 7.98
N ALA A 61 6.17 -0.56 6.90
CA ALA A 61 6.34 -1.14 5.58
C ALA A 61 7.75 -1.72 5.47
N ILE A 62 8.71 -0.97 5.98
CA ILE A 62 10.10 -1.40 5.94
C ILE A 62 10.19 -2.85 6.43
N GLU A 63 9.90 -3.03 7.71
CA GLU A 63 9.96 -4.35 8.31
C GLU A 63 9.29 -5.38 7.39
N MET A 64 8.10 -5.01 6.91
CA MET A 64 7.36 -5.88 6.03
C MET A 64 8.12 -6.13 4.72
N LEU A 65 8.91 -5.13 4.34
CA LEU A 65 9.70 -5.22 3.12
C LEU A 65 11.02 -5.93 3.42
N LEU A 66 11.47 -5.77 4.66
CA LEU A 66 12.71 -6.38 5.09
C LEU A 66 12.65 -7.89 4.85
N GLY A 67 11.42 -8.39 4.75
CA GLY A 67 11.20 -9.81 4.52
C GLY A 67 10.51 -10.45 5.73
N ALA A 68 10.07 -9.60 6.64
CA ALA A 68 9.39 -10.07 7.83
C ALA A 68 8.11 -10.80 7.43
N SER A 69 7.17 -10.02 6.92
CA SER A 69 5.90 -10.58 6.48
C SER A 69 6.12 -11.67 5.44
N GLY A 70 6.78 -11.28 4.36
CA GLY A 70 7.08 -12.21 3.28
C GLY A 70 6.66 -11.63 1.92
N PRO A 71 7.35 -12.12 0.85
CA PRO A 71 7.07 -11.65 -0.49
C PRO A 71 5.76 -12.26 -1.01
N SER A 72 5.36 -11.79 -2.19
CA SER A 72 4.14 -12.28 -2.81
C SER A 72 4.40 -12.64 -4.27
N SER A 73 3.52 -13.47 -4.80
CA SER A 73 3.65 -13.90 -6.19
C SER A 73 4.98 -14.62 -6.40
N GLY A 74 4.88 -15.92 -6.68
CA GLY A 74 6.06 -16.73 -6.90
C GLY A 74 5.74 -18.22 -6.81
N GLY A 1 4.10 17.08 24.22
CA GLY A 1 5.03 15.98 23.98
C GLY A 1 4.31 14.64 24.04
N SER A 2 5.10 13.58 24.03
CA SER A 2 4.55 12.23 24.07
C SER A 2 4.55 11.72 25.52
N SER A 3 3.44 11.97 26.19
CA SER A 3 3.29 11.54 27.57
C SER A 3 1.82 11.27 27.89
N GLY A 4 1.58 10.17 28.59
CA GLY A 4 0.23 9.80 28.97
C GLY A 4 -0.31 10.71 30.06
N SER A 5 -1.45 11.34 29.76
CA SER A 5 -2.07 12.24 30.71
C SER A 5 -3.53 12.50 30.29
N SER A 6 -4.28 13.08 31.22
CA SER A 6 -5.68 13.38 30.97
C SER A 6 -5.79 14.38 29.83
N GLY A 7 -6.74 14.12 28.95
CA GLY A 7 -6.98 14.99 27.81
C GLY A 7 -5.77 14.99 26.87
N ALA A 8 -6.06 14.80 25.58
CA ALA A 8 -5.01 14.78 24.58
C ALA A 8 -5.65 14.78 23.19
N ARG A 9 -5.65 15.96 22.58
CA ARG A 9 -6.23 16.11 21.25
C ARG A 9 -7.71 15.75 21.27
N ALA A 10 -8.44 16.32 20.33
CA ALA A 10 -9.88 16.08 20.23
C ALA A 10 -10.14 15.15 19.04
N CYS A 11 -9.77 15.62 17.87
CA CYS A 11 -9.96 14.85 16.65
C CYS A 11 -8.95 15.32 15.61
N SER A 12 -8.78 14.50 14.57
CA SER A 12 -7.85 14.83 13.51
C SER A 12 -8.03 13.84 12.35
N GLN A 13 -7.85 12.57 12.67
CA GLN A 13 -7.99 11.52 11.67
C GLN A 13 -9.35 11.63 10.97
N SER A 14 -9.36 11.18 9.73
CA SER A 14 -10.59 11.22 8.93
C SER A 14 -11.03 9.79 8.60
N SER A 15 -10.15 9.07 7.91
CA SER A 15 -10.44 7.71 7.52
C SER A 15 -11.68 7.67 6.62
N GLN A 16 -11.43 7.44 5.33
CA GLN A 16 -12.51 7.37 4.36
C GLN A 16 -12.02 6.76 3.05
N THR A 17 -12.79 5.81 2.55
CA THR A 17 -12.44 5.13 1.32
C THR A 17 -13.70 4.79 0.52
N ALA A 18 -13.50 4.52 -0.76
CA ALA A 18 -14.61 4.17 -1.63
C ALA A 18 -14.07 3.74 -3.00
N LEU A 19 -14.27 2.46 -3.31
CA LEU A 19 -13.81 1.91 -4.57
C LEU A 19 -12.28 1.81 -4.55
N PRO A 20 -11.79 0.56 -4.73
CA PRO A 20 -10.36 0.32 -4.72
C PRO A 20 -9.72 0.79 -6.03
N THR A 21 -9.10 1.95 -5.96
CA THR A 21 -8.44 2.53 -7.12
C THR A 21 -6.94 2.22 -7.10
N SER A 22 -6.47 1.67 -8.21
CA SER A 22 -5.06 1.32 -8.33
C SER A 22 -4.21 2.60 -8.37
N LEU A 23 -4.81 3.66 -8.90
CA LEU A 23 -4.11 4.93 -9.00
C LEU A 23 -4.42 5.77 -7.75
N PHE A 24 -4.78 5.06 -6.68
CA PHE A 24 -5.10 5.72 -5.43
C PHE A 24 -4.04 5.42 -4.36
N THR A 25 -3.10 4.56 -4.75
CA THR A 25 -2.03 4.18 -3.84
C THR A 25 -0.69 4.73 -4.33
N GLU A 26 -0.63 4.99 -5.63
CA GLU A 26 0.58 5.52 -6.23
C GLU A 26 0.56 7.05 -6.20
N GLY A 27 -0.37 7.58 -5.42
CA GLY A 27 -0.51 9.02 -5.29
C GLY A 27 -0.32 9.47 -3.84
N ARG A 28 -0.80 8.64 -2.93
CA ARG A 28 -0.69 8.94 -1.52
C ARG A 28 0.76 8.77 -1.05
N TYR A 29 1.18 7.52 -0.98
CA TYR A 29 2.54 7.21 -0.56
C TYR A 29 3.51 7.21 -1.75
N GLN A 30 3.28 8.14 -2.65
CA GLN A 30 4.12 8.26 -3.83
C GLN A 30 5.58 8.49 -3.43
N GLN A 31 5.77 9.41 -2.50
CA GLN A 31 7.10 9.73 -2.03
C GLN A 31 7.68 8.55 -1.23
N GLU A 32 6.79 7.89 -0.50
CA GLU A 32 7.20 6.75 0.30
C GLU A 32 8.04 5.77 -0.53
N LEU A 33 7.43 5.33 -1.64
CA LEU A 33 8.10 4.40 -2.52
C LEU A 33 9.51 4.92 -2.83
N GLU A 34 9.60 6.22 -3.03
CA GLU A 34 10.88 6.85 -3.33
C GLU A 34 11.80 6.78 -2.11
N GLU A 35 11.20 6.94 -0.94
CA GLU A 35 11.95 6.89 0.30
C GLU A 35 12.63 5.54 0.46
N LEU A 36 11.81 4.50 0.48
CA LEU A 36 12.33 3.15 0.63
C LEU A 36 13.45 2.92 -0.38
N LYS A 37 13.27 3.51 -1.55
CA LYS A 37 14.26 3.37 -2.61
C LYS A 37 15.61 3.93 -2.12
N ALA A 38 15.54 4.66 -1.02
CA ALA A 38 16.74 5.24 -0.43
C ALA A 38 17.03 4.58 0.92
N LEU A 39 15.94 4.32 1.65
CA LEU A 39 16.06 3.69 2.96
C LEU A 39 16.83 2.38 2.83
N GLY A 40 16.51 1.65 1.77
CA GLY A 40 17.16 0.37 1.52
C GLY A 40 16.25 -0.57 0.72
N PHE A 41 15.54 0.02 -0.23
CA PHE A 41 14.64 -0.76 -1.06
C PHE A 41 14.60 -0.21 -2.50
N ALA A 42 13.52 -0.52 -3.18
CA ALA A 42 13.34 -0.07 -4.55
C ALA A 42 11.97 -0.51 -5.07
N ASN A 43 11.75 -1.82 -5.01
CA ASN A 43 10.49 -2.38 -5.46
C ASN A 43 9.34 -1.48 -5.03
N ARG A 44 8.90 -0.63 -5.96
CA ARG A 44 7.82 0.29 -5.68
C ARG A 44 6.52 -0.49 -5.41
N ASP A 45 6.22 -1.41 -6.31
CA ASP A 45 5.02 -2.21 -6.18
C ASP A 45 5.03 -2.92 -4.83
N ALA A 46 6.18 -3.50 -4.51
CA ALA A 46 6.33 -4.21 -3.25
C ALA A 46 6.24 -3.22 -2.09
N ASN A 47 6.92 -2.10 -2.25
CA ASN A 47 6.93 -1.06 -1.24
C ASN A 47 5.49 -0.62 -0.97
N LEU A 48 4.72 -0.53 -2.04
CA LEU A 48 3.33 -0.11 -1.93
C LEU A 48 2.52 -1.22 -1.26
N GLN A 49 2.47 -2.37 -1.92
CA GLN A 49 1.74 -3.51 -1.40
C GLN A 49 1.96 -3.62 0.11
N ALA A 50 3.17 -3.31 0.53
CA ALA A 50 3.52 -3.37 1.94
C ALA A 50 2.98 -2.13 2.65
N LEU A 51 3.21 -0.99 2.02
CA LEU A 51 2.74 0.28 2.59
C LEU A 51 1.24 0.20 2.84
N VAL A 52 0.51 -0.10 1.77
CA VAL A 52 -0.94 -0.20 1.85
C VAL A 52 -1.31 -1.24 2.91
N ALA A 53 -0.42 -2.22 3.06
CA ALA A 53 -0.64 -3.29 4.03
C ALA A 53 -0.60 -2.70 5.44
N THR A 54 0.13 -1.59 5.56
CA THR A 54 0.26 -0.93 6.85
C THR A 54 -0.57 0.36 6.88
N ASP A 55 -1.36 0.53 5.83
CA ASP A 55 -2.21 1.71 5.72
C ASP A 55 -1.37 2.88 5.22
N GLY A 56 -0.16 2.57 4.79
CA GLY A 56 0.75 3.60 4.30
C GLY A 56 1.74 4.02 5.38
N ASP A 57 2.28 3.03 6.06
CA ASP A 57 3.25 3.28 7.12
C ASP A 57 4.64 2.78 6.67
N ILE A 58 5.30 3.61 5.89
CA ILE A 58 6.62 3.28 5.39
C ILE A 58 7.42 2.59 6.50
N HIS A 59 7.21 3.08 7.72
CA HIS A 59 7.90 2.53 8.88
C HIS A 59 7.57 1.04 9.00
N ALA A 60 6.29 0.76 9.18
CA ALA A 60 5.85 -0.61 9.32
C ALA A 60 6.04 -1.35 7.98
N ALA A 61 6.11 -0.57 6.92
CA ALA A 61 6.30 -1.12 5.60
C ALA A 61 7.71 -1.69 5.48
N ILE A 62 8.65 -0.97 6.06
CA ILE A 62 10.04 -1.39 6.03
C ILE A 62 10.14 -2.83 6.53
N GLU A 63 9.87 -3.00 7.82
CA GLU A 63 9.92 -4.33 8.43
C GLU A 63 9.31 -5.37 7.48
N MET A 64 8.14 -5.03 6.96
CA MET A 64 7.44 -5.92 6.05
C MET A 64 8.26 -6.17 4.78
N LEU A 65 8.93 -5.11 4.34
CA LEU A 65 9.75 -5.19 3.14
C LEU A 65 11.09 -5.84 3.49
N LEU A 66 11.43 -5.78 4.77
CA LEU A 66 12.69 -6.35 5.24
C LEU A 66 12.64 -7.87 5.04
N GLY A 67 11.43 -8.38 4.90
CA GLY A 67 11.24 -9.81 4.71
C GLY A 67 10.56 -10.44 5.93
N ALA A 68 9.96 -9.59 6.74
CA ALA A 68 9.28 -10.05 7.94
C ALA A 68 7.99 -10.76 7.55
N SER A 69 7.02 -9.96 7.12
CA SER A 69 5.73 -10.50 6.72
C SER A 69 5.51 -10.28 5.21
N GLY A 70 4.43 -10.84 4.72
CA GLY A 70 4.10 -10.70 3.31
C GLY A 70 4.76 -11.82 2.49
N PRO A 71 4.16 -12.08 1.30
CA PRO A 71 4.68 -13.10 0.41
C PRO A 71 5.95 -12.63 -0.30
N SER A 72 6.70 -13.60 -0.82
CA SER A 72 7.94 -13.28 -1.51
C SER A 72 8.10 -14.21 -2.72
N SER A 73 9.02 -13.83 -3.60
CA SER A 73 9.28 -14.62 -4.80
C SER A 73 10.26 -15.76 -4.47
N GLY A 74 9.83 -16.97 -4.79
CA GLY A 74 10.65 -18.14 -4.53
C GLY A 74 9.86 -19.43 -4.80
N GLY A 1 0.88 -32.60 -12.00
CA GLY A 1 0.59 -31.74 -13.12
C GLY A 1 -0.22 -30.51 -12.69
N SER A 2 -0.01 -29.41 -13.40
CA SER A 2 -0.71 -28.18 -13.10
C SER A 2 -1.06 -27.44 -14.39
N SER A 3 -0.02 -27.13 -15.16
CA SER A 3 -0.20 -26.43 -16.41
C SER A 3 -1.13 -25.22 -16.22
N GLY A 4 -0.52 -24.07 -16.01
CA GLY A 4 -1.27 -22.86 -15.80
C GLY A 4 -0.74 -22.07 -14.59
N SER A 5 -0.56 -20.78 -14.80
CA SER A 5 -0.06 -19.92 -13.74
C SER A 5 -0.21 -18.45 -14.14
N SER A 6 -1.38 -17.91 -13.82
CA SER A 6 -1.67 -16.52 -14.14
C SER A 6 -2.66 -15.94 -13.14
N GLY A 7 -3.82 -16.57 -13.08
CA GLY A 7 -4.87 -16.13 -12.17
C GLY A 7 -5.08 -14.62 -12.27
N ALA A 8 -5.67 -14.21 -13.38
CA ALA A 8 -5.94 -12.79 -13.60
C ALA A 8 -4.61 -12.03 -13.64
N ARG A 9 -4.40 -11.33 -14.75
CA ARG A 9 -3.19 -10.55 -14.92
C ARG A 9 -3.46 -9.07 -14.69
N ALA A 10 -4.42 -8.57 -15.46
CA ALA A 10 -4.79 -7.16 -15.36
C ALA A 10 -6.09 -6.92 -16.14
N CYS A 11 -6.73 -5.81 -15.83
CA CYS A 11 -7.97 -5.46 -16.50
C CYS A 11 -8.38 -4.05 -16.05
N SER A 12 -8.81 -3.25 -17.00
CA SER A 12 -9.24 -1.89 -16.72
C SER A 12 -10.24 -1.42 -17.77
N GLN A 13 -11.36 -0.90 -17.29
CA GLN A 13 -12.40 -0.41 -18.17
C GLN A 13 -13.57 0.13 -17.36
N SER A 14 -13.43 1.38 -16.93
CA SER A 14 -14.47 2.03 -16.15
C SER A 14 -14.11 3.49 -15.92
N SER A 15 -15.11 4.25 -15.51
CA SER A 15 -14.92 5.67 -15.26
C SER A 15 -15.34 6.00 -13.82
N GLN A 16 -14.45 5.72 -12.89
CA GLN A 16 -14.73 5.98 -11.49
C GLN A 16 -16.08 5.39 -11.09
N THR A 17 -16.05 4.11 -10.75
CA THR A 17 -17.27 3.42 -10.36
C THR A 17 -16.95 2.30 -9.36
N ALA A 18 -16.11 2.64 -8.39
CA ALA A 18 -15.71 1.67 -7.38
C ALA A 18 -14.92 0.54 -8.04
N LEU A 19 -13.72 0.88 -8.48
CA LEU A 19 -12.85 -0.09 -9.13
C LEU A 19 -11.42 0.08 -8.62
N PRO A 20 -10.64 -1.03 -8.67
CA PRO A 20 -9.26 -1.01 -8.23
C PRO A 20 -8.37 -0.30 -9.25
N THR A 21 -8.03 0.94 -8.93
CA THR A 21 -7.19 1.74 -9.81
C THR A 21 -5.72 1.54 -9.44
N SER A 22 -4.92 1.22 -10.46
CA SER A 22 -3.50 1.00 -10.26
C SER A 22 -2.82 2.34 -9.94
N LEU A 23 -3.37 3.40 -10.48
CA LEU A 23 -2.83 4.73 -10.25
C LEU A 23 -3.52 5.37 -9.05
N PHE A 24 -4.05 4.51 -8.18
CA PHE A 24 -4.74 4.96 -6.99
C PHE A 24 -3.93 4.66 -5.74
N THR A 25 -2.83 3.95 -5.93
CA THR A 25 -1.96 3.59 -4.83
C THR A 25 -0.61 4.29 -4.95
N GLU A 26 -0.30 4.69 -6.19
CA GLU A 26 0.95 5.38 -6.46
C GLU A 26 0.79 6.88 -6.23
N GLY A 27 -0.36 7.24 -5.70
CA GLY A 27 -0.66 8.65 -5.44
C GLY A 27 -0.91 8.88 -3.95
N ARG A 28 -0.99 7.78 -3.21
CA ARG A 28 -1.24 7.86 -1.78
C ARG A 28 0.09 7.88 -1.02
N TYR A 29 1.09 7.23 -1.61
CA TYR A 29 2.40 7.17 -1.00
C TYR A 29 3.50 7.15 -2.07
N GLN A 30 3.41 8.10 -2.99
CA GLN A 30 4.38 8.21 -4.06
C GLN A 30 5.77 8.45 -3.48
N GLN A 31 5.83 9.39 -2.54
CA GLN A 31 7.10 9.74 -1.91
C GLN A 31 7.65 8.54 -1.14
N GLU A 32 6.75 7.86 -0.44
CA GLU A 32 7.13 6.69 0.34
C GLU A 32 7.98 5.74 -0.51
N LEU A 33 7.43 5.39 -1.65
CA LEU A 33 8.11 4.48 -2.57
C LEU A 33 9.51 5.03 -2.86
N GLU A 34 9.58 6.34 -2.99
CA GLU A 34 10.85 7.00 -3.27
C GLU A 34 11.78 6.89 -2.06
N GLU A 35 11.19 7.01 -0.88
CA GLU A 35 11.96 6.93 0.35
C GLU A 35 12.65 5.57 0.46
N LEU A 36 11.83 4.53 0.45
CA LEU A 36 12.34 3.17 0.55
C LEU A 36 13.47 2.98 -0.47
N LYS A 37 13.29 3.62 -1.62
CA LYS A 37 14.28 3.53 -2.68
C LYS A 37 15.62 4.09 -2.17
N ALA A 38 15.54 4.77 -1.05
CA ALA A 38 16.73 5.36 -0.44
C ALA A 38 17.02 4.68 0.89
N LEU A 39 15.93 4.37 1.60
CA LEU A 39 16.05 3.73 2.91
C LEU A 39 16.83 2.41 2.74
N GLY A 40 16.51 1.70 1.68
CA GLY A 40 17.17 0.44 1.40
C GLY A 40 16.25 -0.50 0.61
N PHE A 41 15.54 0.08 -0.34
CA PHE A 41 14.62 -0.68 -1.17
C PHE A 41 14.60 -0.14 -2.61
N ALA A 42 13.55 -0.51 -3.32
CA ALA A 42 13.38 -0.06 -4.69
C ALA A 42 12.05 -0.61 -5.25
N ASN A 43 11.78 -1.86 -4.91
CA ASN A 43 10.56 -2.49 -5.37
C ASN A 43 9.36 -1.65 -4.93
N ARG A 44 8.99 -0.72 -5.79
CA ARG A 44 7.86 0.16 -5.52
C ARG A 44 6.61 -0.67 -5.25
N ASP A 45 6.19 -1.42 -6.27
CA ASP A 45 5.01 -2.25 -6.15
C ASP A 45 5.00 -2.93 -4.79
N ALA A 46 6.15 -3.49 -4.43
CA ALA A 46 6.28 -4.17 -3.15
C ALA A 46 6.12 -3.16 -2.02
N ASN A 47 6.84 -2.05 -2.16
CA ASN A 47 6.78 -0.99 -1.15
C ASN A 47 5.33 -0.56 -0.95
N LEU A 48 4.64 -0.42 -2.07
CA LEU A 48 3.24 -0.01 -2.03
C LEU A 48 2.41 -1.10 -1.36
N GLN A 49 2.37 -2.26 -2.01
CA GLN A 49 1.62 -3.39 -1.48
C GLN A 49 1.81 -3.49 0.03
N ALA A 50 3.03 -3.21 0.47
CA ALA A 50 3.35 -3.27 1.89
C ALA A 50 2.80 -2.03 2.58
N LEU A 51 3.14 -0.87 2.02
CA LEU A 51 2.69 0.39 2.58
C LEU A 51 1.17 0.33 2.80
N VAL A 52 0.45 0.14 1.71
CA VAL A 52 -1.00 0.07 1.78
C VAL A 52 -1.41 -0.98 2.81
N ALA A 53 -0.60 -2.04 2.89
CA ALA A 53 -0.86 -3.11 3.83
C ALA A 53 -0.81 -2.56 5.26
N THR A 54 0.07 -1.58 5.44
CA THR A 54 0.23 -0.97 6.75
C THR A 54 -0.55 0.34 6.83
N ASP A 55 -1.46 0.49 5.86
CA ASP A 55 -2.29 1.69 5.81
C ASP A 55 -1.44 2.87 5.30
N GLY A 56 -0.21 2.55 4.93
CA GLY A 56 0.70 3.56 4.43
C GLY A 56 1.73 3.94 5.48
N ASP A 57 2.21 2.94 6.19
CA ASP A 57 3.20 3.15 7.23
C ASP A 57 4.56 2.64 6.76
N ILE A 58 5.21 3.46 5.95
CA ILE A 58 6.52 3.11 5.42
C ILE A 58 7.35 2.44 6.51
N HIS A 59 7.21 2.97 7.73
CA HIS A 59 7.93 2.44 8.86
C HIS A 59 7.62 0.95 9.03
N ALA A 60 6.33 0.65 9.00
CA ALA A 60 5.88 -0.73 9.15
C ALA A 60 6.14 -1.48 7.84
N ALA A 61 6.21 -0.73 6.76
CA ALA A 61 6.46 -1.31 5.45
C ALA A 61 7.89 -1.86 5.41
N ILE A 62 8.81 -1.07 5.94
CA ILE A 62 10.20 -1.47 5.96
C ILE A 62 10.32 -2.90 6.49
N GLU A 63 9.97 -3.06 7.76
CA GLU A 63 10.02 -4.36 8.40
C GLU A 63 9.37 -5.41 7.50
N MET A 64 8.18 -5.06 7.02
CA MET A 64 7.44 -5.98 6.15
C MET A 64 8.21 -6.24 4.86
N LEU A 65 9.06 -5.30 4.50
CA LEU A 65 9.85 -5.42 3.29
C LEU A 65 11.19 -6.10 3.62
N LEU A 66 11.64 -5.88 4.85
CA LEU A 66 12.89 -6.46 5.30
C LEU A 66 12.80 -7.98 5.21
N GLY A 67 11.57 -8.47 5.23
CA GLY A 67 11.34 -9.90 5.16
C GLY A 67 10.82 -10.45 6.49
N ALA A 68 10.16 -9.57 7.24
CA ALA A 68 9.63 -9.95 8.54
C ALA A 68 8.22 -10.52 8.36
N SER A 69 7.28 -9.63 8.10
CA SER A 69 5.90 -10.04 7.90
C SER A 69 5.50 -9.83 6.44
N GLY A 70 4.35 -10.41 6.09
CA GLY A 70 3.85 -10.30 4.73
C GLY A 70 4.41 -11.42 3.85
N PRO A 71 3.47 -12.21 3.26
CA PRO A 71 3.86 -13.31 2.39
C PRO A 71 4.33 -12.80 1.04
N SER A 72 5.66 -12.76 0.88
CA SER A 72 6.25 -12.29 -0.37
C SER A 72 7.76 -12.44 -0.30
N SER A 73 8.23 -13.63 -0.65
CA SER A 73 9.66 -13.91 -0.63
C SER A 73 10.34 -13.18 -1.79
N GLY A 74 11.62 -12.87 -1.58
CA GLY A 74 12.39 -12.18 -2.60
C GLY A 74 13.63 -11.53 -1.99
N GLY A 1 -24.48 8.84 37.79
CA GLY A 1 -25.03 7.55 37.39
C GLY A 1 -24.02 6.74 36.58
N SER A 2 -24.00 5.44 36.85
CA SER A 2 -23.08 4.56 36.15
C SER A 2 -23.87 3.45 35.45
N SER A 3 -23.49 3.22 34.20
CA SER A 3 -24.16 2.18 33.40
C SER A 3 -23.35 0.89 33.45
N GLY A 4 -22.10 0.99 33.02
CA GLY A 4 -21.22 -0.16 33.02
C GLY A 4 -21.15 -0.78 31.62
N SER A 5 -20.70 0.03 30.67
CA SER A 5 -20.58 -0.42 29.30
C SER A 5 -21.96 -0.71 28.71
N SER A 6 -22.10 -0.40 27.43
CA SER A 6 -23.37 -0.61 26.74
C SER A 6 -23.25 -0.19 25.28
N GLY A 7 -23.51 -1.14 24.39
CA GLY A 7 -23.43 -0.88 22.97
C GLY A 7 -22.43 -1.83 22.30
N ALA A 8 -22.55 -1.93 20.98
CA ALA A 8 -21.67 -2.79 20.21
C ALA A 8 -22.02 -2.68 18.73
N ARG A 9 -21.08 -3.10 17.89
CA ARG A 9 -21.28 -3.05 16.46
C ARG A 9 -21.17 -4.46 15.86
N ALA A 10 -22.32 -4.96 15.40
CA ALA A 10 -22.36 -6.28 14.81
C ALA A 10 -21.76 -6.23 13.40
N CYS A 11 -20.74 -7.05 13.20
CA CYS A 11 -20.05 -7.11 11.92
C CYS A 11 -19.51 -5.71 11.60
N SER A 12 -18.66 -5.67 10.59
CA SER A 12 -18.05 -4.41 10.18
C SER A 12 -18.32 -4.16 8.69
N GLN A 13 -18.69 -2.93 8.38
CA GLN A 13 -18.98 -2.56 7.01
C GLN A 13 -17.98 -1.51 6.53
N SER A 14 -17.46 -1.74 5.33
CA SER A 14 -16.49 -0.82 4.74
C SER A 14 -16.05 -1.33 3.37
N SER A 15 -16.01 -0.42 2.42
CA SER A 15 -15.61 -0.77 1.06
C SER A 15 -16.59 -1.78 0.47
N GLN A 16 -17.11 -1.43 -0.70
CA GLN A 16 -18.06 -2.30 -1.38
C GLN A 16 -18.61 -1.59 -2.63
N THR A 17 -18.79 -0.29 -2.50
CA THR A 17 -19.32 0.51 -3.60
C THR A 17 -18.19 1.32 -4.25
N ALA A 18 -17.08 1.40 -3.54
CA ALA A 18 -15.93 2.13 -4.05
C ALA A 18 -15.24 1.31 -5.14
N LEU A 19 -14.26 1.93 -5.77
CA LEU A 19 -13.52 1.27 -6.84
C LEU A 19 -12.02 1.44 -6.58
N PRO A 20 -11.22 0.48 -7.13
CA PRO A 20 -9.78 0.51 -6.98
C PRO A 20 -9.16 1.59 -7.87
N THR A 21 -8.81 2.70 -7.25
CA THR A 21 -8.21 3.80 -7.98
C THR A 21 -6.69 3.64 -8.00
N SER A 22 -6.13 3.75 -9.21
CA SER A 22 -4.70 3.62 -9.40
C SER A 22 -3.98 4.81 -8.75
N LEU A 23 -4.57 5.98 -8.95
CA LEU A 23 -4.00 7.20 -8.40
C LEU A 23 -4.57 7.44 -7.00
N PHE A 24 -4.71 6.36 -6.26
CA PHE A 24 -5.25 6.44 -4.91
C PHE A 24 -4.26 5.86 -3.90
N THR A 25 -3.10 5.47 -4.40
CA THR A 25 -2.07 4.90 -3.56
C THR A 25 -0.69 5.42 -3.98
N GLU A 26 -0.48 5.46 -5.28
CA GLU A 26 0.78 5.93 -5.82
C GLU A 26 0.85 7.46 -5.76
N GLY A 27 -0.21 8.04 -5.22
CA GLY A 27 -0.28 9.49 -5.08
C GLY A 27 -0.15 9.91 -3.62
N ARG A 28 -0.59 9.03 -2.74
CA ARG A 28 -0.52 9.30 -1.31
C ARG A 28 0.88 9.01 -0.78
N TYR A 29 1.32 7.78 -1.00
CA TYR A 29 2.64 7.38 -0.55
C TYR A 29 3.65 7.40 -1.71
N GLN A 30 3.46 8.38 -2.58
CA GLN A 30 4.34 8.54 -3.73
C GLN A 30 5.79 8.70 -3.27
N GLN A 31 5.96 9.50 -2.22
CA GLN A 31 7.29 9.75 -1.67
C GLN A 31 7.80 8.51 -0.94
N GLU A 32 6.87 7.82 -0.28
CA GLU A 32 7.22 6.62 0.46
C GLU A 32 8.03 5.68 -0.41
N LEU A 33 7.49 5.38 -1.59
CA LEU A 33 8.16 4.49 -2.51
C LEU A 33 9.56 5.02 -2.81
N GLU A 34 9.65 6.34 -2.87
CA GLU A 34 10.92 7.00 -3.14
C GLU A 34 11.87 6.84 -1.96
N GLU A 35 11.30 6.96 -0.77
CA GLU A 35 12.08 6.83 0.44
C GLU A 35 12.72 5.43 0.52
N LEU A 36 11.86 4.42 0.51
CA LEU A 36 12.33 3.05 0.58
C LEU A 36 13.42 2.83 -0.47
N LYS A 37 13.25 3.51 -1.60
CA LYS A 37 14.21 3.40 -2.69
C LYS A 37 15.58 3.89 -2.20
N ALA A 38 15.57 4.54 -1.04
CA ALA A 38 16.79 5.05 -0.46
C ALA A 38 17.06 4.35 0.86
N LEU A 39 15.98 4.08 1.59
CA LEU A 39 16.09 3.40 2.87
C LEU A 39 16.82 2.06 2.69
N GLY A 40 16.46 1.39 1.61
CA GLY A 40 17.06 0.10 1.30
C GLY A 40 16.10 -0.78 0.49
N PHE A 41 15.42 -0.13 -0.46
CA PHE A 41 14.47 -0.83 -1.31
C PHE A 41 14.46 -0.23 -2.72
N ALA A 42 13.39 -0.52 -3.44
CA ALA A 42 13.24 -0.02 -4.79
C ALA A 42 11.88 -0.44 -5.34
N ASN A 43 11.61 -1.73 -5.27
CA ASN A 43 10.36 -2.27 -5.75
C ASN A 43 9.20 -1.39 -5.25
N ARG A 44 8.80 -0.47 -6.11
CA ARG A 44 7.71 0.44 -5.77
C ARG A 44 6.44 -0.35 -5.45
N ASP A 45 6.15 -1.33 -6.29
CA ASP A 45 4.98 -2.16 -6.11
C ASP A 45 5.05 -2.85 -4.74
N ALA A 46 6.15 -3.58 -4.54
CA ALA A 46 6.35 -4.28 -3.29
C ALA A 46 6.26 -3.29 -2.13
N ASN A 47 6.95 -2.17 -2.29
CA ASN A 47 6.96 -1.14 -1.27
C ASN A 47 5.52 -0.70 -0.98
N LEU A 48 4.75 -0.56 -2.05
CA LEU A 48 3.36 -0.14 -1.91
C LEU A 48 2.57 -1.27 -1.26
N GLN A 49 2.52 -2.40 -1.94
CA GLN A 49 1.81 -3.55 -1.43
C GLN A 49 2.00 -3.69 0.08
N ALA A 50 3.19 -3.29 0.52
CA ALA A 50 3.51 -3.35 1.93
C ALA A 50 2.92 -2.15 2.65
N LEU A 51 3.20 -0.97 2.10
CA LEU A 51 2.70 0.27 2.67
C LEU A 51 1.19 0.15 2.87
N VAL A 52 0.49 -0.09 1.78
CA VAL A 52 -0.95 -0.22 1.81
C VAL A 52 -1.33 -1.28 2.84
N ALA A 53 -0.44 -2.25 3.00
CA ALA A 53 -0.68 -3.33 3.94
C ALA A 53 -0.66 -2.77 5.37
N THR A 54 0.10 -1.70 5.54
CA THR A 54 0.21 -1.06 6.84
C THR A 54 -0.62 0.22 6.87
N ASP A 55 -1.38 0.43 5.81
CA ASP A 55 -2.21 1.62 5.71
C ASP A 55 -1.36 2.82 5.31
N GLY A 56 -0.34 2.54 4.51
CA GLY A 56 0.56 3.58 4.06
C GLY A 56 1.54 3.98 5.16
N ASP A 57 2.04 2.98 5.86
CA ASP A 57 2.98 3.22 6.95
C ASP A 57 4.36 2.69 6.55
N ILE A 58 5.12 3.54 5.88
CA ILE A 58 6.45 3.19 5.44
C ILE A 58 7.19 2.48 6.58
N HIS A 59 7.15 3.13 7.73
CA HIS A 59 7.82 2.58 8.91
C HIS A 59 7.51 1.09 9.02
N ALA A 60 6.23 0.78 9.13
CA ALA A 60 5.78 -0.59 9.26
C ALA A 60 6.03 -1.32 7.92
N ALA A 61 6.12 -0.52 6.86
CA ALA A 61 6.35 -1.07 5.53
C ALA A 61 7.77 -1.63 5.46
N ILE A 62 8.70 -0.87 6.02
CA ILE A 62 10.09 -1.28 6.03
C ILE A 62 10.21 -2.71 6.56
N GLU A 63 9.86 -2.85 7.84
CA GLU A 63 9.93 -4.16 8.48
C GLU A 63 9.36 -5.23 7.55
N MET A 64 8.21 -4.91 6.96
CA MET A 64 7.56 -5.84 6.06
C MET A 64 8.40 -6.07 4.80
N LEU A 65 9.10 -5.01 4.40
CA LEU A 65 9.94 -5.08 3.22
C LEU A 65 11.31 -5.63 3.60
N LEU A 66 11.55 -5.68 4.91
CA LEU A 66 12.81 -6.18 5.42
C LEU A 66 12.78 -7.71 5.42
N GLY A 67 11.59 -8.25 5.25
CA GLY A 67 11.42 -9.69 5.23
C GLY A 67 10.93 -10.21 6.59
N ALA A 68 9.99 -9.46 7.16
CA ALA A 68 9.43 -9.83 8.45
C ALA A 68 8.05 -10.45 8.25
N SER A 69 7.21 -9.70 7.55
CA SER A 69 5.85 -10.16 7.28
C SER A 69 5.05 -10.23 8.58
N GLY A 70 3.77 -9.92 8.47
CA GLY A 70 2.89 -9.95 9.63
C GLY A 70 1.45 -10.26 9.21
N PRO A 71 0.50 -9.70 10.01
CA PRO A 71 -0.91 -9.92 9.73
C PRO A 71 -1.37 -9.08 8.54
N SER A 72 -1.47 -9.76 7.40
CA SER A 72 -1.90 -9.09 6.18
C SER A 72 -3.32 -9.51 5.83
N SER A 73 -3.54 -10.82 5.80
CA SER A 73 -4.85 -11.35 5.48
C SER A 73 -5.30 -10.88 4.10
N GLY A 74 -5.24 -11.79 3.15
CA GLY A 74 -5.63 -11.48 1.78
C GLY A 74 -4.44 -11.61 0.83
N GLY A 1 -8.47 -13.68 33.38
CA GLY A 1 -8.30 -14.20 32.04
C GLY A 1 -9.49 -13.81 31.15
N SER A 2 -9.16 -13.22 30.01
CA SER A 2 -10.18 -12.80 29.07
C SER A 2 -9.57 -12.65 27.67
N SER A 3 -10.46 -12.50 26.69
CA SER A 3 -10.02 -12.35 25.31
C SER A 3 -9.32 -13.62 24.83
N GLY A 4 -9.26 -13.77 23.52
CA GLY A 4 -8.64 -14.93 22.92
C GLY A 4 -8.62 -14.83 21.39
N SER A 5 -8.41 -15.97 20.76
CA SER A 5 -8.36 -16.02 19.31
C SER A 5 -8.23 -17.47 18.84
N SER A 6 -9.04 -17.82 17.85
CA SER A 6 -9.02 -19.17 17.30
C SER A 6 -8.31 -19.17 15.95
N GLY A 7 -8.84 -18.38 15.04
CA GLY A 7 -8.27 -18.28 13.70
C GLY A 7 -9.34 -18.51 12.63
N ALA A 8 -8.99 -18.12 11.41
CA ALA A 8 -9.91 -18.26 10.29
C ALA A 8 -9.14 -18.08 8.98
N ARG A 9 -9.41 -18.98 8.04
CA ARG A 9 -8.75 -18.92 6.75
C ARG A 9 -8.68 -17.48 6.24
N ALA A 10 -7.52 -17.13 5.71
CA ALA A 10 -7.31 -15.79 5.19
C ALA A 10 -6.98 -15.88 3.69
N CYS A 11 -5.88 -16.53 3.40
CA CYS A 11 -5.44 -16.70 2.03
C CYS A 11 -6.57 -17.33 1.23
N SER A 12 -6.71 -16.88 0.00
CA SER A 12 -7.75 -17.39 -0.88
C SER A 12 -7.60 -16.79 -2.28
N GLN A 13 -7.67 -15.47 -2.34
CA GLN A 13 -7.54 -14.77 -3.61
C GLN A 13 -8.25 -15.55 -4.72
N SER A 14 -9.58 -15.46 -4.69
CA SER A 14 -10.39 -16.14 -5.68
C SER A 14 -11.77 -15.48 -5.79
N SER A 15 -11.79 -14.38 -6.53
CA SER A 15 -13.04 -13.64 -6.71
C SER A 15 -12.87 -12.62 -7.84
N GLN A 16 -12.04 -11.62 -7.57
CA GLN A 16 -11.78 -10.57 -8.55
C GLN A 16 -12.99 -9.64 -8.65
N THR A 17 -13.05 -8.69 -7.73
CA THR A 17 -14.15 -7.73 -7.71
C THR A 17 -13.62 -6.34 -7.35
N ALA A 18 -13.30 -5.58 -8.39
CA ALA A 18 -12.79 -4.23 -8.21
C ALA A 18 -11.50 -4.29 -7.40
N LEU A 19 -10.84 -3.14 -7.32
CA LEU A 19 -9.59 -3.05 -6.58
C LEU A 19 -9.60 -1.78 -5.73
N PRO A 20 -8.69 -1.75 -4.72
CA PRO A 20 -8.59 -0.61 -3.83
C PRO A 20 -7.92 0.58 -4.52
N THR A 21 -8.47 0.94 -5.67
CA THR A 21 -7.93 2.05 -6.43
C THR A 21 -6.40 2.08 -6.32
N SER A 22 -5.77 1.18 -7.06
CA SER A 22 -4.31 1.09 -7.06
C SER A 22 -3.71 2.35 -7.69
N LEU A 23 -4.53 3.01 -8.50
CA LEU A 23 -4.10 4.22 -9.17
C LEU A 23 -4.19 5.40 -8.20
N PHE A 24 -4.60 5.09 -6.97
CA PHE A 24 -4.74 6.11 -5.95
C PHE A 24 -3.73 5.90 -4.82
N THR A 25 -3.02 4.77 -4.90
CA THR A 25 -2.03 4.44 -3.90
C THR A 25 -0.64 4.91 -4.36
N GLU A 26 -0.51 5.12 -5.65
CA GLU A 26 0.74 5.55 -6.22
C GLU A 26 0.83 7.08 -6.20
N GLY A 27 -0.20 7.69 -5.61
CA GLY A 27 -0.24 9.14 -5.52
C GLY A 27 -0.15 9.61 -4.06
N ARG A 28 -0.66 8.76 -3.18
CA ARG A 28 -0.64 9.07 -1.75
C ARG A 28 0.79 8.92 -1.20
N TYR A 29 1.22 7.67 -1.10
CA TYR A 29 2.56 7.38 -0.60
C TYR A 29 3.58 7.39 -1.72
N GLN A 30 3.43 8.34 -2.64
CA GLN A 30 4.33 8.46 -3.77
C GLN A 30 5.77 8.66 -3.28
N GLN A 31 5.91 9.54 -2.28
CA GLN A 31 7.22 9.83 -1.73
C GLN A 31 7.75 8.61 -0.96
N GLU A 32 6.82 7.92 -0.31
CA GLU A 32 7.19 6.75 0.46
C GLU A 32 8.01 5.78 -0.39
N LEU A 33 7.44 5.41 -1.53
CA LEU A 33 8.10 4.50 -2.45
C LEU A 33 9.51 5.01 -2.75
N GLU A 34 9.60 6.34 -2.88
CA GLU A 34 10.88 6.97 -3.16
C GLU A 34 11.83 6.81 -1.98
N GLU A 35 11.26 6.91 -0.79
CA GLU A 35 12.04 6.79 0.43
C GLU A 35 12.67 5.40 0.52
N LEU A 36 11.82 4.38 0.51
CA LEU A 36 12.26 3.02 0.58
C LEU A 36 13.36 2.78 -0.46
N LYS A 37 13.20 3.46 -1.59
CA LYS A 37 14.16 3.33 -2.68
C LYS A 37 15.53 3.82 -2.19
N ALA A 38 15.51 4.47 -1.04
CA ALA A 38 16.75 4.99 -0.46
C ALA A 38 17.01 4.28 0.87
N LEU A 39 15.93 4.02 1.59
CA LEU A 39 16.03 3.36 2.88
C LEU A 39 16.75 2.02 2.70
N GLY A 40 16.38 1.32 1.64
CA GLY A 40 16.98 0.04 1.34
C GLY A 40 16.04 -0.82 0.49
N PHE A 41 15.39 -0.17 -0.46
CA PHE A 41 14.47 -0.85 -1.35
C PHE A 41 14.46 -0.22 -2.75
N ALA A 42 13.38 -0.46 -3.47
CA ALA A 42 13.25 0.08 -4.81
C ALA A 42 11.94 -0.42 -5.42
N ASN A 43 11.61 -1.67 -5.11
CA ASN A 43 10.40 -2.28 -5.63
C ASN A 43 9.20 -1.45 -5.18
N ARG A 44 8.90 -0.41 -5.94
CA ARG A 44 7.78 0.46 -5.64
C ARG A 44 6.53 -0.38 -5.32
N ASP A 45 6.29 -1.36 -6.18
CA ASP A 45 5.13 -2.23 -6.00
C ASP A 45 5.17 -2.83 -4.60
N ALA A 46 6.20 -3.65 -4.36
CA ALA A 46 6.36 -4.29 -3.08
C ALA A 46 6.25 -3.25 -1.97
N ASN A 47 6.96 -2.15 -2.16
CA ASN A 47 6.95 -1.06 -1.19
C ASN A 47 5.51 -0.64 -0.92
N LEU A 48 4.75 -0.50 -2.01
CA LEU A 48 3.36 -0.10 -1.90
C LEU A 48 2.56 -1.22 -1.23
N GLN A 49 2.53 -2.36 -1.90
CA GLN A 49 1.80 -3.52 -1.37
C GLN A 49 2.03 -3.65 0.13
N ALA A 50 3.25 -3.33 0.54
CA ALA A 50 3.61 -3.42 1.96
C ALA A 50 3.07 -2.18 2.67
N LEU A 51 3.25 -1.04 2.03
CA LEU A 51 2.78 0.22 2.61
C LEU A 51 1.28 0.14 2.85
N VAL A 52 0.55 -0.12 1.77
CA VAL A 52 -0.90 -0.22 1.85
C VAL A 52 -1.28 -1.25 2.92
N ALA A 53 -0.46 -2.28 3.02
CA ALA A 53 -0.70 -3.34 3.99
C ALA A 53 -0.64 -2.75 5.40
N THR A 54 0.08 -1.64 5.51
CA THR A 54 0.22 -0.96 6.79
C THR A 54 -0.60 0.33 6.80
N ASP A 55 -1.40 0.49 5.76
CA ASP A 55 -2.23 1.68 5.64
C ASP A 55 -1.36 2.86 5.16
N GLY A 56 -0.25 2.51 4.53
CA GLY A 56 0.67 3.51 4.02
C GLY A 56 1.67 3.94 5.09
N ASP A 57 2.12 2.96 5.86
CA ASP A 57 3.07 3.21 6.93
C ASP A 57 4.45 2.70 6.49
N ILE A 58 5.19 3.59 5.85
CA ILE A 58 6.52 3.26 5.38
C ILE A 58 7.28 2.52 6.49
N HIS A 59 7.17 3.06 7.69
CA HIS A 59 7.83 2.47 8.84
C HIS A 59 7.44 1.00 8.97
N ALA A 60 6.15 0.78 9.16
CA ALA A 60 5.64 -0.58 9.30
C ALA A 60 5.83 -1.32 7.97
N ALA A 61 6.12 -0.56 6.93
CA ALA A 61 6.33 -1.13 5.62
C ALA A 61 7.76 -1.67 5.51
N ILE A 62 8.70 -0.86 6.02
CA ILE A 62 10.09 -1.24 5.99
C ILE A 62 10.25 -2.67 6.51
N GLU A 63 9.82 -2.86 7.74
CA GLU A 63 9.89 -4.17 8.37
C GLU A 63 9.30 -5.23 7.44
N MET A 64 8.15 -4.91 6.89
CA MET A 64 7.47 -5.83 5.99
C MET A 64 8.26 -6.03 4.70
N LEU A 65 9.09 -5.03 4.39
CA LEU A 65 9.90 -5.09 3.20
C LEU A 65 11.29 -5.64 3.56
N LEU A 66 11.57 -5.63 4.85
CA LEU A 66 12.85 -6.13 5.34
C LEU A 66 12.85 -7.66 5.30
N GLY A 67 11.65 -8.21 5.13
CA GLY A 67 11.50 -9.65 5.07
C GLY A 67 11.05 -10.21 6.43
N ALA A 68 10.13 -9.48 7.05
CA ALA A 68 9.62 -9.88 8.35
C ALA A 68 8.25 -10.56 8.17
N SER A 69 7.31 -9.77 7.67
CA SER A 69 5.97 -10.27 7.44
C SER A 69 5.55 -10.02 5.98
N GLY A 70 4.46 -10.67 5.59
CA GLY A 70 3.95 -10.52 4.23
C GLY A 70 4.63 -11.50 3.29
N PRO A 71 3.91 -11.83 2.18
CA PRO A 71 4.42 -12.76 1.20
C PRO A 71 5.49 -12.09 0.33
N SER A 72 6.71 -12.05 0.86
CA SER A 72 7.81 -11.45 0.15
C SER A 72 9.12 -11.71 0.90
N SER A 73 10.15 -12.05 0.14
CA SER A 73 11.46 -12.33 0.72
C SER A 73 12.31 -11.06 0.70
N GLY A 74 12.45 -10.49 -0.48
CA GLY A 74 13.24 -9.28 -0.64
C GLY A 74 12.46 -8.06 -0.16
N GLY A 1 -3.79 -17.71 32.89
CA GLY A 1 -2.62 -17.95 32.08
C GLY A 1 -3.01 -18.41 30.67
N SER A 2 -2.23 -19.34 30.14
CA SER A 2 -2.50 -19.86 28.81
C SER A 2 -2.37 -18.74 27.77
N SER A 3 -1.89 -19.11 26.59
CA SER A 3 -1.72 -18.14 25.52
C SER A 3 -2.90 -18.24 24.55
N GLY A 4 -3.30 -17.08 24.03
CA GLY A 4 -4.41 -17.02 23.10
C GLY A 4 -3.91 -17.08 21.66
N SER A 5 -4.71 -17.70 20.81
CA SER A 5 -4.37 -17.84 19.40
C SER A 5 -5.27 -16.95 18.55
N SER A 6 -4.66 -15.91 17.99
CA SER A 6 -5.40 -14.97 17.16
C SER A 6 -4.52 -14.52 15.98
N GLY A 7 -5.19 -14.00 14.97
CA GLY A 7 -4.48 -13.53 13.78
C GLY A 7 -5.41 -13.51 12.57
N ALA A 8 -5.42 -14.62 11.85
CA ALA A 8 -6.25 -14.74 10.67
C ALA A 8 -5.86 -13.66 9.65
N ARG A 9 -5.02 -14.05 8.71
CA ARG A 9 -4.56 -13.13 7.69
C ARG A 9 -5.62 -12.96 6.60
N ALA A 10 -5.95 -11.71 6.33
CA ALA A 10 -6.95 -11.40 5.31
C ALA A 10 -8.34 -11.69 5.88
N CYS A 11 -8.56 -12.95 6.22
CA CYS A 11 -9.84 -13.37 6.77
C CYS A 11 -10.91 -13.20 5.69
N SER A 12 -11.72 -14.24 5.54
CA SER A 12 -12.78 -14.22 4.55
C SER A 12 -13.45 -12.85 4.53
N GLN A 13 -13.34 -12.19 3.38
CA GLN A 13 -13.93 -10.87 3.21
C GLN A 13 -15.34 -11.00 2.61
N SER A 14 -16.21 -10.12 3.07
CA SER A 14 -17.59 -10.12 2.58
C SER A 14 -18.05 -8.68 2.34
N SER A 15 -19.12 -8.56 1.56
CA SER A 15 -19.67 -7.26 1.25
C SER A 15 -18.63 -6.42 0.49
N GLN A 16 -18.80 -6.36 -0.83
CA GLN A 16 -17.89 -5.61 -1.66
C GLN A 16 -18.41 -4.18 -1.86
N THR A 17 -17.60 -3.22 -1.44
CA THR A 17 -17.97 -1.82 -1.56
C THR A 17 -16.79 -1.00 -2.08
N ALA A 18 -17.10 0.01 -2.87
CA ALA A 18 -16.08 0.88 -3.43
C ALA A 18 -15.23 0.08 -4.42
N LEU A 19 -14.33 0.79 -5.08
CA LEU A 19 -13.46 0.16 -6.05
C LEU A 19 -12.01 0.56 -5.77
N PRO A 20 -11.07 -0.34 -6.19
CA PRO A 20 -9.65 -0.09 -5.98
C PRO A 20 -9.13 0.97 -6.95
N THR A 21 -8.96 2.18 -6.42
CA THR A 21 -8.47 3.29 -7.23
C THR A 21 -6.95 3.23 -7.34
N SER A 22 -6.46 3.30 -8.57
CA SER A 22 -5.04 3.26 -8.82
C SER A 22 -4.37 4.52 -8.25
N LEU A 23 -5.03 5.64 -8.46
CA LEU A 23 -4.52 6.92 -7.97
C LEU A 23 -5.05 7.17 -6.55
N PHE A 24 -5.04 6.11 -5.76
CA PHE A 24 -5.53 6.19 -4.39
C PHE A 24 -4.48 5.64 -3.42
N THR A 25 -3.34 5.26 -3.96
CA THR A 25 -2.26 4.72 -3.15
C THR A 25 -0.91 5.23 -3.66
N GLU A 26 -0.77 5.24 -4.97
CA GLU A 26 0.46 5.71 -5.59
C GLU A 26 0.54 7.23 -5.55
N GLY A 27 -0.49 7.82 -4.98
CA GLY A 27 -0.55 9.27 -4.86
C GLY A 27 -0.38 9.72 -3.40
N ARG A 28 -0.74 8.83 -2.50
CA ARG A 28 -0.63 9.11 -1.08
C ARG A 28 0.80 8.85 -0.59
N TYR A 29 1.24 7.62 -0.80
CA TYR A 29 2.58 7.23 -0.39
C TYR A 29 3.55 7.27 -1.57
N GLN A 30 3.36 8.28 -2.42
CA GLN A 30 4.21 8.44 -3.59
C GLN A 30 5.66 8.61 -3.17
N GLN A 31 5.86 9.46 -2.17
CA GLN A 31 7.20 9.73 -1.67
C GLN A 31 7.74 8.50 -0.92
N GLU A 32 6.82 7.82 -0.24
CA GLU A 32 7.19 6.63 0.52
C GLU A 32 8.02 5.68 -0.35
N LEU A 33 7.47 5.36 -1.51
CA LEU A 33 8.14 4.46 -2.43
C LEU A 33 9.53 5.00 -2.74
N GLU A 34 9.61 6.32 -2.85
CA GLU A 34 10.88 6.97 -3.14
C GLU A 34 11.83 6.81 -1.96
N GLU A 35 11.28 6.93 -0.76
CA GLU A 35 12.07 6.80 0.46
C GLU A 35 12.70 5.41 0.53
N LEU A 36 11.85 4.40 0.53
CA LEU A 36 12.32 3.02 0.60
C LEU A 36 13.41 2.81 -0.46
N LYS A 37 13.24 3.49 -1.59
CA LYS A 37 14.20 3.38 -2.67
C LYS A 37 15.57 3.85 -2.18
N ALA A 38 15.57 4.51 -1.03
CA ALA A 38 16.79 5.01 -0.45
C ALA A 38 17.06 4.29 0.87
N LEU A 39 15.98 4.03 1.60
CA LEU A 39 16.08 3.35 2.88
C LEU A 39 16.80 2.02 2.68
N GLY A 40 16.43 1.33 1.61
CA GLY A 40 17.02 0.04 1.30
C GLY A 40 16.08 -0.81 0.46
N PHE A 41 15.41 -0.15 -0.49
CA PHE A 41 14.48 -0.84 -1.36
C PHE A 41 14.47 -0.22 -2.75
N ALA A 42 13.40 -0.47 -3.47
CA ALA A 42 13.25 0.06 -4.82
C ALA A 42 11.88 -0.37 -5.38
N ASN A 43 11.63 -1.66 -5.31
CA ASN A 43 10.38 -2.21 -5.81
C ASN A 43 9.21 -1.36 -5.29
N ARG A 44 8.80 -0.40 -6.10
CA ARG A 44 7.72 0.49 -5.73
C ARG A 44 6.45 -0.33 -5.42
N ASP A 45 6.16 -1.27 -6.31
CA ASP A 45 5.00 -2.12 -6.14
C ASP A 45 5.08 -2.83 -4.78
N ALA A 46 6.17 -3.56 -4.59
CA ALA A 46 6.39 -4.28 -3.36
C ALA A 46 6.31 -3.30 -2.18
N ASN A 47 7.00 -2.19 -2.34
CA ASN A 47 7.03 -1.17 -1.29
C ASN A 47 5.60 -0.74 -0.99
N LEU A 48 4.81 -0.61 -2.04
CA LEU A 48 3.42 -0.21 -1.89
C LEU A 48 2.63 -1.34 -1.23
N GLN A 49 2.63 -2.49 -1.91
CA GLN A 49 1.93 -3.66 -1.40
C GLN A 49 2.07 -3.75 0.12
N ALA A 50 3.24 -3.33 0.59
CA ALA A 50 3.52 -3.37 2.02
C ALA A 50 2.88 -2.15 2.68
N LEU A 51 3.13 -0.98 2.10
CA LEU A 51 2.60 0.25 2.63
C LEU A 51 1.08 0.13 2.78
N VAL A 52 0.43 -0.14 1.66
CA VAL A 52 -1.02 -0.30 1.64
C VAL A 52 -1.42 -1.33 2.70
N ALA A 53 -0.50 -2.25 2.96
CA ALA A 53 -0.76 -3.29 3.95
C ALA A 53 -0.73 -2.69 5.35
N THR A 54 0.14 -1.69 5.52
CA THR A 54 0.28 -1.03 6.80
C THR A 54 -0.58 0.25 6.83
N ASP A 55 -1.35 0.43 5.76
CA ASP A 55 -2.21 1.59 5.66
C ASP A 55 -1.37 2.80 5.25
N GLY A 56 -0.26 2.52 4.59
CA GLY A 56 0.62 3.57 4.12
C GLY A 56 1.57 4.02 5.25
N ASP A 57 2.21 3.03 5.86
CA ASP A 57 3.14 3.30 6.94
C ASP A 57 4.53 2.79 6.56
N ILE A 58 5.25 3.64 5.84
CA ILE A 58 6.59 3.29 5.40
C ILE A 58 7.33 2.56 6.54
N HIS A 59 7.22 3.13 7.72
CA HIS A 59 7.86 2.56 8.89
C HIS A 59 7.51 1.07 8.99
N ALA A 60 6.22 0.80 9.14
CA ALA A 60 5.75 -0.56 9.25
C ALA A 60 5.99 -1.28 7.93
N ALA A 61 6.15 -0.49 6.87
CA ALA A 61 6.39 -1.04 5.55
C ALA A 61 7.80 -1.60 5.47
N ILE A 62 8.75 -0.82 5.99
CA ILE A 62 10.14 -1.23 5.99
C ILE A 62 10.25 -2.65 6.54
N GLU A 63 9.87 -2.79 7.81
CA GLU A 63 9.92 -4.09 8.47
C GLU A 63 9.36 -5.17 7.55
N MET A 64 8.20 -4.87 6.97
CA MET A 64 7.56 -5.81 6.07
C MET A 64 8.40 -6.05 4.81
N LEU A 65 9.07 -4.98 4.38
CA LEU A 65 9.91 -5.06 3.21
C LEU A 65 11.29 -5.61 3.60
N LEU A 66 11.51 -5.69 4.90
CA LEU A 66 12.76 -6.19 5.43
C LEU A 66 12.73 -7.72 5.45
N GLY A 67 11.52 -8.25 5.31
CA GLY A 67 11.34 -9.69 5.31
C GLY A 67 10.66 -10.16 6.59
N ALA A 68 9.69 -9.37 7.03
CA ALA A 68 8.95 -9.69 8.25
C ALA A 68 7.46 -9.81 7.91
N SER A 69 7.15 -10.82 7.12
CA SER A 69 5.77 -11.07 6.73
C SER A 69 5.02 -11.78 7.85
N GLY A 70 5.44 -13.01 8.11
CA GLY A 70 4.82 -13.81 9.15
C GLY A 70 5.57 -15.12 9.35
N PRO A 71 5.25 -15.81 10.48
CA PRO A 71 5.87 -17.09 10.80
C PRO A 71 5.32 -18.20 9.91
N SER A 72 5.78 -18.21 8.67
CA SER A 72 5.33 -19.22 7.72
C SER A 72 6.06 -19.03 6.38
N SER A 73 5.90 -17.84 5.83
CA SER A 73 6.54 -17.52 4.56
C SER A 73 8.02 -17.20 4.77
N GLY A 74 8.86 -17.88 4.01
CA GLY A 74 10.29 -17.67 4.11
C GLY A 74 11.04 -18.99 3.96
N GLY A 1 -14.67 45.44 -0.37
CA GLY A 1 -15.34 44.94 -1.56
C GLY A 1 -16.71 44.38 -1.21
N SER A 2 -17.10 43.35 -1.95
CA SER A 2 -18.39 42.71 -1.73
C SER A 2 -18.32 41.24 -2.14
N SER A 3 -17.90 40.41 -1.19
CA SER A 3 -17.79 38.98 -1.46
C SER A 3 -18.83 38.23 -0.63
N GLY A 4 -19.62 37.43 -1.33
CA GLY A 4 -20.66 36.65 -0.68
C GLY A 4 -20.68 35.21 -1.20
N SER A 5 -21.76 34.51 -0.89
CA SER A 5 -21.90 33.14 -1.32
C SER A 5 -20.81 32.27 -0.70
N SER A 6 -21.23 31.30 0.09
CA SER A 6 -20.30 30.40 0.75
C SER A 6 -20.12 29.13 -0.09
N GLY A 7 -19.14 28.33 0.30
CA GLY A 7 -18.85 27.09 -0.40
C GLY A 7 -19.02 25.89 0.53
N ALA A 8 -18.80 24.71 -0.03
CA ALA A 8 -18.92 23.48 0.72
C ALA A 8 -17.55 22.80 0.80
N ARG A 9 -17.47 21.78 1.65
CA ARG A 9 -16.25 21.05 1.83
C ARG A 9 -16.48 19.55 1.61
N ALA A 10 -16.18 19.12 0.39
CA ALA A 10 -16.35 17.71 0.04
C ALA A 10 -15.58 17.42 -1.26
N CYS A 11 -15.45 16.14 -1.55
CA CYS A 11 -14.75 15.71 -2.75
C CYS A 11 -15.67 14.78 -3.54
N SER A 12 -16.68 15.38 -4.15
CA SER A 12 -17.64 14.61 -4.94
C SER A 12 -18.59 13.85 -4.01
N GLN A 13 -18.01 12.99 -3.19
CA GLN A 13 -18.79 12.20 -2.26
C GLN A 13 -17.87 11.29 -1.44
N SER A 14 -17.17 10.42 -2.15
CA SER A 14 -16.25 9.49 -1.51
C SER A 14 -16.92 8.88 -0.26
N SER A 15 -17.72 7.85 -0.50
CA SER A 15 -18.41 7.18 0.58
C SER A 15 -19.13 5.94 0.04
N GLN A 16 -19.07 4.86 0.83
CA GLN A 16 -19.71 3.62 0.45
C GLN A 16 -18.87 2.90 -0.60
N THR A 17 -18.70 3.55 -1.74
CA THR A 17 -17.93 2.98 -2.82
C THR A 17 -16.46 3.36 -2.69
N ALA A 18 -15.97 3.30 -1.45
CA ALA A 18 -14.58 3.63 -1.18
C ALA A 18 -13.73 2.37 -1.30
N LEU A 19 -12.90 2.35 -2.33
CA LEU A 19 -12.02 1.22 -2.57
C LEU A 19 -10.59 1.73 -2.77
N PRO A 20 -9.61 0.82 -2.48
CA PRO A 20 -8.21 1.16 -2.63
C PRO A 20 -7.81 1.16 -4.11
N THR A 21 -7.71 2.38 -4.66
CA THR A 21 -7.33 2.54 -6.05
C THR A 21 -5.83 2.72 -6.18
N SER A 22 -5.23 1.93 -7.07
CA SER A 22 -3.80 2.00 -7.29
C SER A 22 -3.32 3.45 -7.25
N LEU A 23 -4.09 4.32 -7.89
CA LEU A 23 -3.78 5.73 -7.93
C LEU A 23 -4.02 6.35 -6.55
N PHE A 24 -5.16 5.97 -5.97
CA PHE A 24 -5.52 6.47 -4.66
C PHE A 24 -4.45 6.14 -3.62
N THR A 25 -3.60 5.19 -3.98
CA THR A 25 -2.53 4.77 -3.10
C THR A 25 -1.17 5.17 -3.68
N GLU A 26 -1.13 5.26 -5.00
CA GLU A 26 0.10 5.63 -5.69
C GLU A 26 0.29 7.15 -5.67
N GLY A 27 -0.66 7.82 -5.02
CA GLY A 27 -0.61 9.27 -4.93
C GLY A 27 -0.42 9.71 -3.47
N ARG A 28 -0.82 8.83 -2.56
CA ARG A 28 -0.70 9.12 -1.15
C ARG A 28 0.74 8.88 -0.68
N TYR A 29 1.19 7.64 -0.82
CA TYR A 29 2.53 7.28 -0.42
C TYR A 29 3.49 7.29 -1.62
N GLN A 30 3.27 8.27 -2.49
CA GLN A 30 4.10 8.40 -3.67
C GLN A 30 5.56 8.60 -3.29
N GLN A 31 5.77 9.46 -2.29
CA GLN A 31 7.11 9.74 -1.81
C GLN A 31 7.67 8.53 -1.06
N GLU A 32 6.78 7.85 -0.35
CA GLU A 32 7.17 6.68 0.41
C GLU A 32 7.99 5.72 -0.46
N LEU A 33 7.38 5.33 -1.57
CA LEU A 33 8.05 4.42 -2.49
C LEU A 33 9.46 4.94 -2.79
N GLU A 34 9.55 6.25 -2.93
CA GLU A 34 10.83 6.88 -3.22
C GLU A 34 11.76 6.78 -2.00
N GLU A 35 11.16 6.86 -0.83
CA GLU A 35 11.91 6.78 0.41
C GLU A 35 12.60 5.41 0.53
N LEU A 36 11.77 4.37 0.51
CA LEU A 36 12.28 3.01 0.60
C LEU A 36 13.41 2.83 -0.41
N LYS A 37 13.26 3.49 -1.54
CA LYS A 37 14.26 3.40 -2.60
C LYS A 37 15.60 3.90 -2.07
N ALA A 38 15.55 4.56 -0.93
CA ALA A 38 16.75 5.08 -0.31
C ALA A 38 17.00 4.35 1.01
N LEU A 39 15.91 4.06 1.71
CA LEU A 39 15.99 3.37 2.98
C LEU A 39 16.75 2.05 2.79
N GLY A 40 16.42 1.37 1.70
CA GLY A 40 17.05 0.11 1.38
C GLY A 40 16.13 -0.77 0.54
N PHE A 41 15.46 -0.14 -0.40
CA PHE A 41 14.54 -0.85 -1.28
C PHE A 41 14.54 -0.24 -2.69
N ALA A 42 13.49 -0.54 -3.43
CA ALA A 42 13.35 -0.03 -4.77
C ALA A 42 12.03 -0.51 -5.37
N ASN A 43 11.73 -1.77 -5.12
CA ASN A 43 10.50 -2.37 -5.63
C ASN A 43 9.30 -1.53 -5.17
N ARG A 44 8.96 -0.55 -6.00
CA ARG A 44 7.85 0.33 -5.69
C ARG A 44 6.59 -0.49 -5.39
N ASP A 45 6.12 -1.19 -6.41
CA ASP A 45 4.93 -2.01 -6.26
C ASP A 45 4.97 -2.72 -4.90
N ALA A 46 6.11 -3.34 -4.63
CA ALA A 46 6.29 -4.06 -3.37
C ALA A 46 6.18 -3.07 -2.21
N ASN A 47 6.90 -1.97 -2.33
CA ASN A 47 6.88 -0.95 -1.30
C ASN A 47 5.43 -0.54 -1.01
N LEU A 48 4.66 -0.41 -2.08
CA LEU A 48 3.27 -0.02 -1.96
C LEU A 48 2.49 -1.16 -1.29
N GLN A 49 2.45 -2.29 -1.98
CA GLN A 49 1.75 -3.46 -1.47
C GLN A 49 1.97 -3.59 0.04
N ALA A 50 3.17 -3.20 0.46
CA ALA A 50 3.52 -3.28 1.87
C ALA A 50 2.92 -2.08 2.60
N LEU A 51 3.13 -0.91 2.02
CA LEU A 51 2.61 0.32 2.60
C LEU A 51 1.09 0.19 2.80
N VAL A 52 0.41 -0.11 1.72
CA VAL A 52 -1.03 -0.27 1.75
C VAL A 52 -1.40 -1.34 2.79
N ALA A 53 -0.46 -2.26 2.99
CA ALA A 53 -0.67 -3.34 3.93
C ALA A 53 -0.62 -2.79 5.35
N THR A 54 0.14 -1.71 5.51
CA THR A 54 0.29 -1.08 6.81
C THR A 54 -0.57 0.18 6.88
N ASP A 55 -1.28 0.44 5.80
CA ASP A 55 -2.15 1.61 5.72
C ASP A 55 -1.30 2.84 5.40
N GLY A 56 -0.28 2.63 4.58
CA GLY A 56 0.60 3.71 4.19
C GLY A 56 1.55 4.09 5.33
N ASP A 57 2.21 3.06 5.86
CA ASP A 57 3.15 3.26 6.96
C ASP A 57 4.52 2.72 6.54
N ILE A 58 5.25 3.55 5.81
CA ILE A 58 6.58 3.16 5.35
C ILE A 58 7.32 2.46 6.48
N HIS A 59 7.30 3.09 7.64
CA HIS A 59 7.96 2.53 8.81
C HIS A 59 7.61 1.04 8.95
N ALA A 60 6.32 0.78 9.03
CA ALA A 60 5.84 -0.58 9.16
C ALA A 60 6.10 -1.34 7.84
N ALA A 61 6.23 -0.57 6.77
CA ALA A 61 6.48 -1.14 5.47
C ALA A 61 7.90 -1.70 5.43
N ILE A 62 8.84 -0.90 5.88
CA ILE A 62 10.24 -1.30 5.90
C ILE A 62 10.35 -2.70 6.51
N GLU A 63 9.98 -2.78 7.78
CA GLU A 63 10.04 -4.05 8.50
C GLU A 63 9.44 -5.17 7.63
N MET A 64 8.28 -4.88 7.07
CA MET A 64 7.60 -5.86 6.22
C MET A 64 8.42 -6.14 4.96
N LEU A 65 9.10 -5.12 4.48
CA LEU A 65 9.92 -5.25 3.29
C LEU A 65 11.28 -5.85 3.67
N LEU A 66 11.58 -5.77 4.95
CA LEU A 66 12.83 -6.30 5.47
C LEU A 66 12.77 -7.83 5.48
N GLY A 67 11.55 -8.34 5.34
CA GLY A 67 11.34 -9.77 5.34
C GLY A 67 10.70 -10.24 6.65
N ALA A 68 9.76 -9.45 7.12
CA ALA A 68 9.07 -9.76 8.37
C ALA A 68 7.60 -10.11 8.06
N SER A 69 7.43 -11.02 7.12
CA SER A 69 6.09 -11.43 6.73
C SER A 69 5.88 -12.91 7.10
N GLY A 70 4.62 -13.32 7.06
CA GLY A 70 4.27 -14.69 7.39
C GLY A 70 3.71 -15.42 6.17
N PRO A 71 2.39 -15.18 5.90
CA PRO A 71 1.73 -15.80 4.77
C PRO A 71 2.15 -15.14 3.45
N SER A 72 2.04 -15.91 2.38
CA SER A 72 2.40 -15.41 1.07
C SER A 72 1.21 -15.55 0.10
N SER A 73 0.71 -14.41 -0.33
CA SER A 73 -0.42 -14.39 -1.24
C SER A 73 -1.64 -15.05 -0.59
N GLY A 74 -2.56 -14.20 -0.16
CA GLY A 74 -3.77 -14.68 0.49
C GLY A 74 -4.74 -15.28 -0.54
N GLY A 1 -31.49 21.92 -12.05
CA GLY A 1 -30.32 21.09 -11.88
C GLY A 1 -30.71 19.66 -11.47
N SER A 2 -30.16 19.23 -10.34
CA SER A 2 -30.45 17.90 -9.84
C SER A 2 -30.36 17.88 -8.32
N SER A 3 -29.19 18.26 -7.82
CA SER A 3 -28.96 18.29 -6.39
C SER A 3 -29.56 19.56 -5.79
N GLY A 4 -29.08 20.69 -6.29
CA GLY A 4 -29.55 21.98 -5.81
C GLY A 4 -29.30 22.15 -4.31
N SER A 5 -29.81 23.25 -3.78
CA SER A 5 -29.63 23.54 -2.37
C SER A 5 -30.90 23.14 -1.60
N SER A 6 -30.78 22.06 -0.84
CA SER A 6 -31.90 21.56 -0.06
C SER A 6 -31.44 20.44 0.86
N GLY A 7 -32.11 20.32 2.00
CA GLY A 7 -31.78 19.28 2.96
C GLY A 7 -30.30 19.34 3.34
N ALA A 8 -29.80 18.21 3.82
CA ALA A 8 -28.40 18.13 4.23
C ALA A 8 -27.98 16.66 4.27
N ARG A 9 -26.67 16.45 4.20
CA ARG A 9 -26.13 15.10 4.23
C ARG A 9 -26.64 14.30 3.03
N ALA A 10 -25.95 13.20 2.76
CA ALA A 10 -26.32 12.33 1.65
C ALA A 10 -26.20 10.87 2.09
N CYS A 11 -26.78 9.99 1.27
CA CYS A 11 -26.73 8.57 1.56
C CYS A 11 -25.27 8.14 1.68
N SER A 12 -25.07 7.02 2.36
CA SER A 12 -23.73 6.50 2.56
C SER A 12 -23.77 4.96 2.53
N GLN A 13 -23.05 4.40 1.57
CA GLN A 13 -23.00 2.96 1.42
C GLN A 13 -21.64 2.54 0.86
N SER A 14 -21.38 2.96 -0.37
CA SER A 14 -20.12 2.64 -1.03
C SER A 14 -19.74 3.75 -2.00
N SER A 15 -18.44 3.94 -2.17
CA SER A 15 -17.94 4.96 -3.06
C SER A 15 -17.33 4.31 -4.31
N GLN A 16 -18.21 3.83 -5.18
CA GLN A 16 -17.79 3.19 -6.42
C GLN A 16 -16.74 2.12 -6.11
N THR A 17 -17.21 0.89 -6.01
CA THR A 17 -16.32 -0.23 -5.73
C THR A 17 -15.27 0.18 -4.70
N ALA A 18 -15.60 -0.05 -3.44
CA ALA A 18 -14.70 0.28 -2.35
C ALA A 18 -13.53 -0.71 -2.34
N LEU A 19 -12.58 -0.48 -3.23
CA LEU A 19 -11.42 -1.34 -3.33
C LEU A 19 -10.16 -0.48 -3.43
N PRO A 20 -9.00 -1.12 -3.14
CA PRO A 20 -7.72 -0.44 -3.20
C PRO A 20 -7.28 -0.22 -4.65
N THR A 21 -7.37 1.03 -5.09
CA THR A 21 -6.99 1.38 -6.44
C THR A 21 -5.59 2.01 -6.45
N SER A 22 -4.77 1.53 -7.36
CA SER A 22 -3.41 2.03 -7.50
C SER A 22 -3.40 3.55 -7.32
N LEU A 23 -4.06 4.23 -8.25
CA LEU A 23 -4.13 5.68 -8.21
C LEU A 23 -4.47 6.13 -6.79
N PHE A 24 -5.26 5.30 -6.12
CA PHE A 24 -5.67 5.61 -4.75
C PHE A 24 -4.65 5.07 -3.74
N THR A 25 -3.38 5.19 -4.10
CA THR A 25 -2.32 4.73 -3.24
C THR A 25 -0.95 5.10 -3.83
N GLU A 26 -0.88 5.04 -5.15
CA GLU A 26 0.35 5.37 -5.85
C GLU A 26 0.54 6.89 -5.90
N GLY A 27 -0.42 7.59 -5.34
CA GLY A 27 -0.37 9.04 -5.31
C GLY A 27 -0.20 9.56 -3.88
N ARG A 28 -0.67 8.76 -2.93
CA ARG A 28 -0.59 9.12 -1.53
C ARG A 28 0.84 8.93 -1.02
N TYR A 29 1.25 7.66 -0.97
CA TYR A 29 2.59 7.34 -0.50
C TYR A 29 3.59 7.36 -1.66
N GLN A 30 3.41 8.33 -2.54
CA GLN A 30 4.30 8.48 -3.69
C GLN A 30 5.74 8.66 -3.22
N GLN A 31 5.92 9.53 -2.24
CA GLN A 31 7.23 9.81 -1.70
C GLN A 31 7.78 8.57 -0.97
N GLU A 32 6.87 7.89 -0.28
CA GLU A 32 7.24 6.70 0.47
C GLU A 32 8.05 5.75 -0.42
N LEU A 33 7.45 5.39 -1.54
CA LEU A 33 8.10 4.49 -2.48
C LEU A 33 9.51 5.00 -2.78
N GLU A 34 9.62 6.32 -2.90
CA GLU A 34 10.90 6.94 -3.19
C GLU A 34 11.84 6.78 -1.99
N GLU A 35 11.26 6.88 -0.80
CA GLU A 35 12.03 6.75 0.42
C GLU A 35 12.67 5.37 0.50
N LEU A 36 11.83 4.36 0.48
CA LEU A 36 12.30 2.98 0.55
C LEU A 36 13.41 2.78 -0.48
N LYS A 37 13.25 3.45 -1.61
CA LYS A 37 14.24 3.35 -2.68
C LYS A 37 15.59 3.84 -2.16
N ALA A 38 15.55 4.49 -1.02
CA ALA A 38 16.76 5.00 -0.40
C ALA A 38 17.02 4.29 0.92
N LEU A 39 15.93 4.01 1.62
CA LEU A 39 16.02 3.33 2.90
C LEU A 39 16.74 2.00 2.72
N GLY A 40 16.40 1.32 1.63
CA GLY A 40 17.00 0.03 1.33
C GLY A 40 16.06 -0.84 0.49
N PHE A 41 15.40 -0.18 -0.46
CA PHE A 41 14.46 -0.88 -1.33
C PHE A 41 14.46 -0.27 -2.73
N ALA A 42 13.38 -0.52 -3.45
CA ALA A 42 13.24 0.00 -4.80
C ALA A 42 11.86 -0.39 -5.35
N ASN A 43 11.61 -1.68 -5.37
CA ASN A 43 10.35 -2.20 -5.87
C ASN A 43 9.20 -1.33 -5.33
N ARG A 44 8.78 -0.39 -6.17
CA ARG A 44 7.70 0.51 -5.79
C ARG A 44 6.44 -0.29 -5.49
N ASP A 45 6.12 -1.21 -6.39
CA ASP A 45 4.94 -2.04 -6.24
C ASP A 45 5.01 -2.77 -4.89
N ALA A 46 6.12 -3.46 -4.69
CA ALA A 46 6.31 -4.20 -3.45
C ALA A 46 6.26 -3.23 -2.27
N ASN A 47 6.91 -2.10 -2.44
CA ASN A 47 6.95 -1.08 -1.40
C ASN A 47 5.51 -0.65 -1.07
N LEU A 48 4.72 -0.51 -2.11
CA LEU A 48 3.33 -0.11 -1.94
C LEU A 48 2.55 -1.26 -1.29
N GLN A 49 2.49 -2.36 -2.01
CA GLN A 49 1.78 -3.53 -1.52
C GLN A 49 1.99 -3.69 -0.01
N ALA A 50 3.16 -3.26 0.43
CA ALA A 50 3.50 -3.35 1.84
C ALA A 50 2.94 -2.14 2.57
N LEU A 51 3.21 -0.97 2.02
CA LEU A 51 2.73 0.28 2.62
C LEU A 51 1.22 0.16 2.85
N VAL A 52 0.50 -0.10 1.76
CA VAL A 52 -0.94 -0.22 1.84
C VAL A 52 -1.30 -1.29 2.87
N ALA A 53 -0.38 -2.22 3.06
CA ALA A 53 -0.59 -3.30 4.02
C ALA A 53 -0.54 -2.74 5.44
N THR A 54 0.20 -1.66 5.58
CA THR A 54 0.35 -1.01 6.87
C THR A 54 -0.49 0.27 6.93
N ASP A 55 -1.26 0.48 5.88
CA ASP A 55 -2.11 1.66 5.79
C ASP A 55 -1.25 2.86 5.36
N GLY A 56 -0.30 2.59 4.50
CA GLY A 56 0.59 3.63 4.00
C GLY A 56 1.63 4.01 5.07
N ASP A 57 1.94 3.05 5.92
CA ASP A 57 2.91 3.26 6.98
C ASP A 57 4.26 2.69 6.55
N ILE A 58 5.05 3.54 5.90
CA ILE A 58 6.37 3.13 5.44
C ILE A 58 7.11 2.44 6.58
N HIS A 59 7.09 3.06 7.74
CA HIS A 59 7.74 2.52 8.91
C HIS A 59 7.45 1.02 9.01
N ALA A 60 6.17 0.71 9.10
CA ALA A 60 5.74 -0.68 9.20
C ALA A 60 6.01 -1.39 7.87
N ALA A 61 6.10 -0.60 6.81
CA ALA A 61 6.35 -1.13 5.49
C ALA A 61 7.78 -1.67 5.44
N ILE A 62 8.70 -0.90 5.99
CA ILE A 62 10.10 -1.28 6.01
C ILE A 62 10.23 -2.69 6.59
N GLU A 63 9.87 -2.81 7.86
CA GLU A 63 9.94 -4.10 8.53
C GLU A 63 9.40 -5.21 7.64
N MET A 64 8.25 -4.93 7.04
CA MET A 64 7.61 -5.89 6.15
C MET A 64 8.47 -6.12 4.90
N LEU A 65 9.17 -5.08 4.50
CA LEU A 65 10.02 -5.16 3.32
C LEU A 65 11.41 -5.66 3.74
N LEU A 66 11.62 -5.69 5.05
CA LEU A 66 12.89 -6.14 5.60
C LEU A 66 12.90 -7.67 5.67
N GLY A 67 11.74 -8.25 5.43
CA GLY A 67 11.60 -9.70 5.46
C GLY A 67 10.93 -10.16 6.76
N ALA A 68 9.91 -9.40 7.15
CA ALA A 68 9.18 -9.72 8.37
C ALA A 68 7.71 -9.96 8.02
N SER A 69 7.49 -10.94 7.17
CA SER A 69 6.14 -11.28 6.75
C SER A 69 6.18 -12.45 5.77
N GLY A 70 5.30 -13.42 6.03
CA GLY A 70 5.23 -14.60 5.18
C GLY A 70 5.28 -14.21 3.70
N PRO A 71 6.48 -14.42 3.10
CA PRO A 71 6.68 -14.11 1.69
C PRO A 71 6.01 -15.15 0.79
N SER A 72 6.00 -14.85 -0.50
CA SER A 72 5.41 -15.75 -1.47
C SER A 72 6.48 -16.25 -2.45
N SER A 73 6.24 -17.45 -2.95
CA SER A 73 7.17 -18.06 -3.89
C SER A 73 6.76 -19.50 -4.18
N GLY A 74 6.69 -19.82 -5.46
CA GLY A 74 6.32 -21.16 -5.88
C GLY A 74 5.06 -21.14 -6.75
N GLY A 1 -14.98 3.03 36.68
CA GLY A 1 -13.81 3.83 36.37
C GLY A 1 -12.94 3.15 35.31
N SER A 2 -11.79 3.76 35.05
CA SER A 2 -10.87 3.22 34.07
C SER A 2 -11.53 3.19 32.69
N SER A 3 -10.72 3.48 31.68
CA SER A 3 -11.21 3.47 30.31
C SER A 3 -11.07 2.08 29.70
N GLY A 4 -12.04 1.73 28.86
CA GLY A 4 -12.04 0.43 28.21
C GLY A 4 -12.83 0.47 26.90
N SER A 5 -13.64 -0.55 26.71
CA SER A 5 -14.46 -0.64 25.51
C SER A 5 -13.56 -0.72 24.28
N SER A 6 -14.18 -1.09 23.16
CA SER A 6 -13.45 -1.21 21.91
C SER A 6 -14.41 -1.57 20.78
N GLY A 7 -14.10 -1.08 19.59
CA GLY A 7 -14.92 -1.35 18.42
C GLY A 7 -14.39 -2.56 17.64
N ALA A 8 -14.39 -3.69 18.31
CA ALA A 8 -13.91 -4.93 17.70
C ALA A 8 -15.10 -5.84 17.42
N ARG A 9 -15.98 -5.37 16.55
CA ARG A 9 -17.17 -6.13 16.19
C ARG A 9 -17.30 -6.23 14.68
N ALA A 10 -17.85 -7.34 14.22
CA ALA A 10 -18.04 -7.57 12.80
C ALA A 10 -19.47 -7.18 12.42
N CYS A 11 -19.56 -6.26 11.46
CA CYS A 11 -20.85 -5.80 10.98
C CYS A 11 -20.73 -5.48 9.49
N SER A 12 -19.89 -4.52 9.19
CA SER A 12 -19.67 -4.11 7.81
C SER A 12 -20.98 -3.56 7.22
N GLN A 13 -20.85 -2.42 6.57
CA GLN A 13 -22.01 -1.77 5.96
C GLN A 13 -21.89 -1.82 4.44
N SER A 14 -23.00 -1.52 3.78
CA SER A 14 -23.03 -1.51 2.33
C SER A 14 -22.70 -2.90 1.79
N SER A 15 -22.88 -3.06 0.49
CA SER A 15 -22.59 -4.33 -0.15
C SER A 15 -21.53 -4.14 -1.24
N GLN A 16 -21.83 -3.26 -2.17
CA GLN A 16 -20.92 -2.97 -3.26
C GLN A 16 -19.48 -2.82 -2.72
N THR A 17 -18.54 -3.34 -3.49
CA THR A 17 -17.14 -3.27 -3.12
C THR A 17 -16.42 -2.19 -3.93
N ALA A 18 -15.23 -1.84 -3.46
CA ALA A 18 -14.43 -0.83 -4.13
C ALA A 18 -13.20 -1.48 -4.75
N LEU A 19 -12.40 -0.67 -5.40
CA LEU A 19 -11.19 -1.15 -6.05
C LEU A 19 -10.02 -0.26 -5.66
N PRO A 20 -8.79 -0.86 -5.69
CA PRO A 20 -7.59 -0.13 -5.33
C PRO A 20 -7.18 0.82 -6.47
N THR A 21 -7.54 2.08 -6.29
CA THR A 21 -7.21 3.10 -7.28
C THR A 21 -5.75 3.54 -7.13
N SER A 22 -5.05 3.50 -8.25
CA SER A 22 -3.64 3.89 -8.26
C SER A 22 -3.50 5.33 -7.76
N LEU A 23 -4.53 6.11 -8.02
CA LEU A 23 -4.54 7.51 -7.61
C LEU A 23 -5.00 7.61 -6.16
N PHE A 24 -5.15 6.45 -5.54
CA PHE A 24 -5.57 6.39 -4.15
C PHE A 24 -4.48 5.82 -3.26
N THR A 25 -3.35 5.50 -3.89
CA THR A 25 -2.23 4.94 -3.16
C THR A 25 -0.91 5.47 -3.73
N GLU A 26 -0.85 5.51 -5.05
CA GLU A 26 0.34 6.00 -5.73
C GLU A 26 0.40 7.52 -5.68
N GLY A 27 -0.60 8.11 -5.03
CA GLY A 27 -0.68 9.55 -4.90
C GLY A 27 -0.43 9.98 -3.45
N ARG A 28 -0.71 9.06 -2.54
CA ARG A 28 -0.52 9.33 -1.12
C ARG A 28 0.92 9.02 -0.71
N TYR A 29 1.28 7.76 -0.86
CA TYR A 29 2.62 7.31 -0.50
C TYR A 29 3.55 7.34 -1.71
N GLN A 30 3.32 8.31 -2.58
CA GLN A 30 4.11 8.46 -3.79
C GLN A 30 5.60 8.63 -3.42
N GLN A 31 5.82 9.47 -2.42
CA GLN A 31 7.17 9.74 -1.96
C GLN A 31 7.72 8.54 -1.17
N GLU A 32 6.81 7.88 -0.47
CA GLU A 32 7.18 6.72 0.33
C GLU A 32 8.01 5.75 -0.51
N LEU A 33 7.44 5.36 -1.64
CA LEU A 33 8.11 4.43 -2.54
C LEU A 33 9.52 4.95 -2.83
N GLU A 34 9.61 6.25 -3.01
CA GLU A 34 10.90 6.87 -3.29
C GLU A 34 11.83 6.77 -2.08
N GLU A 35 11.25 6.97 -0.91
CA GLU A 35 12.01 6.89 0.32
C GLU A 35 12.66 5.51 0.46
N LEU A 36 11.82 4.50 0.49
CA LEU A 36 12.29 3.12 0.61
C LEU A 36 13.41 2.89 -0.41
N LYS A 37 13.22 3.46 -1.59
CA LYS A 37 14.20 3.33 -2.65
C LYS A 37 15.55 3.87 -2.19
N ALA A 38 15.50 4.60 -1.08
CA ALA A 38 16.71 5.18 -0.51
C ALA A 38 17.00 4.53 0.84
N LEU A 39 15.93 4.29 1.59
CA LEU A 39 16.04 3.69 2.90
C LEU A 39 16.81 2.36 2.78
N GLY A 40 16.46 1.61 1.73
CA GLY A 40 17.11 0.33 1.50
C GLY A 40 16.19 -0.59 0.69
N PHE A 41 15.51 -0.01 -0.28
CA PHE A 41 14.61 -0.76 -1.12
C PHE A 41 14.56 -0.19 -2.54
N ALA A 42 13.45 -0.44 -3.21
CA ALA A 42 13.26 0.06 -4.56
C ALA A 42 11.90 -0.40 -5.09
N ASN A 43 11.69 -1.71 -5.05
CA ASN A 43 10.44 -2.29 -5.51
C ASN A 43 9.28 -1.40 -5.07
N ARG A 44 8.85 -0.56 -5.99
CA ARG A 44 7.74 0.35 -5.71
C ARG A 44 6.47 -0.44 -5.42
N ASP A 45 6.21 -1.42 -6.27
CA ASP A 45 5.03 -2.25 -6.12
C ASP A 45 5.07 -2.94 -4.75
N ALA A 46 6.20 -3.56 -4.47
CA ALA A 46 6.38 -4.26 -3.21
C ALA A 46 6.28 -3.24 -2.06
N ASN A 47 6.91 -2.11 -2.27
CA ASN A 47 6.90 -1.06 -1.26
C ASN A 47 5.46 -0.62 -0.99
N LEU A 48 4.71 -0.48 -2.08
CA LEU A 48 3.32 -0.08 -1.97
C LEU A 48 2.51 -1.20 -1.31
N GLN A 49 2.48 -2.34 -1.98
CA GLN A 49 1.75 -3.49 -1.47
C GLN A 49 1.92 -3.60 0.05
N ALA A 50 3.11 -3.21 0.51
CA ALA A 50 3.41 -3.25 1.93
C ALA A 50 2.80 -2.04 2.61
N LEU A 51 3.09 -0.87 2.05
CA LEU A 51 2.58 0.37 2.60
C LEU A 51 1.07 0.27 2.76
N VAL A 52 0.40 0.05 1.64
CA VAL A 52 -1.05 -0.06 1.64
C VAL A 52 -1.47 -1.10 2.69
N ALA A 53 -0.57 -2.04 2.93
CA ALA A 53 -0.83 -3.10 3.90
C ALA A 53 -0.82 -2.50 5.31
N THR A 54 0.16 -1.62 5.54
CA THR A 54 0.29 -0.98 6.83
C THR A 54 -0.53 0.31 6.87
N ASP A 55 -1.31 0.51 5.82
CA ASP A 55 -2.14 1.69 5.72
C ASP A 55 -1.27 2.90 5.37
N GLY A 56 -0.23 2.64 4.60
CA GLY A 56 0.68 3.70 4.18
C GLY A 56 1.71 3.97 5.28
N ASP A 57 2.12 2.91 5.95
CA ASP A 57 3.09 3.04 7.02
C ASP A 57 4.46 2.55 6.52
N ILE A 58 5.22 3.48 5.96
CA ILE A 58 6.54 3.17 5.44
C ILE A 58 7.37 2.49 6.53
N HIS A 59 7.24 3.01 7.74
CA HIS A 59 7.96 2.47 8.88
C HIS A 59 7.66 0.97 9.01
N ALA A 60 6.37 0.67 9.14
CA ALA A 60 5.94 -0.71 9.28
C ALA A 60 6.17 -1.44 7.96
N ALA A 61 6.18 -0.68 6.88
CA ALA A 61 6.39 -1.24 5.56
C ALA A 61 7.81 -1.80 5.47
N ILE A 62 8.75 -1.02 6.00
CA ILE A 62 10.15 -1.42 5.99
C ILE A 62 10.27 -2.84 6.53
N GLU A 63 9.99 -2.99 7.81
CA GLU A 63 10.07 -4.29 8.46
C GLU A 63 9.43 -5.36 7.57
N MET A 64 8.26 -5.02 7.05
CA MET A 64 7.53 -5.93 6.19
C MET A 64 8.32 -6.23 4.91
N LEU A 65 9.05 -5.22 4.47
CA LEU A 65 9.84 -5.36 3.26
C LEU A 65 11.20 -5.99 3.61
N LEU A 66 11.59 -5.81 4.87
CA LEU A 66 12.85 -6.37 5.34
C LEU A 66 12.80 -7.89 5.23
N GLY A 67 11.59 -8.42 5.24
CA GLY A 67 11.40 -9.86 5.14
C GLY A 67 10.82 -10.42 6.43
N ALA A 68 10.09 -9.58 7.13
CA ALA A 68 9.46 -9.98 8.38
C ALA A 68 8.05 -10.49 8.11
N SER A 69 7.14 -9.54 7.90
CA SER A 69 5.75 -9.88 7.63
C SER A 69 5.48 -9.79 6.12
N GLY A 70 4.25 -10.09 5.76
CA GLY A 70 3.84 -10.03 4.37
C GLY A 70 2.94 -11.20 4.01
N PRO A 71 3.26 -11.86 2.87
CA PRO A 71 2.48 -12.99 2.40
C PRO A 71 2.78 -14.24 3.23
N SER A 72 1.98 -14.42 4.27
CA SER A 72 2.15 -15.56 5.16
C SER A 72 1.25 -16.72 4.70
N SER A 73 1.61 -17.92 5.14
CA SER A 73 0.85 -19.10 4.78
C SER A 73 -0.05 -19.51 5.94
N GLY A 74 -1.21 -20.04 5.59
CA GLY A 74 -2.17 -20.48 6.59
C GLY A 74 -2.66 -19.30 7.44
N GLY A 1 1.77 -28.99 5.28
CA GLY A 1 1.27 -27.95 4.42
C GLY A 1 1.56 -26.57 5.00
N SER A 2 1.17 -25.54 4.24
CA SER A 2 1.39 -24.17 4.67
C SER A 2 0.12 -23.35 4.44
N SER A 3 -0.73 -23.33 5.45
CA SER A 3 -1.98 -22.59 5.38
C SER A 3 -2.47 -22.24 6.78
N GLY A 4 -2.67 -23.28 7.58
CA GLY A 4 -3.14 -23.09 8.94
C GLY A 4 -4.61 -22.67 8.96
N SER A 5 -5.26 -22.94 10.09
CA SER A 5 -6.67 -22.60 10.25
C SER A 5 -6.80 -21.13 10.66
N SER A 6 -7.76 -20.46 10.06
CA SER A 6 -8.01 -19.06 10.34
C SER A 6 -6.82 -18.22 9.87
N GLY A 7 -7.07 -17.42 8.85
CA GLY A 7 -6.04 -16.57 8.29
C GLY A 7 -6.45 -16.02 6.92
N ALA A 8 -5.47 -15.97 6.03
CA ALA A 8 -5.72 -15.48 4.68
C ALA A 8 -6.15 -14.00 4.75
N ARG A 9 -5.20 -13.14 4.44
CA ARG A 9 -5.45 -11.70 4.46
C ARG A 9 -5.65 -11.18 3.04
N ALA A 10 -6.56 -10.22 2.92
CA ALA A 10 -6.86 -9.63 1.63
C ALA A 10 -7.45 -10.70 0.70
N CYS A 11 -8.77 -10.65 0.57
CA CYS A 11 -9.47 -11.60 -0.28
C CYS A 11 -10.98 -11.33 -0.17
N SER A 12 -11.56 -10.98 -1.30
CA SER A 12 -12.99 -10.69 -1.34
C SER A 12 -13.42 -10.41 -2.79
N GLN A 13 -14.58 -10.96 -3.13
CA GLN A 13 -15.12 -10.78 -4.48
C GLN A 13 -16.45 -11.52 -4.61
N SER A 14 -17.25 -11.05 -5.56
CA SER A 14 -18.55 -11.65 -5.80
C SER A 14 -19.22 -10.99 -7.01
N SER A 15 -19.43 -9.69 -6.89
CA SER A 15 -20.07 -8.94 -7.96
C SER A 15 -19.54 -7.50 -7.96
N GLN A 16 -19.98 -6.74 -8.94
CA GLN A 16 -19.57 -5.35 -9.07
C GLN A 16 -19.56 -4.67 -7.70
N THR A 17 -18.41 -4.12 -7.36
CA THR A 17 -18.25 -3.43 -6.09
C THR A 17 -17.09 -2.45 -6.14
N ALA A 18 -17.03 -1.70 -7.23
CA ALA A 18 -15.98 -0.72 -7.43
C ALA A 18 -14.65 -1.45 -7.60
N LEU A 19 -13.58 -0.66 -7.59
CA LEU A 19 -12.24 -1.21 -7.74
C LEU A 19 -11.34 -0.66 -6.64
N PRO A 20 -10.21 -1.39 -6.40
CA PRO A 20 -9.26 -0.99 -5.38
C PRO A 20 -8.43 0.20 -5.85
N THR A 21 -8.74 0.66 -7.05
CA THR A 21 -8.02 1.79 -7.63
C THR A 21 -6.51 1.65 -7.40
N SER A 22 -5.85 1.05 -8.38
CA SER A 22 -4.42 0.85 -8.30
C SER A 22 -3.69 2.18 -8.53
N LEU A 23 -4.39 3.10 -9.17
CA LEU A 23 -3.83 4.41 -9.47
C LEU A 23 -4.15 5.36 -8.32
N PHE A 24 -4.50 4.79 -7.19
CA PHE A 24 -4.83 5.58 -6.02
C PHE A 24 -3.84 5.32 -4.87
N THR A 25 -2.86 4.49 -5.17
CA THR A 25 -1.84 4.15 -4.19
C THR A 25 -0.48 4.71 -4.61
N GLU A 26 -0.35 4.95 -5.90
CA GLU A 26 0.89 5.49 -6.44
C GLU A 26 0.87 7.02 -6.42
N GLY A 27 -0.10 7.55 -5.70
CA GLY A 27 -0.24 9.00 -5.58
C GLY A 27 -0.15 9.44 -4.12
N ARG A 28 -0.67 8.60 -3.24
CA ARG A 28 -0.64 8.90 -1.82
C ARG A 28 0.78 8.79 -1.28
N TYR A 29 1.23 7.54 -1.16
CA TYR A 29 2.56 7.28 -0.66
C TYR A 29 3.59 7.28 -1.79
N GLN A 30 3.41 8.23 -2.71
CA GLN A 30 4.30 8.34 -3.84
C GLN A 30 5.74 8.56 -3.37
N GLN A 31 5.88 9.52 -2.45
CA GLN A 31 7.20 9.83 -1.91
C GLN A 31 7.75 8.62 -1.14
N GLU A 32 6.85 7.93 -0.46
CA GLU A 32 7.25 6.77 0.32
C GLU A 32 8.06 5.79 -0.54
N LEU A 33 7.43 5.35 -1.62
CA LEU A 33 8.08 4.42 -2.54
C LEU A 33 9.49 4.94 -2.86
N GLU A 34 9.58 6.25 -3.03
CA GLU A 34 10.86 6.87 -3.34
C GLU A 34 11.80 6.78 -2.13
N GLU A 35 11.21 6.95 -0.95
CA GLU A 35 11.99 6.90 0.27
C GLU A 35 12.65 5.53 0.42
N LEU A 36 11.83 4.50 0.44
CA LEU A 36 12.33 3.14 0.57
C LEU A 36 13.46 2.91 -0.43
N LYS A 37 13.28 3.50 -1.62
CA LYS A 37 14.27 3.38 -2.67
C LYS A 37 15.60 3.93 -2.18
N ALA A 38 15.54 4.66 -1.07
CA ALA A 38 16.73 5.25 -0.49
C ALA A 38 17.00 4.61 0.87
N LEU A 39 15.93 4.35 1.60
CA LEU A 39 16.04 3.74 2.91
C LEU A 39 16.82 2.43 2.79
N GLY A 40 16.50 1.68 1.75
CA GLY A 40 17.15 0.41 1.50
C GLY A 40 16.23 -0.55 0.72
N PHE A 41 15.54 0.03 -0.24
CA PHE A 41 14.63 -0.75 -1.07
C PHE A 41 14.61 -0.22 -2.50
N ALA A 42 13.52 -0.53 -3.20
CA ALA A 42 13.35 -0.10 -4.57
C ALA A 42 11.97 -0.53 -5.08
N ASN A 43 11.75 -1.84 -5.02
CA ASN A 43 10.49 -2.39 -5.48
C ASN A 43 9.34 -1.49 -5.03
N ARG A 44 8.91 -0.63 -5.96
CA ARG A 44 7.83 0.29 -5.67
C ARG A 44 6.53 -0.48 -5.43
N ASP A 45 6.31 -1.48 -6.27
CA ASP A 45 5.10 -2.29 -6.15
C ASP A 45 5.08 -2.98 -4.78
N ALA A 46 6.20 -3.61 -4.46
CA ALA A 46 6.32 -4.30 -3.19
C ALA A 46 6.24 -3.29 -2.04
N ASN A 47 6.88 -2.16 -2.26
CA ASN A 47 6.89 -1.10 -1.26
C ASN A 47 5.45 -0.63 -1.00
N LEU A 48 4.69 -0.57 -2.08
CA LEU A 48 3.30 -0.15 -1.99
C LEU A 48 2.48 -1.25 -1.30
N GLN A 49 2.43 -2.40 -1.94
CA GLN A 49 1.69 -3.53 -1.42
C GLN A 49 1.86 -3.61 0.10
N ALA A 50 3.07 -3.27 0.55
CA ALA A 50 3.38 -3.29 1.96
C ALA A 50 2.80 -2.05 2.63
N LEU A 51 3.09 -0.90 2.04
CA LEU A 51 2.61 0.36 2.56
C LEU A 51 1.11 0.26 2.80
N VAL A 52 0.39 0.00 1.72
CA VAL A 52 -1.06 -0.11 1.80
C VAL A 52 -1.43 -1.15 2.86
N ALA A 53 -0.52 -2.11 3.05
CA ALA A 53 -0.74 -3.16 4.03
C ALA A 53 -0.66 -2.57 5.43
N THR A 54 0.17 -1.54 5.56
CA THR A 54 0.34 -0.87 6.85
C THR A 54 -0.42 0.44 6.88
N ASP A 55 -1.33 0.59 5.91
CA ASP A 55 -2.14 1.79 5.82
C ASP A 55 -1.24 2.98 5.43
N GLY A 56 -0.21 2.67 4.65
CA GLY A 56 0.71 3.68 4.20
C GLY A 56 1.74 4.01 5.29
N ASP A 57 2.12 2.98 6.03
CA ASP A 57 3.09 3.14 7.09
C ASP A 57 4.45 2.63 6.63
N ILE A 58 5.17 3.49 5.93
CA ILE A 58 6.49 3.13 5.43
C ILE A 58 7.30 2.47 6.55
N HIS A 59 7.09 2.98 7.75
CA HIS A 59 7.79 2.45 8.91
C HIS A 59 7.49 0.96 9.07
N ALA A 60 6.20 0.67 9.19
CA ALA A 60 5.75 -0.71 9.35
C ALA A 60 5.93 -1.44 8.02
N ALA A 61 6.11 -0.67 6.96
CA ALA A 61 6.29 -1.23 5.63
C ALA A 61 7.72 -1.77 5.50
N ILE A 62 8.65 -1.02 6.07
CA ILE A 62 10.05 -1.40 6.02
C ILE A 62 10.20 -2.85 6.51
N GLU A 63 9.91 -3.03 7.78
CA GLU A 63 10.01 -4.35 8.39
C GLU A 63 9.37 -5.40 7.47
N MET A 64 8.20 -5.06 6.97
CA MET A 64 7.47 -5.96 6.07
C MET A 64 8.26 -6.21 4.79
N LEU A 65 9.00 -5.19 4.38
CA LEU A 65 9.80 -5.27 3.18
C LEU A 65 11.16 -5.90 3.51
N LEU A 66 11.56 -5.75 4.77
CA LEU A 66 12.82 -6.29 5.23
C LEU A 66 12.82 -7.81 5.05
N GLY A 67 11.62 -8.36 4.95
CA GLY A 67 11.47 -9.79 4.78
C GLY A 67 11.02 -10.45 6.08
N ALA A 68 10.24 -9.71 6.85
CA ALA A 68 9.74 -10.21 8.12
C ALA A 68 8.38 -10.90 7.89
N SER A 69 7.38 -10.07 7.63
CA SER A 69 6.04 -10.59 7.39
C SER A 69 5.89 -10.98 5.92
N GLY A 70 5.18 -12.09 5.72
CA GLY A 70 4.94 -12.58 4.37
C GLY A 70 3.60 -13.32 4.29
N PRO A 71 3.64 -14.62 4.66
CA PRO A 71 2.44 -15.45 4.62
C PRO A 71 1.51 -15.10 5.78
N SER A 72 0.31 -15.66 5.73
CA SER A 72 -0.68 -15.43 6.77
C SER A 72 -0.33 -16.23 8.03
N SER A 73 -1.06 -15.94 9.09
CA SER A 73 -0.84 -16.63 10.35
C SER A 73 0.48 -16.16 10.98
N GLY A 74 1.57 -16.49 10.30
CA GLY A 74 2.88 -16.10 10.79
C GLY A 74 3.26 -14.70 10.29
N GLY A 1 -19.63 -19.94 -0.42
CA GLY A 1 -18.44 -20.75 -0.64
C GLY A 1 -18.26 -21.04 -2.14
N SER A 2 -18.20 -22.32 -2.45
CA SER A 2 -18.02 -22.74 -3.84
C SER A 2 -19.08 -23.78 -4.21
N SER A 3 -19.10 -24.87 -3.45
CA SER A 3 -20.05 -25.94 -3.69
C SER A 3 -20.24 -26.76 -2.42
N GLY A 4 -21.50 -26.95 -2.05
CA GLY A 4 -21.82 -27.72 -0.86
C GLY A 4 -23.10 -28.53 -1.06
N SER A 5 -24.21 -27.81 -1.12
CA SER A 5 -25.51 -28.45 -1.31
C SER A 5 -26.61 -27.38 -1.40
N SER A 6 -26.70 -26.59 -0.33
CA SER A 6 -27.70 -25.54 -0.28
C SER A 6 -27.10 -24.22 -0.78
N GLY A 7 -27.99 -23.31 -1.18
CA GLY A 7 -27.55 -22.02 -1.67
C GLY A 7 -28.70 -21.31 -2.40
N ALA A 8 -28.32 -20.33 -3.21
CA ALA A 8 -29.30 -19.56 -3.97
C ALA A 8 -30.47 -19.21 -3.06
N ARG A 9 -30.16 -18.43 -2.03
CA ARG A 9 -31.18 -18.01 -1.09
C ARG A 9 -30.84 -16.63 -0.52
N ALA A 10 -29.72 -16.58 0.20
CA ALA A 10 -29.27 -15.35 0.81
C ALA A 10 -28.16 -14.74 -0.05
N CYS A 11 -28.22 -13.42 -0.20
CA CYS A 11 -27.23 -12.71 -0.99
C CYS A 11 -27.38 -11.21 -0.71
N SER A 12 -26.26 -10.52 -0.75
CA SER A 12 -26.24 -9.09 -0.49
C SER A 12 -25.85 -8.34 -1.77
N GLN A 13 -26.34 -7.11 -1.88
CA GLN A 13 -26.05 -6.29 -3.03
C GLN A 13 -24.78 -5.48 -2.79
N SER A 14 -23.68 -5.97 -3.35
CA SER A 14 -22.40 -5.30 -3.20
C SER A 14 -22.43 -3.96 -3.94
N SER A 15 -21.40 -3.17 -3.70
CA SER A 15 -21.29 -1.86 -4.32
C SER A 15 -20.92 -2.01 -5.80
N GLN A 16 -21.04 -0.92 -6.53
CA GLN A 16 -20.71 -0.91 -7.94
C GLN A 16 -19.33 -1.51 -8.17
N THR A 17 -19.05 -1.83 -9.43
CA THR A 17 -17.78 -2.40 -9.79
C THR A 17 -16.66 -1.35 -9.66
N ALA A 18 -15.43 -1.83 -9.75
CA ALA A 18 -14.28 -0.95 -9.63
C ALA A 18 -13.05 -1.65 -10.23
N LEU A 19 -12.02 -0.86 -10.48
CA LEU A 19 -10.79 -1.38 -11.04
C LEU A 19 -9.60 -0.87 -10.23
N PRO A 20 -8.53 -1.71 -10.18
CA PRO A 20 -7.34 -1.35 -9.44
C PRO A 20 -6.51 -0.29 -10.19
N THR A 21 -6.64 0.95 -9.73
CA THR A 21 -5.93 2.06 -10.35
C THR A 21 -4.58 2.26 -9.66
N SER A 22 -3.54 2.32 -10.49
CA SER A 22 -2.19 2.51 -9.99
C SER A 22 -2.06 3.89 -9.33
N LEU A 23 -2.62 4.89 -10.02
CA LEU A 23 -2.58 6.24 -9.51
C LEU A 23 -3.37 6.33 -8.21
N PHE A 24 -4.13 5.27 -7.95
CA PHE A 24 -4.92 5.22 -6.73
C PHE A 24 -4.13 4.65 -5.57
N THR A 25 -2.87 4.32 -5.86
CA THR A 25 -1.98 3.77 -4.84
C THR A 25 -0.59 4.37 -4.97
N GLU A 26 -0.14 4.49 -6.21
CA GLU A 26 1.18 5.04 -6.48
C GLU A 26 1.16 6.56 -6.29
N GLY A 27 -0.01 7.07 -5.96
CA GLY A 27 -0.18 8.50 -5.76
C GLY A 27 -0.40 8.82 -4.27
N ARG A 28 -0.80 7.79 -3.53
CA ARG A 28 -1.04 7.95 -2.11
C ARG A 28 0.29 7.98 -1.34
N TYR A 29 1.08 6.94 -1.55
CA TYR A 29 2.36 6.84 -0.88
C TYR A 29 3.51 6.91 -1.89
N GLN A 30 3.43 7.91 -2.76
CA GLN A 30 4.44 8.09 -3.79
C GLN A 30 5.79 8.35 -3.14
N GLN A 31 5.83 9.36 -2.28
CA GLN A 31 7.06 9.72 -1.59
C GLN A 31 7.63 8.51 -0.86
N GLU A 32 6.73 7.76 -0.23
CA GLU A 32 7.12 6.58 0.51
C GLU A 32 7.98 5.66 -0.37
N LEU A 33 7.40 5.29 -1.50
CA LEU A 33 8.09 4.42 -2.43
C LEU A 33 9.47 5.00 -2.74
N GLU A 34 9.52 6.31 -2.85
CA GLU A 34 10.77 7.00 -3.14
C GLU A 34 11.72 6.88 -1.96
N GLU A 35 11.17 6.98 -0.77
CA GLU A 35 11.96 6.88 0.45
C GLU A 35 12.65 5.51 0.51
N LEU A 36 11.83 4.46 0.52
CA LEU A 36 12.35 3.11 0.58
C LEU A 36 13.45 2.94 -0.47
N LYS A 37 13.25 3.59 -1.60
CA LYS A 37 14.21 3.52 -2.69
C LYS A 37 15.56 4.08 -2.21
N ALA A 38 15.51 4.73 -1.06
CA ALA A 38 16.72 5.31 -0.48
C ALA A 38 17.02 4.61 0.85
N LEU A 39 15.96 4.30 1.58
CA LEU A 39 16.11 3.63 2.87
C LEU A 39 16.90 2.33 2.67
N GLY A 40 16.56 1.63 1.60
CA GLY A 40 17.21 0.37 1.29
C GLY A 40 16.29 -0.55 0.50
N PHE A 41 15.56 0.04 -0.44
CA PHE A 41 14.64 -0.71 -1.27
C PHE A 41 14.59 -0.14 -2.68
N ALA A 42 13.55 -0.52 -3.41
CA ALA A 42 13.38 -0.06 -4.78
C ALA A 42 12.03 -0.57 -5.31
N ASN A 43 11.73 -1.82 -4.98
CA ASN A 43 10.49 -2.44 -5.43
C ASN A 43 9.32 -1.56 -4.98
N ARG A 44 8.96 -0.63 -5.86
CA ARG A 44 7.86 0.28 -5.57
C ARG A 44 6.56 -0.52 -5.33
N ASP A 45 6.35 -1.51 -6.18
CA ASP A 45 5.18 -2.35 -6.08
C ASP A 45 5.14 -2.99 -4.69
N ALA A 46 6.22 -3.68 -4.36
CA ALA A 46 6.32 -4.35 -3.07
C ALA A 46 6.17 -3.30 -1.95
N ASN A 47 6.92 -2.23 -2.09
CA ASN A 47 6.88 -1.15 -1.11
C ASN A 47 5.43 -0.71 -0.91
N LEU A 48 4.73 -0.58 -2.02
CA LEU A 48 3.33 -0.16 -1.98
C LEU A 48 2.50 -1.24 -1.30
N GLN A 49 2.45 -2.41 -1.92
CA GLN A 49 1.70 -3.52 -1.39
C GLN A 49 1.89 -3.61 0.13
N ALA A 50 3.11 -3.31 0.56
CA ALA A 50 3.44 -3.36 1.97
C ALA A 50 2.89 -2.10 2.66
N LEU A 51 3.20 -0.96 2.05
CA LEU A 51 2.75 0.32 2.59
C LEU A 51 1.23 0.28 2.78
N VAL A 52 0.53 -0.02 1.70
CA VAL A 52 -0.92 -0.10 1.73
C VAL A 52 -1.34 -1.13 2.78
N ALA A 53 -0.52 -2.16 2.92
CA ALA A 53 -0.81 -3.22 3.87
C ALA A 53 -0.75 -2.64 5.29
N THR A 54 0.06 -1.60 5.44
CA THR A 54 0.21 -0.96 6.74
C THR A 54 -0.64 0.30 6.80
N ASP A 55 -1.32 0.59 5.69
CA ASP A 55 -2.16 1.77 5.61
C ASP A 55 -1.31 2.99 5.29
N GLY A 56 -0.18 2.72 4.63
CA GLY A 56 0.74 3.79 4.27
C GLY A 56 1.72 4.09 5.41
N ASP A 57 2.20 3.02 6.03
CA ASP A 57 3.14 3.16 7.14
C ASP A 57 4.52 2.68 6.68
N ILE A 58 5.18 3.53 5.91
CA ILE A 58 6.50 3.20 5.41
C ILE A 58 7.31 2.50 6.51
N HIS A 59 7.27 3.09 7.69
CA HIS A 59 7.98 2.54 8.83
C HIS A 59 7.62 1.06 9.00
N ALA A 60 6.32 0.80 9.02
CA ALA A 60 5.82 -0.55 9.17
C ALA A 60 6.05 -1.33 7.87
N ALA A 61 6.21 -0.57 6.80
CA ALA A 61 6.43 -1.16 5.49
C ALA A 61 7.84 -1.73 5.43
N ILE A 62 8.80 -0.92 5.87
CA ILE A 62 10.19 -1.33 5.86
C ILE A 62 10.30 -2.75 6.43
N GLU A 63 9.90 -2.89 7.68
CA GLU A 63 9.95 -4.18 8.34
C GLU A 63 9.30 -5.25 7.46
N MET A 64 8.14 -4.93 6.92
CA MET A 64 7.42 -5.84 6.07
C MET A 64 8.20 -6.11 4.78
N LEU A 65 8.95 -5.10 4.36
CA LEU A 65 9.74 -5.22 3.15
C LEU A 65 11.08 -5.89 3.48
N LEU A 66 11.45 -5.79 4.75
CA LEU A 66 12.70 -6.38 5.21
C LEU A 66 12.60 -7.91 5.14
N GLY A 67 11.37 -8.38 5.05
CA GLY A 67 11.11 -9.81 4.98
C GLY A 67 10.65 -10.35 6.33
N ALA A 68 9.93 -9.50 7.05
CA ALA A 68 9.42 -9.89 8.36
C ALA A 68 8.04 -10.53 8.19
N SER A 69 7.21 -9.89 7.39
CA SER A 69 5.87 -10.38 7.14
C SER A 69 5.93 -11.62 6.23
N GLY A 70 4.78 -12.28 6.11
CA GLY A 70 4.70 -13.47 5.27
C GLY A 70 4.84 -13.11 3.79
N PRO A 71 5.93 -13.65 3.18
CA PRO A 71 6.20 -13.40 1.77
C PRO A 71 5.24 -14.21 0.88
N SER A 72 5.24 -15.51 1.11
CA SER A 72 4.39 -16.40 0.35
C SER A 72 4.71 -16.28 -1.15
N SER A 73 5.55 -17.18 -1.62
CA SER A 73 5.95 -17.19 -3.01
C SER A 73 6.42 -18.58 -3.43
N GLY A 74 6.51 -18.78 -4.74
CA GLY A 74 6.94 -20.06 -5.27
C GLY A 74 6.04 -21.19 -4.77
N GLY A 1 -18.87 12.39 -24.24
CA GLY A 1 -19.45 13.72 -24.29
C GLY A 1 -20.75 13.73 -25.10
N SER A 2 -21.73 13.00 -24.59
CA SER A 2 -23.01 12.91 -25.26
C SER A 2 -24.02 13.85 -24.58
N SER A 3 -24.04 15.08 -25.05
CA SER A 3 -24.94 16.08 -24.51
C SER A 3 -24.62 16.33 -23.04
N GLY A 4 -24.87 17.56 -22.60
CA GLY A 4 -24.61 17.94 -21.22
C GLY A 4 -25.67 17.35 -20.29
N SER A 5 -25.47 17.58 -19.00
CA SER A 5 -26.40 17.08 -17.99
C SER A 5 -26.72 18.19 -17.00
N SER A 6 -27.83 18.88 -17.26
CA SER A 6 -28.26 19.95 -16.39
C SER A 6 -29.74 19.76 -16.01
N GLY A 7 -29.95 18.99 -14.96
CA GLY A 7 -31.30 18.72 -14.49
C GLY A 7 -31.41 17.30 -13.94
N ALA A 8 -32.42 17.10 -13.10
CA ALA A 8 -32.65 15.80 -12.50
C ALA A 8 -31.33 15.27 -11.92
N ARG A 9 -31.15 15.51 -10.63
CA ARG A 9 -29.96 15.07 -9.95
C ARG A 9 -30.28 14.62 -8.52
N ALA A 10 -29.40 13.81 -7.97
CA ALA A 10 -29.59 13.30 -6.62
C ALA A 10 -28.40 12.40 -6.24
N CYS A 11 -28.36 11.23 -6.87
CA CYS A 11 -27.29 10.28 -6.61
C CYS A 11 -27.53 9.66 -5.24
N SER A 12 -27.71 8.34 -5.25
CA SER A 12 -27.95 7.61 -4.01
C SER A 12 -26.67 6.89 -3.57
N GLN A 13 -26.65 6.51 -2.31
CA GLN A 13 -25.49 5.82 -1.76
C GLN A 13 -25.57 4.32 -2.07
N SER A 14 -24.50 3.81 -2.65
CA SER A 14 -24.43 2.41 -3.01
C SER A 14 -22.99 1.91 -2.94
N SER A 15 -22.13 2.55 -3.71
CA SER A 15 -20.73 2.19 -3.74
C SER A 15 -20.11 2.36 -2.34
N GLN A 16 -19.75 1.23 -1.75
CA GLN A 16 -19.15 1.25 -0.43
C GLN A 16 -17.90 2.13 -0.42
N THR A 17 -17.47 2.48 0.79
CA THR A 17 -16.30 3.32 0.95
C THR A 17 -15.05 2.45 1.08
N ALA A 18 -13.91 3.05 0.76
CA ALA A 18 -12.64 2.35 0.84
C ALA A 18 -12.51 1.40 -0.35
N LEU A 19 -11.88 1.90 -1.40
CA LEU A 19 -11.69 1.10 -2.60
C LEU A 19 -10.19 0.83 -2.79
N PRO A 20 -9.88 -0.49 -2.97
CA PRO A 20 -8.49 -0.91 -3.16
C PRO A 20 -8.01 -0.56 -4.56
N THR A 21 -7.89 0.74 -4.81
CA THR A 21 -7.44 1.21 -6.10
C THR A 21 -5.94 1.48 -6.07
N SER A 22 -5.21 0.74 -6.90
CA SER A 22 -3.77 0.88 -6.98
C SER A 22 -3.41 2.30 -7.44
N LEU A 23 -4.24 2.82 -8.35
CA LEU A 23 -4.02 4.15 -8.87
C LEU A 23 -4.30 5.18 -7.77
N PHE A 24 -4.79 4.68 -6.65
CA PHE A 24 -5.10 5.55 -5.52
C PHE A 24 -4.07 5.39 -4.41
N THR A 25 -3.08 4.55 -4.68
CA THR A 25 -2.02 4.31 -3.71
C THR A 25 -0.70 4.86 -4.21
N GLU A 26 -0.62 5.05 -5.52
CA GLU A 26 0.59 5.57 -6.15
C GLU A 26 0.60 7.09 -6.06
N GLY A 27 -0.46 7.63 -5.48
CA GLY A 27 -0.57 9.08 -5.33
C GLY A 27 -0.57 9.48 -3.86
N ARG A 28 -0.82 8.49 -3.01
CA ARG A 28 -0.85 8.73 -1.58
C ARG A 28 0.57 8.64 -0.99
N TYR A 29 1.14 7.45 -1.11
CA TYR A 29 2.48 7.22 -0.60
C TYR A 29 3.51 7.23 -1.74
N GLN A 30 3.33 8.17 -2.64
CA GLN A 30 4.22 8.30 -3.78
C GLN A 30 5.66 8.53 -3.29
N GLN A 31 5.79 9.46 -2.35
CA GLN A 31 7.08 9.78 -1.80
C GLN A 31 7.66 8.58 -1.03
N GLU A 32 6.77 7.88 -0.36
CA GLU A 32 7.17 6.72 0.42
C GLU A 32 8.00 5.77 -0.45
N LEU A 33 7.40 5.35 -1.56
CA LEU A 33 8.08 4.45 -2.48
C LEU A 33 9.47 4.99 -2.78
N GLU A 34 9.55 6.30 -2.94
CA GLU A 34 10.81 6.95 -3.24
C GLU A 34 11.76 6.83 -2.05
N GLU A 35 11.19 6.97 -0.87
CA GLU A 35 11.97 6.88 0.36
C GLU A 35 12.66 5.52 0.44
N LEU A 36 11.83 4.48 0.46
CA LEU A 36 12.35 3.12 0.54
C LEU A 36 13.45 2.93 -0.50
N LYS A 37 13.25 3.56 -1.64
CA LYS A 37 14.21 3.47 -2.73
C LYS A 37 15.57 4.02 -2.25
N ALA A 38 15.52 4.70 -1.12
CA ALA A 38 16.72 5.28 -0.55
C ALA A 38 17.04 4.60 0.79
N LEU A 39 15.97 4.31 1.53
CA LEU A 39 16.11 3.67 2.82
C LEU A 39 16.89 2.36 2.65
N GLY A 40 16.55 1.65 1.59
CA GLY A 40 17.21 0.38 1.30
C GLY A 40 16.30 -0.54 0.49
N PHE A 41 15.60 0.06 -0.45
CA PHE A 41 14.69 -0.69 -1.30
C PHE A 41 14.63 -0.10 -2.71
N ALA A 42 13.55 -0.40 -3.41
CA ALA A 42 13.37 0.09 -4.76
C ALA A 42 12.04 -0.43 -5.31
N ASN A 43 11.76 -1.69 -5.00
CA ASN A 43 10.53 -2.32 -5.45
C ASN A 43 9.34 -1.47 -5.02
N ARG A 44 8.96 -0.53 -5.89
CA ARG A 44 7.84 0.35 -5.60
C ARG A 44 6.57 -0.47 -5.35
N ASP A 45 6.36 -1.45 -6.20
CA ASP A 45 5.20 -2.32 -6.08
C ASP A 45 5.18 -2.95 -4.69
N ALA A 46 6.26 -3.66 -4.39
CA ALA A 46 6.39 -4.33 -3.10
C ALA A 46 6.27 -3.29 -1.98
N ASN A 47 6.96 -2.17 -2.19
CA ASN A 47 6.95 -1.10 -1.21
C ASN A 47 5.50 -0.66 -0.97
N LEU A 48 4.74 -0.60 -2.05
CA LEU A 48 3.36 -0.19 -1.97
C LEU A 48 2.54 -1.31 -1.30
N GLN A 49 2.51 -2.46 -1.95
CA GLN A 49 1.79 -3.59 -1.42
C GLN A 49 1.97 -3.69 0.09
N ALA A 50 3.17 -3.36 0.53
CA ALA A 50 3.48 -3.40 1.95
C ALA A 50 2.93 -2.14 2.63
N LEU A 51 3.23 -1.00 2.03
CA LEU A 51 2.78 0.27 2.57
C LEU A 51 1.27 0.21 2.78
N VAL A 52 0.56 -0.10 1.70
CA VAL A 52 -0.89 -0.19 1.75
C VAL A 52 -1.29 -1.22 2.82
N ALA A 53 -0.42 -2.19 3.03
CA ALA A 53 -0.66 -3.23 4.01
C ALA A 53 -0.59 -2.63 5.41
N THR A 54 0.20 -1.57 5.52
CA THR A 54 0.37 -0.89 6.80
C THR A 54 -0.50 0.36 6.87
N ASP A 55 -1.29 0.54 5.82
CA ASP A 55 -2.18 1.69 5.75
C ASP A 55 -1.38 2.91 5.27
N GLY A 56 -0.20 2.63 4.74
CA GLY A 56 0.66 3.69 4.24
C GLY A 56 1.70 4.09 5.30
N ASP A 57 2.11 3.11 6.08
CA ASP A 57 3.09 3.33 7.13
C ASP A 57 4.44 2.77 6.68
N ILE A 58 5.17 3.58 5.93
CA ILE A 58 6.47 3.17 5.44
C ILE A 58 7.24 2.47 6.56
N HIS A 59 7.24 3.11 7.72
CA HIS A 59 7.94 2.56 8.87
C HIS A 59 7.59 1.07 9.02
N ALA A 60 6.30 0.80 9.07
CA ALA A 60 5.83 -0.57 9.20
C ALA A 60 6.06 -1.32 7.90
N ALA A 61 6.15 -0.54 6.82
CA ALA A 61 6.37 -1.12 5.50
C ALA A 61 7.77 -1.72 5.45
N ILE A 62 8.71 -1.00 6.02
CA ILE A 62 10.10 -1.45 6.04
C ILE A 62 10.15 -2.89 6.56
N GLU A 63 9.85 -3.03 7.84
CA GLU A 63 9.87 -4.34 8.48
C GLU A 63 9.24 -5.38 7.55
N MET A 64 8.09 -5.03 6.99
CA MET A 64 7.39 -5.92 6.09
C MET A 64 8.22 -6.19 4.83
N LEU A 65 8.92 -5.15 4.39
CA LEU A 65 9.76 -5.27 3.20
C LEU A 65 11.07 -5.95 3.57
N LEU A 66 11.38 -5.91 4.86
CA LEU A 66 12.60 -6.52 5.35
C LEU A 66 12.49 -8.04 5.26
N GLY A 67 11.25 -8.50 5.08
CA GLY A 67 10.99 -9.92 4.98
C GLY A 67 10.44 -10.48 6.29
N ALA A 68 9.80 -9.60 7.04
CA ALA A 68 9.22 -9.98 8.32
C ALA A 68 7.85 -10.63 8.09
N SER A 69 6.92 -9.80 7.61
CA SER A 69 5.58 -10.27 7.34
C SER A 69 4.90 -10.70 8.63
N GLY A 70 3.57 -10.63 8.63
CA GLY A 70 2.80 -11.00 9.80
C GLY A 70 2.37 -12.47 9.72
N PRO A 71 1.22 -12.69 9.01
CA PRO A 71 0.69 -14.03 8.85
C PRO A 71 1.51 -14.83 7.84
N SER A 72 2.21 -15.82 8.35
CA SER A 72 3.05 -16.67 7.50
C SER A 72 2.17 -17.44 6.51
N SER A 73 2.82 -17.98 5.49
CA SER A 73 2.11 -18.75 4.47
C SER A 73 2.30 -20.24 4.71
N GLY A 74 1.20 -20.98 4.60
CA GLY A 74 1.24 -22.41 4.80
C GLY A 74 0.51 -23.14 3.67
N GLY A 1 -2.30 -7.68 21.40
CA GLY A 1 -3.38 -7.26 20.51
C GLY A 1 -4.01 -5.96 21.00
N SER A 2 -4.47 -5.16 20.04
CA SER A 2 -5.09 -3.90 20.36
C SER A 2 -6.53 -4.13 20.84
N SER A 3 -6.92 -3.34 21.83
CA SER A 3 -8.26 -3.45 22.38
C SER A 3 -8.86 -2.06 22.57
N GLY A 4 -9.58 -1.61 21.55
CA GLY A 4 -10.21 -0.30 21.60
C GLY A 4 -11.69 -0.40 21.22
N SER A 5 -12.18 0.66 20.59
CA SER A 5 -13.57 0.71 20.18
C SER A 5 -13.80 1.92 19.27
N SER A 6 -14.98 1.94 18.65
CA SER A 6 -15.33 3.02 17.76
C SER A 6 -16.85 3.20 17.73
N GLY A 7 -17.28 4.30 17.12
CA GLY A 7 -18.70 4.60 17.01
C GLY A 7 -19.01 5.36 15.72
N ALA A 8 -20.20 5.11 15.20
CA ALA A 8 -20.62 5.76 13.97
C ALA A 8 -22.09 5.41 13.70
N ARG A 9 -22.64 6.05 12.68
CA ARG A 9 -24.02 5.83 12.31
C ARG A 9 -24.10 4.81 11.16
N ALA A 10 -25.32 4.35 10.91
CA ALA A 10 -25.54 3.38 9.85
C ALA A 10 -25.80 4.12 8.53
N CYS A 11 -24.95 3.82 7.55
CA CYS A 11 -25.06 4.45 6.25
C CYS A 11 -24.56 3.47 5.20
N SER A 12 -24.94 3.74 3.95
CA SER A 12 -24.53 2.89 2.85
C SER A 12 -24.51 3.69 1.54
N GLN A 13 -25.63 4.36 1.29
CA GLN A 13 -25.77 5.16 0.09
C GLN A 13 -24.44 5.90 -0.20
N SER A 14 -24.01 6.70 0.76
CA SER A 14 -22.78 7.45 0.61
C SER A 14 -22.07 7.56 1.97
N SER A 15 -20.81 7.16 1.97
CA SER A 15 -20.01 7.21 3.18
C SER A 15 -18.53 7.02 2.84
N GLN A 16 -18.22 5.90 2.22
CA GLN A 16 -16.86 5.59 1.84
C GLN A 16 -16.84 4.52 0.75
N THR A 17 -16.87 4.98 -0.50
CA THR A 17 -16.86 4.06 -1.62
C THR A 17 -15.49 4.07 -2.30
N ALA A 18 -14.45 4.03 -1.47
CA ALA A 18 -13.09 4.03 -1.97
C ALA A 18 -12.67 2.60 -2.29
N LEU A 19 -11.78 2.47 -3.26
CA LEU A 19 -11.29 1.17 -3.66
C LEU A 19 -9.76 1.22 -3.76
N PRO A 20 -9.14 0.02 -3.59
CA PRO A 20 -7.68 -0.09 -3.65
C PRO A 20 -7.20 0.00 -5.11
N THR A 21 -7.42 1.16 -5.70
CA THR A 21 -7.01 1.38 -7.08
C THR A 21 -5.50 1.59 -7.16
N SER A 22 -4.85 0.78 -7.98
CA SER A 22 -3.42 0.87 -8.16
C SER A 22 -3.03 2.29 -8.55
N LEU A 23 -3.94 2.94 -9.27
CA LEU A 23 -3.70 4.31 -9.72
C LEU A 23 -4.01 5.27 -8.57
N PHE A 24 -4.34 4.70 -7.42
CA PHE A 24 -4.68 5.50 -6.25
C PHE A 24 -3.70 5.22 -5.11
N THR A 25 -2.76 4.33 -5.37
CA THR A 25 -1.77 3.96 -4.38
C THR A 25 -0.39 4.52 -4.77
N GLU A 26 -0.22 4.72 -6.07
CA GLU A 26 1.04 5.25 -6.58
C GLU A 26 1.02 6.77 -6.59
N GLY A 27 0.03 7.32 -5.89
CA GLY A 27 -0.12 8.77 -5.82
C GLY A 27 -0.06 9.25 -4.36
N ARG A 28 -0.63 8.44 -3.49
CA ARG A 28 -0.66 8.76 -2.07
C ARG A 28 0.75 8.69 -1.49
N TYR A 29 1.21 7.46 -1.32
CA TYR A 29 2.55 7.23 -0.77
C TYR A 29 3.61 7.22 -1.88
N GLN A 30 3.45 8.16 -2.80
CA GLN A 30 4.37 8.27 -3.91
C GLN A 30 5.80 8.48 -3.39
N GLN A 31 5.94 9.45 -2.50
CA GLN A 31 7.23 9.77 -1.93
C GLN A 31 7.77 8.56 -1.15
N GLU A 32 6.85 7.90 -0.44
CA GLU A 32 7.23 6.74 0.34
C GLU A 32 8.05 5.76 -0.51
N LEU A 33 7.45 5.33 -1.61
CA LEU A 33 8.10 4.40 -2.51
C LEU A 33 9.52 4.92 -2.81
N GLU A 34 9.60 6.22 -3.00
CA GLU A 34 10.89 6.85 -3.30
C GLU A 34 11.82 6.76 -2.09
N GLU A 35 11.24 6.94 -0.92
CA GLU A 35 12.00 6.88 0.31
C GLU A 35 12.67 5.51 0.46
N LEU A 36 11.85 4.47 0.48
CA LEU A 36 12.35 3.12 0.61
C LEU A 36 13.47 2.89 -0.41
N LYS A 37 13.29 3.49 -1.58
CA LYS A 37 14.27 3.36 -2.65
C LYS A 37 15.61 3.92 -2.16
N ALA A 38 15.55 4.64 -1.05
CA ALA A 38 16.75 5.23 -0.48
C ALA A 38 17.03 4.58 0.88
N LEU A 39 15.96 4.33 1.62
CA LEU A 39 16.07 3.71 2.93
C LEU A 39 16.84 2.40 2.81
N GLY A 40 16.52 1.66 1.77
CA GLY A 40 17.16 0.38 1.52
C GLY A 40 16.26 -0.56 0.73
N PHE A 41 15.56 0.02 -0.24
CA PHE A 41 14.64 -0.76 -1.07
C PHE A 41 14.61 -0.21 -2.50
N ALA A 42 13.52 -0.51 -3.18
CA ALA A 42 13.35 -0.06 -4.56
C ALA A 42 11.98 -0.52 -5.07
N ASN A 43 11.75 -1.81 -4.94
CA ASN A 43 10.49 -2.40 -5.39
C ASN A 43 9.34 -1.49 -4.96
N ARG A 44 8.92 -0.65 -5.90
CA ARG A 44 7.81 0.27 -5.63
C ARG A 44 6.52 -0.51 -5.40
N ASP A 45 6.29 -1.48 -6.26
CA ASP A 45 5.09 -2.30 -6.16
C ASP A 45 5.07 -2.99 -4.79
N ALA A 46 6.19 -3.60 -4.45
CA ALA A 46 6.31 -4.30 -3.19
C ALA A 46 6.22 -3.29 -2.05
N ASN A 47 6.94 -2.19 -2.19
CA ASN A 47 6.95 -1.14 -1.19
C ASN A 47 5.51 -0.68 -0.93
N LEU A 48 4.74 -0.64 -2.01
CA LEU A 48 3.35 -0.21 -1.92
C LEU A 48 2.54 -1.32 -1.25
N GLN A 49 2.50 -2.47 -1.89
CA GLN A 49 1.77 -3.60 -1.37
C GLN A 49 1.90 -3.67 0.15
N ALA A 50 3.09 -3.32 0.62
CA ALA A 50 3.36 -3.34 2.04
C ALA A 50 2.75 -2.09 2.69
N LEU A 51 3.06 -0.94 2.11
CA LEU A 51 2.56 0.32 2.61
C LEU A 51 1.05 0.22 2.82
N VAL A 52 0.36 -0.10 1.74
CA VAL A 52 -1.09 -0.24 1.78
C VAL A 52 -1.46 -1.28 2.83
N ALA A 53 -0.50 -2.14 3.12
CA ALA A 53 -0.72 -3.20 4.10
C ALA A 53 -0.64 -2.60 5.52
N THR A 54 0.13 -1.53 5.63
CA THR A 54 0.29 -0.86 6.91
C THR A 54 -0.50 0.46 6.93
N ASP A 55 -1.38 0.58 5.95
CA ASP A 55 -2.20 1.78 5.84
C ASP A 55 -1.32 2.96 5.41
N GLY A 56 -0.27 2.63 4.68
CA GLY A 56 0.66 3.65 4.20
C GLY A 56 1.67 4.02 5.29
N ASP A 57 2.14 3.00 5.98
CA ASP A 57 3.12 3.21 7.04
C ASP A 57 4.48 2.69 6.58
N ILE A 58 5.24 3.58 5.97
CA ILE A 58 6.57 3.23 5.48
C ILE A 58 7.36 2.57 6.60
N HIS A 59 7.12 3.05 7.82
CA HIS A 59 7.80 2.50 8.98
C HIS A 59 7.47 1.03 9.14
N ALA A 60 6.17 0.75 9.16
CA ALA A 60 5.70 -0.63 9.31
C ALA A 60 5.88 -1.37 7.98
N ALA A 61 6.12 -0.59 6.93
CA ALA A 61 6.30 -1.14 5.60
C ALA A 61 7.73 -1.69 5.48
N ILE A 62 8.67 -0.95 6.05
CA ILE A 62 10.07 -1.35 6.01
C ILE A 62 10.18 -2.80 6.47
N GLU A 63 9.86 -3.02 7.74
CA GLU A 63 9.92 -4.35 8.30
C GLU A 63 9.31 -5.37 7.35
N MET A 64 8.13 -5.01 6.84
CA MET A 64 7.42 -5.88 5.92
C MET A 64 8.22 -6.09 4.62
N LEU A 65 9.01 -5.07 4.29
CA LEU A 65 9.83 -5.12 3.09
C LEU A 65 11.16 -5.77 3.42
N LEU A 66 11.55 -5.66 4.68
CA LEU A 66 12.80 -6.23 5.14
C LEU A 66 12.79 -7.75 4.87
N GLY A 67 11.59 -8.29 4.77
CA GLY A 67 11.43 -9.71 4.54
C GLY A 67 10.87 -10.43 5.76
N ALA A 68 10.19 -9.65 6.60
CA ALA A 68 9.60 -10.20 7.81
C ALA A 68 8.27 -10.87 7.47
N SER A 69 7.30 -10.03 7.13
CA SER A 69 5.98 -10.54 6.79
C SER A 69 5.99 -11.13 5.37
N GLY A 70 6.40 -10.29 4.43
CA GLY A 70 6.47 -10.72 3.04
C GLY A 70 6.99 -12.15 2.93
N PRO A 71 6.16 -13.02 2.30
CA PRO A 71 6.52 -14.41 2.13
C PRO A 71 7.56 -14.58 1.02
N SER A 72 8.76 -14.97 1.43
CA SER A 72 9.84 -15.15 0.48
C SER A 72 10.16 -13.83 -0.22
N SER A 73 11.13 -13.11 0.34
CA SER A 73 11.53 -11.84 -0.22
C SER A 73 13.06 -11.73 -0.22
N GLY A 74 13.57 -11.04 -1.22
CA GLY A 74 15.00 -10.84 -1.35
C GLY A 74 15.53 -9.90 -0.27
#